data_8F65
#
_entry.id   8F65
#
_cell.length_a   191.078
_cell.length_b   191.078
_cell.length_c   254.717
_cell.angle_alpha   90.000
_cell.angle_beta   90.000
_cell.angle_gamma   120.000
#
_symmetry.space_group_name_H-M   'P 61 2 2'
#
loop_
_entity.id
_entity.type
_entity.pdbx_description
1 polymer 'Scaffold protein D13'
2 non-polymer 'FORMIC ACID'
3 non-polymer 8-methoxyquinolin-4-amine
4 water water
#
_entity_poly.entity_id   1
_entity_poly.type   'polypeptide(L)'
_entity_poly.pdbx_seq_one_letter_code
;MSYYHHHHHHDYDIPTTENLYFQGAMNNTIINSLIGGDDSIKRSNVFAVDSQIPTLYMPQYISLSGVMTNDGPDNQAIAS
FEIRDQYITALNHLVLSLELPEVKGMGRFGYVPYVGYKCINHVSISSCNGVIWEIEGEELYNNCINNTIALKHSGYSSEL
NDISIGLTPNDTIKEPSTVYVYIKTPFDVEDTFSSLKLSDSKITVTVTFNPVSDIVIRDSSFDFETFNKEFVYVPELSFI
GYMVKNVQIKPSFIEKPRRVIGQINQPTATVTEVHAATSLSVYTKPYYGNTDNKFISYPGYSQDEKDYIDAYVSRLLDDL
VIVSDGPPTGYPESAEIVEVPEDGIVSIQDADVYVKIDNVPDNMSVYLHTNLLMFGTRKNSFIYNISKKFSAITGTYSDA
TKRTIFAHISHSINIIDTSIPVSLWTSQRNVYNGDNRSAESKAKDLFINDPFIKGIDFKNKTDIISRLEVRFGNDVLYSE
NGPISRIYNELLTKSNNGTRTLTFNFTPKIFFRPTTITANVSRGKDKLSVRVVYSTMDVNHPIYYVQKQLVVVCNDLYKV
SYDQGVSITKIMGDNN
;
_entity_poly.pdbx_strand_id   A,B,C
#
loop_
_chem_comp.id
_chem_comp.type
_chem_comp.name
_chem_comp.formula
FMT non-polymer 'FORMIC ACID' 'C H2 O2'
QF6 non-polymer 8-methoxyquinolin-4-amine 'C10 H10 N2 O'
#
# COMPACT_ATOMS: atom_id res chain seq x y z
N ALA A 25 33.32 6.76 -23.17
CA ALA A 25 32.26 6.58 -22.15
C ALA A 25 31.80 5.13 -22.01
N MET A 26 31.84 4.35 -23.10
CA MET A 26 31.68 2.90 -22.99
C MET A 26 32.97 2.26 -22.52
N ASN A 27 32.84 1.22 -21.70
CA ASN A 27 34.02 0.49 -21.27
C ASN A 27 34.59 -0.32 -22.44
N ASN A 28 35.90 -0.56 -22.39
CA ASN A 28 36.59 -1.18 -23.54
C ASN A 28 36.18 -2.63 -23.74
N THR A 29 35.78 -3.32 -22.67
CA THR A 29 35.44 -4.74 -22.81
C THR A 29 34.10 -4.93 -23.52
N ILE A 30 33.21 -3.94 -23.42
CA ILE A 30 31.91 -4.03 -24.09
C ILE A 30 32.07 -3.87 -25.60
N ILE A 31 32.82 -2.84 -26.04
CA ILE A 31 32.98 -2.55 -27.46
C ILE A 31 33.74 -3.66 -28.19
N ASN A 32 34.63 -4.37 -27.48
CA ASN A 32 35.37 -5.46 -28.10
C ASN A 32 34.47 -6.67 -28.36
N SER A 33 33.54 -6.94 -27.44
CA SER A 33 32.62 -8.06 -27.62
C SER A 33 31.52 -7.79 -28.69
N LEU A 34 31.63 -6.66 -29.38
CA LEU A 34 30.67 -6.24 -30.38
C LEU A 34 31.37 -5.69 -31.63
N SER A 40 24.07 -11.41 -41.08
CA SER A 40 24.08 -12.82 -41.45
C SER A 40 22.80 -13.51 -40.95
N ILE A 41 22.48 -13.33 -39.66
CA ILE A 41 21.29 -13.89 -39.03
C ILE A 41 20.15 -12.87 -39.17
N LYS A 42 18.95 -13.35 -39.54
CA LYS A 42 17.79 -12.46 -39.53
C LYS A 42 17.56 -11.98 -38.11
N ARG A 43 17.50 -10.65 -37.93
CA ARG A 43 17.44 -10.06 -36.60
C ARG A 43 16.27 -9.12 -36.52
N SER A 44 15.34 -9.40 -35.60
CA SER A 44 14.20 -8.52 -35.38
C SER A 44 14.63 -7.24 -34.68
N ASN A 45 14.17 -6.10 -35.18
CA ASN A 45 14.69 -4.80 -34.74
C ASN A 45 14.02 -4.37 -33.44
N VAL A 46 14.81 -4.17 -32.39
CA VAL A 46 14.26 -3.76 -31.11
C VAL A 46 14.66 -2.33 -30.76
N PHE A 47 15.10 -1.54 -31.73
CA PHE A 47 15.42 -0.14 -31.44
C PHE A 47 14.61 0.82 -32.29
N ALA A 48 13.82 0.32 -33.23
CA ALA A 48 12.88 1.16 -33.94
C ALA A 48 11.73 0.27 -34.40
N VAL A 49 10.62 0.90 -34.78
CA VAL A 49 9.45 0.17 -35.26
C VAL A 49 8.64 1.10 -36.15
N ASP A 50 7.98 0.52 -37.15
CA ASP A 50 7.08 1.25 -38.04
C ASP A 50 5.88 1.75 -37.25
N SER A 51 5.78 3.07 -37.03
CA SER A 51 4.65 3.67 -36.31
C SER A 51 3.44 3.63 -37.24
N GLN A 52 2.59 2.61 -37.09
CA GLN A 52 1.48 2.46 -38.01
C GLN A 52 0.41 3.52 -37.78
N ILE A 53 -0.20 3.98 -38.86
CA ILE A 53 -1.40 4.81 -38.80
C ILE A 53 -2.57 3.94 -38.33
N PRO A 54 -3.20 4.29 -37.23
CA PRO A 54 -4.38 3.55 -36.75
C PRO A 54 -5.65 4.07 -37.42
N THR A 55 -6.72 3.28 -37.29
CA THR A 55 -8.07 3.75 -37.58
C THR A 55 -8.28 5.20 -37.11
N LEU A 56 -8.94 6.00 -37.95
CA LEU A 56 -9.18 7.39 -37.61
C LEU A 56 -10.39 7.50 -36.69
N TYR A 57 -10.21 8.17 -35.55
CA TYR A 57 -11.27 8.21 -34.57
C TYR A 57 -11.05 9.40 -33.65
N MET A 58 -12.11 9.76 -32.95
CA MET A 58 -12.14 10.87 -32.01
C MET A 58 -12.85 10.37 -30.76
N PRO A 59 -12.21 10.41 -29.60
CA PRO A 59 -12.88 9.96 -28.37
C PRO A 59 -13.56 11.12 -27.67
N GLN A 60 -14.53 10.79 -26.82
CA GLN A 60 -15.27 11.79 -26.08
C GLN A 60 -15.75 11.20 -24.76
N TYR A 61 -15.56 11.94 -23.68
CA TYR A 61 -16.20 11.55 -22.43
C TYR A 61 -17.65 12.03 -22.45
N ILE A 62 -18.60 11.10 -22.42
CA ILE A 62 -20.01 11.41 -22.56
C ILE A 62 -20.75 11.02 -21.29
N SER A 63 -21.62 11.89 -20.80
CA SER A 63 -22.42 11.64 -19.60
C SER A 63 -23.90 11.77 -19.89
N LEU A 64 -24.69 10.84 -19.35
CA LEU A 64 -26.13 10.79 -19.58
C LEU A 64 -26.88 10.78 -18.28
N SER A 65 -27.82 11.70 -18.13
CA SER A 65 -28.90 11.50 -17.18
C SER A 65 -29.74 10.31 -17.61
N GLY A 66 -30.35 9.63 -16.62
CA GLY A 66 -31.17 8.47 -16.89
C GLY A 66 -32.64 8.74 -16.70
N VAL A 67 -33.41 7.68 -16.81
CA VAL A 67 -34.82 7.66 -16.46
C VAL A 67 -34.99 6.74 -15.25
N MET A 68 -35.68 7.23 -14.23
CA MET A 68 -35.86 6.45 -13.02
C MET A 68 -37.28 5.96 -12.92
N THR A 69 -37.45 4.65 -12.85
CA THR A 69 -38.71 4.03 -12.53
C THR A 69 -38.57 3.32 -11.19
N ASN A 70 -39.70 3.12 -10.52
CA ASN A 70 -39.72 2.45 -9.22
C ASN A 70 -40.67 1.26 -9.34
N ASP A 71 -40.20 0.20 -9.98
CA ASP A 71 -40.99 -1.02 -10.11
C ASP A 71 -40.07 -2.16 -10.50
N GLY A 72 -39.96 -3.18 -9.65
CA GLY A 72 -39.30 -4.40 -10.01
C GLY A 72 -38.02 -4.70 -9.24
N PRO A 73 -38.12 -5.42 -8.11
CA PRO A 73 -39.35 -5.73 -7.36
C PRO A 73 -39.37 -5.00 -6.01
N ASP A 74 -40.44 -5.12 -5.21
CA ASP A 74 -40.61 -4.34 -3.97
C ASP A 74 -40.47 -2.83 -4.24
N ASN A 75 -40.88 -2.40 -5.43
CA ASN A 75 -40.69 -1.03 -5.92
C ASN A 75 -39.22 -0.63 -5.84
N GLN A 76 -38.39 -1.43 -6.50
CA GLN A 76 -36.95 -1.22 -6.54
C GLN A 76 -36.58 -0.22 -7.63
N ALA A 77 -35.56 0.60 -7.36
CA ALA A 77 -35.24 1.73 -8.23
C ALA A 77 -34.40 1.27 -9.43
N ILE A 78 -34.79 1.72 -10.62
CA ILE A 78 -34.16 1.30 -11.87
C ILE A 78 -33.84 2.55 -12.67
N ALA A 79 -32.60 2.64 -13.14
CA ALA A 79 -32.15 3.70 -14.04
C ALA A 79 -31.92 3.10 -15.43
N SER A 80 -32.41 3.78 -16.46
CA SER A 80 -32.19 3.36 -17.84
C SER A 80 -31.53 4.49 -18.61
N PHE A 81 -30.50 4.15 -19.38
CA PHE A 81 -29.80 5.12 -20.22
C PHE A 81 -29.76 4.56 -21.64
N GLU A 82 -30.28 5.33 -22.60
CA GLU A 82 -30.28 4.91 -24.00
C GLU A 82 -29.15 5.63 -24.72
N ILE A 83 -28.33 4.87 -25.45
CA ILE A 83 -27.20 5.39 -26.21
C ILE A 83 -27.47 5.13 -27.69
N ARG A 84 -27.65 6.19 -28.44
CA ARG A 84 -27.78 6.10 -29.88
C ARG A 84 -27.42 7.47 -30.43
N ASP A 85 -26.27 7.56 -31.08
CA ASP A 85 -25.79 8.78 -31.68
C ASP A 85 -25.01 8.41 -32.92
N GLN A 86 -25.18 9.19 -33.97
CA GLN A 86 -24.49 8.87 -35.21
C GLN A 86 -22.97 9.04 -35.08
N TYR A 87 -22.51 9.82 -34.12
CA TYR A 87 -21.09 10.01 -33.90
C TYR A 87 -20.51 9.14 -32.79
N ILE A 88 -21.32 8.38 -32.04
CA ILE A 88 -20.78 7.35 -31.18
C ILE A 88 -20.81 6.06 -31.99
N THR A 89 -19.62 5.59 -32.40
CA THR A 89 -19.49 4.33 -33.10
C THR A 89 -19.14 3.17 -32.17
N ALA A 90 -18.45 3.48 -31.08
CA ALA A 90 -18.01 2.48 -30.12
C ALA A 90 -17.94 3.15 -28.76
N LEU A 91 -18.06 2.34 -27.71
CA LEU A 91 -17.90 2.83 -26.35
C LEU A 91 -17.24 1.76 -25.51
N ASN A 92 -16.80 2.19 -24.34
CA ASN A 92 -16.26 1.33 -23.28
C ASN A 92 -16.07 2.21 -22.05
N HIS A 93 -15.56 1.61 -20.98
CA HIS A 93 -15.21 2.31 -19.74
C HIS A 93 -16.38 3.12 -19.21
N LEU A 94 -17.46 2.41 -18.92
CA LEU A 94 -18.60 3.01 -18.25
C LEU A 94 -18.22 3.35 -16.82
N VAL A 95 -18.64 4.53 -16.37
CA VAL A 95 -18.53 4.91 -14.97
C VAL A 95 -19.83 5.55 -14.57
N LEU A 96 -20.40 5.09 -13.44
CA LEU A 96 -21.68 5.56 -12.92
C LEU A 96 -21.45 6.53 -11.76
N SER A 97 -22.11 7.69 -11.83
CA SER A 97 -22.05 8.71 -10.79
C SER A 97 -23.30 8.65 -9.95
N LEU A 98 -23.14 8.85 -8.65
CA LEU A 98 -24.26 9.02 -7.73
C LEU A 98 -24.05 10.29 -6.92
N GLU A 99 -25.11 11.07 -6.80
CA GLU A 99 -25.14 12.22 -5.90
C GLU A 99 -25.72 11.78 -4.56
N LEU A 100 -24.93 11.83 -3.56
CA LEU A 100 -25.45 11.48 -2.25
C LEU A 100 -25.96 12.73 -1.55
N PRO A 101 -27.15 12.69 -0.96
CA PRO A 101 -27.75 13.91 -0.42
C PRO A 101 -27.12 14.29 0.91
N GLU A 102 -27.25 15.56 1.26
CA GLU A 102 -27.00 15.97 2.62
C GLU A 102 -27.90 15.15 3.53
N VAL A 103 -27.38 14.73 4.68
CA VAL A 103 -28.14 13.96 5.65
C VAL A 103 -28.19 14.76 6.94
N LYS A 104 -29.38 15.26 7.29
CA LYS A 104 -29.56 16.09 8.47
C LYS A 104 -30.50 15.41 9.46
N GLY A 105 -30.30 15.69 10.73
CA GLY A 105 -31.16 15.12 11.73
C GLY A 105 -30.34 14.64 12.90
N MET A 106 -30.94 13.76 13.69
CA MET A 106 -30.31 13.22 14.88
C MET A 106 -30.12 11.71 14.77
N GLY A 107 -29.15 11.22 15.52
CA GLY A 107 -28.79 9.83 15.53
C GLY A 107 -27.46 9.61 14.80
N ARG A 108 -27.04 8.35 14.84
N ARG A 108 -27.02 8.34 14.87
CA ARG A 108 -25.79 7.95 14.22
CA ARG A 108 -25.78 7.91 14.24
C ARG A 108 -26.07 7.45 12.81
C ARG A 108 -26.07 7.45 12.82
N PHE A 109 -25.19 7.81 11.88
CA PHE A 109 -25.39 7.50 10.47
C PHE A 109 -24.06 7.43 9.73
N GLY A 110 -23.92 6.44 8.84
CA GLY A 110 -22.76 6.34 7.97
C GLY A 110 -23.05 5.46 6.77
N TYR A 111 -22.15 5.54 5.79
CA TYR A 111 -22.25 4.73 4.58
C TYR A 111 -21.33 3.53 4.68
N VAL A 112 -21.75 2.40 4.11
CA VAL A 112 -20.88 1.22 4.04
C VAL A 112 -19.66 1.62 3.23
N PRO A 113 -18.51 1.00 3.43
CA PRO A 113 -17.38 1.31 2.55
C PRO A 113 -17.72 0.94 1.11
N TYR A 114 -17.08 1.62 0.17
CA TYR A 114 -17.30 1.38 -1.26
C TYR A 114 -18.77 1.57 -1.58
N VAL A 115 -19.32 2.66 -1.05
CA VAL A 115 -20.77 2.81 -1.01
C VAL A 115 -21.36 2.72 -2.41
N GLY A 116 -20.70 3.31 -3.41
CA GLY A 116 -21.26 3.27 -4.75
C GLY A 116 -21.41 1.87 -5.31
N TYR A 117 -20.52 0.96 -4.96
CA TYR A 117 -20.68 -0.42 -5.44
C TYR A 117 -21.82 -1.13 -4.70
N LYS A 118 -21.90 -0.96 -3.38
CA LYS A 118 -22.95 -1.65 -2.64
C LYS A 118 -24.33 -1.17 -3.04
N CYS A 119 -24.43 0.01 -3.65
N CYS A 119 -24.47 -0.01 -3.64
CA CYS A 119 -25.70 0.50 -4.21
CA CYS A 119 -25.81 0.35 -4.05
C CYS A 119 -26.26 -0.41 -5.29
C CYS A 119 -26.24 -0.30 -5.37
N ILE A 120 -25.40 -1.12 -6.01
CA ILE A 120 -25.77 -1.72 -7.28
C ILE A 120 -26.29 -3.13 -7.07
N ASN A 121 -27.55 -3.37 -7.47
CA ASN A 121 -28.12 -4.72 -7.52
C ASN A 121 -27.83 -5.44 -8.84
N HIS A 122 -27.92 -4.76 -9.98
CA HIS A 122 -27.71 -5.41 -11.27
C HIS A 122 -27.38 -4.35 -12.32
N VAL A 123 -26.58 -4.73 -13.33
CA VAL A 123 -26.33 -3.90 -14.51
C VAL A 123 -26.59 -4.74 -15.75
N SER A 124 -27.28 -4.17 -16.74
CA SER A 124 -27.52 -4.79 -18.05
C SER A 124 -27.07 -3.87 -19.18
N ILE A 125 -26.37 -4.42 -20.15
CA ILE A 125 -26.16 -3.75 -21.42
C ILE A 125 -26.89 -4.57 -22.47
N SER A 126 -27.80 -3.94 -23.21
CA SER A 126 -28.63 -4.66 -24.14
C SER A 126 -28.92 -3.81 -25.39
N SER A 127 -29.11 -4.50 -26.50
CA SER A 127 -29.53 -3.93 -27.78
C SER A 127 -30.95 -4.39 -28.10
N CYS A 128 -31.44 -3.98 -29.28
CA CYS A 128 -32.79 -4.38 -29.63
CA CYS A 128 -32.76 -4.38 -29.74
C CYS A 128 -32.90 -5.89 -29.85
N ASN A 129 -31.78 -6.59 -30.09
CA ASN A 129 -31.84 -8.04 -30.18
C ASN A 129 -31.87 -8.71 -28.82
N GLY A 130 -31.71 -7.96 -27.74
CA GLY A 130 -31.66 -8.52 -26.41
C GLY A 130 -30.46 -8.07 -25.62
N VAL A 131 -30.00 -8.91 -24.70
CA VAL A 131 -29.01 -8.54 -23.70
C VAL A 131 -27.64 -8.95 -24.19
N ILE A 132 -26.69 -8.01 -24.17
CA ILE A 132 -25.33 -8.27 -24.62
C ILE A 132 -24.44 -8.72 -23.46
N TRP A 133 -24.66 -8.13 -22.29
CA TRP A 133 -23.84 -8.43 -21.12
C TRP A 133 -24.55 -7.88 -19.88
N GLU A 134 -24.53 -8.67 -18.81
CA GLU A 134 -25.12 -8.22 -17.58
C GLU A 134 -24.32 -8.78 -16.42
N ILE A 135 -24.49 -8.18 -15.24
CA ILE A 135 -23.75 -8.61 -14.07
C ILE A 135 -24.56 -8.31 -12.84
N GLU A 136 -24.40 -9.17 -11.83
CA GLU A 136 -24.92 -8.94 -10.49
C GLU A 136 -24.01 -7.99 -9.73
N GLY A 137 -24.63 -7.09 -8.97
CA GLY A 137 -23.93 -6.08 -8.21
C GLY A 137 -22.71 -6.65 -7.53
N GLU A 138 -22.90 -7.74 -6.79
CA GLU A 138 -21.79 -8.33 -6.05
C GLU A 138 -20.69 -8.80 -6.98
N GLU A 139 -21.04 -9.28 -8.16
CA GLU A 139 -20.00 -9.81 -9.04
C GLU A 139 -19.20 -8.68 -9.67
N LEU A 140 -19.88 -7.61 -10.07
CA LEU A 140 -19.18 -6.39 -10.47
C LEU A 140 -18.21 -5.94 -9.40
N TYR A 141 -18.71 -5.78 -8.18
CA TYR A 141 -17.86 -5.48 -7.03
C TYR A 141 -16.69 -6.46 -6.91
N ASN A 142 -16.96 -7.75 -7.09
CA ASN A 142 -15.88 -8.73 -6.98
C ASN A 142 -14.81 -8.46 -8.01
N ASN A 143 -15.23 -8.27 -9.27
CA ASN A 143 -14.30 -8.00 -10.35
C ASN A 143 -13.48 -6.74 -10.14
N CYS A 144 -13.95 -5.80 -9.34
CA CYS A 144 -13.19 -4.57 -9.12
C CYS A 144 -12.43 -4.55 -7.82
N ILE A 145 -12.52 -5.63 -7.04
CA ILE A 145 -12.07 -5.59 -5.66
C ILE A 145 -10.58 -5.43 -5.57
N ASN A 146 -9.83 -5.77 -6.62
CA ASN A 146 -8.38 -5.60 -6.68
C ASN A 146 -7.97 -4.27 -7.32
N ASN A 147 -8.92 -3.33 -7.48
CA ASN A 147 -8.71 -2.04 -8.13
C ASN A 147 -8.89 -0.94 -7.07
N THR A 148 -7.79 -0.60 -6.40
CA THR A 148 -7.84 0.39 -5.33
C THR A 148 -8.46 1.70 -5.83
N ILE A 149 -8.12 2.13 -7.06
CA ILE A 149 -8.65 3.38 -7.59
C ILE A 149 -10.17 3.30 -7.72
N ALA A 150 -10.65 2.27 -8.42
CA ALA A 150 -12.08 2.05 -8.54
C ALA A 150 -12.76 2.09 -7.18
N LEU A 151 -12.21 1.31 -6.23
CA LEU A 151 -12.78 1.27 -4.89
C LEU A 151 -12.80 2.65 -4.26
N LYS A 152 -11.68 3.39 -4.34
CA LYS A 152 -11.63 4.72 -3.77
C LYS A 152 -12.70 5.62 -4.37
N HIS A 153 -12.86 5.57 -5.71
CA HIS A 153 -13.81 6.42 -6.40
C HIS A 153 -15.25 6.13 -5.99
N SER A 154 -15.56 4.89 -5.66
CA SER A 154 -16.93 4.52 -5.27
C SER A 154 -17.29 4.98 -3.87
N GLY A 155 -16.38 5.61 -3.13
CA GLY A 155 -16.70 6.15 -1.83
C GLY A 155 -16.06 5.38 -0.71
N TYR A 156 -14.83 5.78 -0.35
CA TYR A 156 -14.11 5.15 0.76
C TYR A 156 -13.31 6.25 1.44
N SER A 157 -13.87 6.81 2.51
CA SER A 157 -13.29 7.98 3.14
C SER A 157 -13.83 8.08 4.56
N SER A 158 -13.08 8.75 5.43
CA SER A 158 -13.61 8.96 6.76
C SER A 158 -14.85 9.84 6.71
N GLU A 159 -14.93 10.73 5.72
CA GLU A 159 -16.11 11.58 5.60
C GLU A 159 -17.35 10.73 5.39
N LEU A 160 -17.26 9.75 4.50
CA LEU A 160 -18.39 8.94 4.08
C LEU A 160 -18.64 7.74 4.99
N ASN A 161 -17.60 7.18 5.64
CA ASN A 161 -17.70 5.85 6.22
C ASN A 161 -17.50 5.80 7.73
N ASP A 162 -17.02 6.87 8.36
CA ASP A 162 -17.12 6.93 9.82
C ASP A 162 -18.57 7.15 10.19
N ILE A 163 -18.95 6.77 11.40
CA ILE A 163 -20.36 6.88 11.81
C ILE A 163 -20.52 8.23 12.50
N SER A 164 -21.12 9.19 11.79
CA SER A 164 -21.36 10.52 12.35
C SER A 164 -22.64 10.51 13.18
N ILE A 165 -22.71 11.46 14.11
CA ILE A 165 -23.86 11.57 14.98
C ILE A 165 -24.41 12.98 14.88
N GLY A 166 -25.71 13.10 14.60
CA GLY A 166 -26.39 14.38 14.65
C GLY A 166 -27.00 14.65 16.02
N LEU A 167 -26.95 15.91 16.44
CA LEU A 167 -27.31 16.28 17.80
C LEU A 167 -28.56 17.16 17.88
N THR A 168 -29.25 17.37 16.76
CA THR A 168 -30.21 18.45 16.59
C THR A 168 -31.00 18.14 15.34
N PRO A 169 -32.32 18.33 15.33
CA PRO A 169 -33.10 17.97 14.13
C PRO A 169 -32.59 18.63 12.86
N ASN A 170 -31.80 19.70 12.97
CA ASN A 170 -31.22 20.44 11.85
C ASN A 170 -29.73 20.19 11.68
N ASP A 171 -29.12 19.41 12.56
CA ASP A 171 -27.69 19.14 12.49
C ASP A 171 -27.38 18.34 11.22
N THR A 172 -26.21 18.58 10.66
CA THR A 172 -25.79 17.86 9.46
C THR A 172 -24.99 16.65 9.88
N ILE A 173 -25.46 15.47 9.50
CA ILE A 173 -24.71 14.25 9.76
C ILE A 173 -23.67 14.02 8.67
N LYS A 174 -24.12 13.92 7.41
CA LYS A 174 -23.25 13.80 6.24
C LYS A 174 -23.47 14.97 5.27
N GLU A 175 -22.38 15.47 4.68
CA GLU A 175 -22.51 16.47 3.62
C GLU A 175 -22.82 15.77 2.30
N PRO A 176 -23.39 16.49 1.33
CA PRO A 176 -23.58 15.91 0.00
C PRO A 176 -22.24 15.56 -0.63
N SER A 177 -22.29 14.62 -1.56
CA SER A 177 -21.06 14.07 -2.10
C SER A 177 -21.41 13.31 -3.36
N THR A 178 -20.44 13.21 -4.26
CA THR A 178 -20.57 12.42 -5.47
C THR A 178 -19.61 11.23 -5.39
N VAL A 179 -20.11 10.05 -5.76
CA VAL A 179 -19.27 8.87 -5.83
C VAL A 179 -19.32 8.37 -7.27
N TYR A 180 -18.29 7.64 -7.67
CA TYR A 180 -18.10 7.22 -9.05
C TYR A 180 -17.83 5.72 -9.06
N VAL A 181 -18.62 4.98 -9.83
CA VAL A 181 -18.60 3.54 -9.82
C VAL A 181 -18.14 3.05 -11.18
N TYR A 182 -16.93 2.53 -11.23
CA TYR A 182 -16.43 1.98 -12.47
C TYR A 182 -17.14 0.66 -12.78
N ILE A 183 -17.98 0.67 -13.82
CA ILE A 183 -18.69 -0.54 -14.24
C ILE A 183 -17.79 -1.24 -15.25
N LYS A 184 -16.78 -1.93 -14.73
CA LYS A 184 -15.88 -2.72 -15.55
C LYS A 184 -16.66 -3.68 -16.44
N THR A 185 -16.33 -3.69 -17.72
CA THR A 185 -16.96 -4.54 -18.71
C THR A 185 -15.89 -5.28 -19.48
N PRO A 186 -16.26 -6.37 -20.17
CA PRO A 186 -15.27 -7.02 -21.05
C PRO A 186 -14.74 -6.11 -22.14
N PHE A 187 -15.48 -5.05 -22.48
CA PHE A 187 -15.07 -4.11 -23.51
C PHE A 187 -13.87 -3.26 -23.12
N ASP A 188 -13.35 -3.36 -21.89
CA ASP A 188 -12.25 -2.52 -21.43
C ASP A 188 -10.90 -3.21 -21.46
N VAL A 189 -10.87 -4.52 -21.71
CA VAL A 189 -9.63 -5.30 -21.59
C VAL A 189 -8.54 -4.75 -22.49
N GLU A 190 -8.84 -4.60 -23.78
CA GLU A 190 -7.84 -4.09 -24.71
C GLU A 190 -8.29 -2.78 -25.33
N ASP A 191 -8.77 -1.86 -24.49
CA ASP A 191 -9.17 -0.52 -24.87
C ASP A 191 -10.01 -0.50 -26.16
N THR A 192 -9.49 0.15 -27.21
CA THR A 192 -10.29 0.26 -28.43
C THR A 192 -10.50 -1.09 -29.08
N PHE A 193 -9.57 -2.03 -28.91
CA PHE A 193 -9.72 -3.29 -29.62
C PHE A 193 -10.93 -4.07 -29.15
N SER A 194 -11.28 -3.92 -27.88
CA SER A 194 -12.34 -4.69 -27.26
C SER A 194 -13.61 -3.89 -27.09
N SER A 195 -13.63 -2.65 -27.54
CA SER A 195 -14.76 -1.76 -27.24
C SER A 195 -16.05 -2.32 -27.82
N LEU A 196 -17.16 -1.84 -27.31
CA LEU A 196 -18.46 -2.26 -27.80
C LEU A 196 -18.82 -1.42 -29.02
N LYS A 197 -19.02 -2.08 -30.17
CA LYS A 197 -19.38 -1.39 -31.41
C LYS A 197 -20.90 -1.28 -31.50
N LEU A 198 -21.42 -0.04 -31.64
CA LEU A 198 -22.86 0.17 -31.66
C LEU A 198 -23.46 0.12 -33.04
N SER A 199 -22.65 0.34 -34.08
CA SER A 199 -23.16 0.47 -35.44
C SER A 199 -24.31 1.47 -35.47
N ASP A 200 -25.48 1.03 -35.94
CA ASP A 200 -26.68 1.87 -35.98
C ASP A 200 -27.76 1.38 -35.02
N SER A 201 -27.38 0.54 -34.05
CA SER A 201 -28.30 0.03 -33.06
C SER A 201 -28.37 0.95 -31.84
N LYS A 202 -29.47 0.82 -31.10
CA LYS A 202 -29.66 1.53 -29.85
C LYS A 202 -29.18 0.63 -28.73
N ILE A 203 -28.27 1.11 -27.90
CA ILE A 203 -27.78 0.37 -26.75
C ILE A 203 -28.42 0.97 -25.50
N THR A 204 -29.06 0.11 -24.70
CA THR A 204 -29.65 0.51 -23.43
C THR A 204 -28.85 -0.09 -22.29
N VAL A 205 -28.49 0.76 -21.32
CA VAL A 205 -27.84 0.35 -20.09
C VAL A 205 -28.83 0.55 -18.96
N THR A 206 -29.14 -0.54 -18.25
CA THR A 206 -30.14 -0.52 -17.19
C THR A 206 -29.49 -0.91 -15.88
N VAL A 207 -29.66 -0.09 -14.86
CA VAL A 207 -29.06 -0.28 -13.55
C VAL A 207 -30.16 -0.45 -12.52
N THR A 208 -30.10 -1.54 -11.78
CA THR A 208 -31.01 -1.79 -10.68
C THR A 208 -30.29 -1.54 -9.37
N PHE A 209 -30.89 -0.72 -8.50
CA PHE A 209 -30.27 -0.33 -7.24
C PHE A 209 -30.81 -1.16 -6.09
N ASN A 210 -29.90 -1.52 -5.18
CA ASN A 210 -30.29 -2.06 -3.89
C ASN A 210 -31.08 -1.02 -3.12
N PRO A 211 -31.91 -1.45 -2.18
CA PRO A 211 -32.61 -0.50 -1.32
C PRO A 211 -31.60 0.25 -0.46
N VAL A 212 -31.87 1.55 -0.25
CA VAL A 212 -30.86 2.38 0.40
C VAL A 212 -30.50 1.83 1.78
N SER A 213 -31.35 1.00 2.36
CA SER A 213 -31.05 0.41 3.65
C SER A 213 -29.74 -0.39 3.63
N ASP A 214 -29.38 -0.95 2.47
CA ASP A 214 -28.17 -1.75 2.36
C ASP A 214 -26.91 -0.93 2.51
N ILE A 215 -26.93 0.33 2.11
CA ILE A 215 -25.70 1.10 1.97
C ILE A 215 -25.45 1.98 3.18
N VAL A 216 -26.24 1.81 4.23
CA VAL A 216 -26.33 2.76 5.31
C VAL A 216 -26.17 2.02 6.63
N ILE A 217 -25.33 2.55 7.52
CA ILE A 217 -25.18 2.05 8.87
C ILE A 217 -25.69 3.13 9.81
N ARG A 218 -26.62 2.76 10.68
N ARG A 218 -26.60 2.75 10.70
CA ARG A 218 -27.29 3.75 11.53
CA ARG A 218 -27.29 3.74 11.52
C ARG A 218 -27.76 3.08 12.81
C ARG A 218 -27.76 3.08 12.82
N ASP A 219 -28.04 3.92 13.81
CA ASP A 219 -28.53 3.47 15.10
C ASP A 219 -30.06 3.66 15.18
N SER A 220 -30.62 3.44 16.36
CA SER A 220 -32.09 3.52 16.50
C SER A 220 -32.56 4.98 16.51
N SER A 221 -31.78 5.88 17.09
CA SER A 221 -32.17 7.29 17.10
C SER A 221 -32.33 7.85 15.68
N PHE A 222 -31.63 7.29 14.70
CA PHE A 222 -31.74 7.83 13.34
C PHE A 222 -33.14 7.61 12.80
N ASP A 223 -33.74 8.69 12.26
CA ASP A 223 -35.08 8.60 11.69
C ASP A 223 -34.93 7.97 10.31
N PHE A 224 -34.70 6.67 10.30
CA PHE A 224 -34.50 6.00 9.03
C PHE A 224 -35.77 5.98 8.21
N GLU A 225 -36.92 6.03 8.88
CA GLU A 225 -38.20 5.96 8.19
C GLU A 225 -38.36 7.14 7.24
N THR A 226 -38.17 8.36 7.75
CA THR A 226 -38.19 9.53 6.89
C THR A 226 -37.07 9.47 5.84
N PHE A 227 -35.86 9.09 6.25
CA PHE A 227 -34.75 8.99 5.30
C PHE A 227 -35.12 8.08 4.14
N ASN A 228 -35.69 6.92 4.44
CA ASN A 228 -36.03 5.98 3.38
C ASN A 228 -36.98 6.61 2.35
N LYS A 229 -38.05 7.27 2.81
CA LYS A 229 -38.99 7.87 1.85
C LYS A 229 -38.34 8.99 1.07
N GLU A 230 -37.58 9.85 1.75
CA GLU A 230 -37.03 11.02 1.09
C GLU A 230 -35.84 10.72 0.21
N PHE A 231 -35.13 9.60 0.45
CA PHE A 231 -33.94 9.28 -0.34
C PHE A 231 -34.31 8.90 -1.76
N VAL A 232 -33.63 9.51 -2.73
CA VAL A 232 -33.78 9.17 -4.14
C VAL A 232 -32.40 8.91 -4.71
N TYR A 233 -32.29 7.91 -5.58
CA TYR A 233 -31.05 7.69 -6.30
C TYR A 233 -30.91 8.69 -7.45
N VAL A 234 -29.76 9.35 -7.51
CA VAL A 234 -29.52 10.39 -8.52
C VAL A 234 -28.34 9.98 -9.39
N PRO A 235 -28.55 9.12 -10.40
CA PRO A 235 -27.42 8.58 -11.15
C PRO A 235 -27.11 9.28 -12.46
N GLU A 236 -25.87 9.12 -12.91
CA GLU A 236 -25.46 9.57 -14.22
C GLU A 236 -24.51 8.53 -14.82
N LEU A 237 -24.69 8.21 -16.10
CA LEU A 237 -23.85 7.22 -16.79
C LEU A 237 -22.84 7.92 -17.68
N SER A 238 -21.55 7.75 -17.38
CA SER A 238 -20.50 8.25 -18.25
C SER A 238 -19.85 7.10 -18.99
N PHE A 239 -19.23 7.42 -20.11
CA PHE A 239 -18.51 6.42 -20.87
C PHE A 239 -17.62 7.14 -21.87
N ILE A 240 -16.73 6.38 -22.50
CA ILE A 240 -15.85 6.89 -23.53
C ILE A 240 -16.47 6.48 -24.87
N GLY A 241 -17.08 7.43 -25.54
CA GLY A 241 -17.51 7.20 -26.90
C GLY A 241 -16.37 7.39 -27.89
N TYR A 242 -16.50 6.70 -29.02
CA TYR A 242 -15.51 6.76 -30.09
C TYR A 242 -16.23 7.03 -31.41
N MET A 243 -15.98 8.21 -31.98
CA MET A 243 -16.38 8.52 -33.35
C MET A 243 -15.33 7.97 -34.29
N VAL A 244 -15.73 7.06 -35.19
CA VAL A 244 -14.79 6.22 -35.92
C VAL A 244 -15.08 6.30 -37.42
N LYS A 245 -14.08 6.77 -38.20
CA LYS A 245 -14.22 6.81 -39.66
C LYS A 245 -14.00 5.42 -40.27
N ASN A 246 -14.99 4.97 -41.05
CA ASN A 246 -15.01 3.68 -41.75
C ASN A 246 -14.62 2.54 -40.82
N VAL A 247 -15.44 2.36 -39.78
CA VAL A 247 -15.20 1.29 -38.83
C VAL A 247 -15.26 -0.06 -39.53
N GLN A 248 -14.32 -0.93 -39.18
CA GLN A 248 -14.18 -2.27 -39.76
C GLN A 248 -14.41 -3.29 -38.66
N ILE A 249 -15.63 -3.73 -38.55
CA ILE A 249 -16.06 -4.64 -37.49
C ILE A 249 -15.66 -6.05 -37.84
N LYS A 250 -15.18 -6.78 -36.84
CA LYS A 250 -15.01 -8.23 -36.93
C LYS A 250 -15.71 -8.84 -35.72
N PRO A 251 -16.04 -10.14 -35.77
CA PRO A 251 -16.69 -10.76 -34.61
C PRO A 251 -15.71 -10.99 -33.45
N SER A 252 -16.28 -11.01 -32.24
CA SER A 252 -15.54 -11.19 -30.99
C SER A 252 -16.26 -12.18 -30.09
N PHE A 253 -15.60 -12.53 -29.00
CA PHE A 253 -16.20 -13.35 -27.95
C PHE A 253 -16.21 -12.58 -26.64
N ILE A 254 -17.18 -12.93 -25.81
CA ILE A 254 -17.38 -12.26 -24.52
C ILE A 254 -17.76 -13.32 -23.49
N GLU A 255 -17.23 -13.16 -22.28
CA GLU A 255 -17.62 -14.01 -21.16
C GLU A 255 -18.76 -13.31 -20.42
N LYS A 256 -19.88 -14.00 -20.26
CA LYS A 256 -21.02 -13.45 -19.51
C LYS A 256 -21.18 -14.20 -18.19
N PRO A 257 -21.00 -13.54 -17.05
CA PRO A 257 -21.18 -14.22 -15.77
C PRO A 257 -22.64 -14.44 -15.42
N ARG A 258 -22.88 -15.53 -14.71
CA ARG A 258 -24.17 -15.79 -14.10
C ARG A 258 -23.92 -16.55 -12.83
N ARG A 259 -24.82 -16.40 -11.86
CA ARG A 259 -24.57 -17.06 -10.59
C ARG A 259 -25.82 -17.75 -10.07
N VAL A 260 -25.59 -18.75 -9.25
CA VAL A 260 -26.65 -19.52 -8.62
C VAL A 260 -26.42 -19.37 -7.12
N ILE A 261 -27.48 -19.03 -6.39
CA ILE A 261 -27.45 -18.96 -4.92
C ILE A 261 -28.09 -20.22 -4.38
N GLY A 262 -27.39 -20.93 -3.50
CA GLY A 262 -27.95 -22.11 -2.90
C GLY A 262 -29.09 -21.82 -1.92
N GLN A 263 -29.90 -22.84 -1.71
CA GLN A 263 -30.85 -22.82 -0.61
C GLN A 263 -30.11 -22.56 0.70
N ILE A 264 -30.84 -21.98 1.66
CA ILE A 264 -30.22 -21.55 2.91
C ILE A 264 -29.60 -22.73 3.63
N ASN A 265 -28.30 -22.64 3.95
CA ASN A 265 -27.50 -23.66 4.62
C ASN A 265 -27.28 -24.93 3.82
N GLN A 266 -27.86 -25.06 2.63
CA GLN A 266 -27.63 -26.24 1.80
C GLN A 266 -26.21 -26.25 1.24
N PRO A 267 -25.42 -27.31 1.45
CA PRO A 267 -24.05 -27.29 0.93
C PRO A 267 -23.92 -27.74 -0.53
N THR A 268 -24.93 -27.46 -1.35
CA THR A 268 -24.87 -27.83 -2.76
C THR A 268 -25.54 -26.75 -3.60
N ALA A 269 -25.03 -26.56 -4.80
CA ALA A 269 -25.73 -25.81 -5.82
C ALA A 269 -25.31 -26.35 -7.19
N THR A 270 -26.19 -26.18 -8.16
CA THR A 270 -25.97 -26.68 -9.52
C THR A 270 -26.24 -25.57 -10.52
N VAL A 271 -25.34 -25.45 -11.51
CA VAL A 271 -25.52 -24.55 -12.63
C VAL A 271 -25.87 -25.42 -13.84
N THR A 272 -27.04 -25.19 -14.41
CA THR A 272 -27.49 -26.01 -15.54
C THR A 272 -27.07 -25.36 -16.85
N GLU A 273 -27.07 -26.18 -17.91
CA GLU A 273 -26.78 -25.73 -19.27
C GLU A 273 -25.39 -25.10 -19.38
N VAL A 274 -24.39 -25.80 -18.85
CA VAL A 274 -23.01 -25.37 -18.97
C VAL A 274 -22.44 -26.03 -20.21
N HIS A 275 -22.21 -25.24 -21.24
CA HIS A 275 -21.72 -25.79 -22.50
C HIS A 275 -20.30 -25.37 -22.86
N ALA A 276 -19.93 -24.10 -22.63
CA ALA A 276 -18.58 -23.61 -22.90
C ALA A 276 -18.25 -22.52 -21.89
N ALA A 277 -17.70 -22.93 -20.74
CA ALA A 277 -17.46 -22.00 -19.66
C ALA A 277 -15.97 -21.78 -19.44
N THR A 278 -15.62 -20.54 -19.13
CA THR A 278 -14.23 -20.15 -18.93
C THR A 278 -13.77 -20.31 -17.48
N SER A 279 -14.69 -20.17 -16.53
CA SER A 279 -14.33 -20.24 -15.12
C SER A 279 -15.57 -20.46 -14.27
N LEU A 280 -15.35 -20.95 -13.05
CA LEU A 280 -16.40 -21.25 -12.09
C LEU A 280 -15.89 -20.94 -10.69
N SER A 281 -16.60 -20.10 -9.94
CA SER A 281 -16.18 -19.66 -8.61
C SER A 281 -17.21 -20.08 -7.58
N VAL A 282 -16.73 -20.41 -6.38
CA VAL A 282 -17.56 -20.77 -5.25
C VAL A 282 -17.20 -19.89 -4.06
N TYR A 283 -18.22 -19.45 -3.32
CA TYR A 283 -18.01 -18.78 -2.05
C TYR A 283 -19.29 -18.82 -1.23
N THR A 284 -19.19 -18.32 0.01
CA THR A 284 -20.24 -18.36 1.01
C THR A 284 -20.64 -16.94 1.40
N LYS A 285 -21.92 -16.72 1.61
CA LYS A 285 -22.36 -15.48 2.23
C LYS A 285 -23.09 -15.77 3.53
N PRO A 286 -23.14 -14.81 4.45
CA PRO A 286 -24.07 -14.91 5.56
C PRO A 286 -25.46 -14.53 5.11
N TYR A 287 -26.43 -14.98 5.89
CA TYR A 287 -27.82 -14.62 5.71
C TYR A 287 -28.34 -14.23 7.08
N TYR A 288 -28.81 -12.99 7.21
CA TYR A 288 -29.20 -12.42 8.49
C TYR A 288 -30.70 -12.18 8.60
N GLY A 289 -31.50 -12.92 7.83
CA GLY A 289 -32.95 -12.74 7.87
C GLY A 289 -33.59 -13.14 9.19
N ASN A 290 -33.03 -14.12 9.89
CA ASN A 290 -33.52 -14.52 11.19
C ASN A 290 -33.08 -13.56 12.30
N THR A 291 -32.62 -12.35 11.95
CA THR A 291 -32.11 -11.38 12.92
C THR A 291 -32.64 -10.00 12.56
N ASP A 292 -32.42 -9.03 13.45
CA ASP A 292 -32.80 -7.65 13.15
C ASP A 292 -31.72 -6.88 12.39
N ASN A 293 -30.57 -7.53 12.12
CA ASN A 293 -29.41 -6.94 11.47
C ASN A 293 -28.71 -5.89 12.32
N LYS A 294 -28.82 -6.00 13.65
CA LYS A 294 -28.21 -5.05 14.56
C LYS A 294 -26.92 -5.64 15.11
N PHE A 295 -25.88 -4.81 15.21
CA PHE A 295 -24.60 -5.25 15.72
C PHE A 295 -24.16 -4.30 16.82
N ILE A 296 -23.32 -4.81 17.74
CA ILE A 296 -22.96 -3.99 18.88
C ILE A 296 -22.04 -2.87 18.45
N SER A 297 -21.14 -3.13 17.49
CA SER A 297 -20.08 -2.18 17.23
C SER A 297 -19.75 -2.18 15.75
N TYR A 298 -19.10 -1.10 15.31
CA TYR A 298 -18.61 -0.97 13.94
C TYR A 298 -17.45 0.01 13.88
N PRO A 299 -16.36 -0.33 13.20
CA PRO A 299 -15.13 0.46 13.30
C PRO A 299 -15.12 1.73 12.47
N GLY A 300 -16.05 1.87 11.52
CA GLY A 300 -16.08 3.02 10.63
C GLY A 300 -15.13 2.92 9.45
N TYR A 301 -14.51 4.04 9.07
CA TYR A 301 -13.65 4.04 7.91
C TYR A 301 -12.51 3.04 8.05
N SER A 302 -11.94 2.92 9.26
CA SER A 302 -10.88 1.95 9.50
C SER A 302 -11.46 0.55 9.41
N GLN A 303 -10.90 -0.29 8.56
CA GLN A 303 -11.53 -1.54 8.19
C GLN A 303 -10.64 -2.75 8.41
N ASP A 304 -9.57 -2.61 9.18
CA ASP A 304 -8.71 -3.76 9.40
C ASP A 304 -9.33 -4.68 10.46
N GLU A 305 -8.90 -5.93 10.42
CA GLU A 305 -9.41 -6.88 11.40
C GLU A 305 -9.26 -6.32 12.82
N LYS A 306 -8.09 -5.77 13.13
CA LYS A 306 -7.85 -5.18 14.43
C LYS A 306 -8.74 -3.97 14.68
N ASP A 307 -9.06 -3.21 13.63
CA ASP A 307 -10.00 -2.11 13.80
C ASP A 307 -11.36 -2.63 14.26
N TYR A 308 -11.87 -3.65 13.57
CA TYR A 308 -13.13 -4.26 13.98
C TYR A 308 -13.07 -4.73 15.43
N ILE A 309 -11.97 -5.40 15.80
CA ILE A 309 -11.87 -5.93 17.15
C ILE A 309 -11.79 -4.78 18.17
N ASP A 310 -10.99 -3.77 17.89
CA ASP A 310 -10.82 -2.70 18.86
C ASP A 310 -12.14 -1.95 19.07
N ALA A 311 -12.86 -1.67 17.99
CA ALA A 311 -14.13 -0.99 18.11
C ALA A 311 -15.06 -1.73 19.05
N TYR A 312 -15.06 -3.06 18.95
CA TYR A 312 -15.89 -3.90 19.80
C TYR A 312 -15.45 -3.83 21.25
N VAL A 313 -14.16 -4.06 21.52
CA VAL A 313 -13.64 -3.92 22.88
C VAL A 313 -14.03 -2.57 23.44
N SER A 314 -13.86 -1.52 22.64
CA SER A 314 -14.16 -0.19 23.11
C SER A 314 -15.62 -0.06 23.56
N ARG A 315 -16.55 -0.69 22.83
CA ARG A 315 -17.95 -0.55 23.20
C ARG A 315 -18.30 -1.33 24.45
N LEU A 316 -17.61 -2.44 24.71
CA LEU A 316 -17.84 -3.25 25.88
C LEU A 316 -17.20 -2.66 27.14
N LEU A 317 -16.11 -1.90 26.99
CA LEU A 317 -15.31 -1.51 28.17
C LEU A 317 -16.10 -0.71 29.19
N ASP A 318 -17.10 0.04 28.76
CA ASP A 318 -17.75 0.93 29.70
C ASP A 318 -18.79 0.24 30.58
N ASP A 319 -19.32 -0.90 30.16
CA ASP A 319 -20.03 -1.76 31.08
C ASP A 319 -19.12 -2.82 31.70
N LEU A 320 -17.92 -2.99 31.18
CA LEU A 320 -17.13 -4.13 31.62
C LEU A 320 -16.47 -3.87 32.97
N VAL A 321 -15.92 -2.67 33.17
CA VAL A 321 -15.27 -2.31 34.42
C VAL A 321 -15.92 -1.00 34.87
N ILE A 322 -16.65 -1.02 35.98
CA ILE A 322 -17.37 0.16 36.46
C ILE A 322 -16.76 0.66 37.76
N VAL A 323 -16.64 1.98 37.87
CA VAL A 323 -16.17 2.65 39.08
C VAL A 323 -17.36 3.39 39.68
N SER A 324 -17.83 2.94 40.84
CA SER A 324 -19.15 3.33 41.31
C SER A 324 -19.17 3.44 42.83
N ASP A 325 -20.09 4.28 43.33
CA ASP A 325 -20.33 4.41 44.77
C ASP A 325 -21.25 3.27 45.20
N GLY A 326 -20.66 2.18 45.68
CA GLY A 326 -21.39 0.97 45.93
C GLY A 326 -21.81 0.28 44.65
N PRO A 327 -22.53 -0.84 44.77
CA PRO A 327 -22.91 -1.64 43.59
C PRO A 327 -23.44 -0.79 42.45
N PRO A 328 -23.03 -1.09 41.22
CA PRO A 328 -23.50 -0.33 40.07
C PRO A 328 -24.96 -0.59 39.77
N THR A 329 -25.63 0.47 39.34
CA THR A 329 -27.05 0.48 39.03
C THR A 329 -27.25 0.56 37.53
N GLY A 330 -28.48 0.30 37.10
CA GLY A 330 -28.83 0.48 35.71
C GLY A 330 -28.62 -0.72 34.82
N TYR A 331 -28.51 -1.90 35.40
CA TYR A 331 -28.24 -3.13 34.67
C TYR A 331 -29.36 -4.14 34.92
N PRO A 332 -29.50 -5.12 34.05
CA PRO A 332 -30.52 -6.16 34.25
C PRO A 332 -30.23 -6.96 35.51
N GLU A 333 -31.30 -7.49 36.11
CA GLU A 333 -31.12 -8.27 37.32
C GLU A 333 -30.26 -9.50 37.05
N SER A 334 -30.26 -9.99 35.81
CA SER A 334 -29.43 -11.12 35.41
C SER A 334 -27.96 -10.80 35.39
N ALA A 335 -27.59 -9.51 35.43
CA ALA A 335 -26.18 -9.15 35.49
C ALA A 335 -25.54 -9.60 36.80
N GLU A 336 -24.29 -10.01 36.72
CA GLU A 336 -23.50 -10.52 37.84
C GLU A 336 -22.27 -9.62 37.99
N ILE A 337 -22.44 -8.45 38.61
CA ILE A 337 -21.37 -7.47 38.74
C ILE A 337 -20.69 -7.63 40.11
N VAL A 338 -19.37 -7.78 40.09
CA VAL A 338 -18.60 -8.21 41.24
C VAL A 338 -17.60 -7.11 41.61
N GLU A 339 -17.44 -6.87 42.91
CA GLU A 339 -16.40 -5.95 43.35
C GLU A 339 -15.04 -6.63 43.22
N VAL A 340 -14.07 -5.90 42.69
CA VAL A 340 -12.75 -6.49 42.42
C VAL A 340 -12.00 -6.65 43.74
N PRO A 341 -11.50 -7.83 44.06
CA PRO A 341 -10.72 -8.00 45.28
C PRO A 341 -9.49 -7.08 45.33
N GLU A 342 -8.91 -6.97 46.53
CA GLU A 342 -7.80 -6.05 46.75
C GLU A 342 -6.59 -6.40 45.88
N ASP A 343 -6.43 -7.68 45.51
CA ASP A 343 -5.32 -8.11 44.68
C ASP A 343 -5.61 -8.02 43.19
N GLY A 344 -6.80 -7.53 42.80
CA GLY A 344 -7.11 -7.21 41.43
C GLY A 344 -7.64 -8.35 40.57
N ILE A 345 -7.76 -9.56 41.12
CA ILE A 345 -8.16 -10.74 40.34
C ILE A 345 -9.59 -11.14 40.67
N VAL A 346 -10.48 -11.02 39.69
CA VAL A 346 -11.82 -11.60 39.74
C VAL A 346 -11.78 -12.91 38.97
N SER A 347 -12.37 -13.96 39.55
CA SER A 347 -12.33 -15.30 38.98
C SER A 347 -13.71 -15.65 38.45
N ILE A 348 -13.82 -15.80 37.13
CA ILE A 348 -15.08 -16.16 36.48
C ILE A 348 -14.93 -17.60 36.00
N GLN A 349 -15.33 -18.55 36.83
CA GLN A 349 -15.06 -19.99 36.57
C GLN A 349 -13.55 -20.13 36.45
N ASP A 350 -13.03 -20.76 35.40
CA ASP A 350 -11.59 -20.95 35.27
C ASP A 350 -10.90 -19.76 34.64
N ALA A 351 -11.62 -18.66 34.44
CA ALA A 351 -11.06 -17.48 33.80
C ALA A 351 -10.71 -16.45 34.86
N ASP A 352 -9.47 -15.96 34.83
CA ASP A 352 -9.02 -14.93 35.76
C ASP A 352 -8.88 -13.61 35.03
N VAL A 353 -9.55 -12.59 35.56
CA VAL A 353 -9.53 -11.23 35.02
C VAL A 353 -8.83 -10.32 36.02
N TYR A 354 -7.77 -9.64 35.58
CA TYR A 354 -6.99 -8.75 36.43
C TYR A 354 -7.40 -7.31 36.15
N VAL A 355 -7.86 -6.59 37.17
CA VAL A 355 -8.40 -5.25 36.99
C VAL A 355 -7.79 -4.31 38.01
N LYS A 356 -7.00 -3.34 37.54
CA LYS A 356 -6.43 -2.29 38.40
C LYS A 356 -6.71 -0.94 37.74
N ILE A 357 -7.52 -0.12 38.39
CA ILE A 357 -7.82 1.25 37.95
C ILE A 357 -7.19 2.22 38.95
N ASP A 358 -6.60 3.28 38.43
CA ASP A 358 -5.90 4.23 39.26
C ASP A 358 -6.80 5.41 39.60
N ASN A 359 -6.50 6.03 40.75
CA ASN A 359 -7.07 7.31 41.15
C ASN A 359 -8.56 7.11 41.37
N VAL A 360 -8.90 6.08 42.14
CA VAL A 360 -10.31 5.78 42.42
C VAL A 360 -10.70 6.49 43.71
N PRO A 361 -11.77 7.28 43.70
CA PRO A 361 -12.19 8.00 44.90
C PRO A 361 -12.35 7.08 46.10
N ASP A 362 -12.13 7.64 47.30
CA ASP A 362 -12.18 6.84 48.51
C ASP A 362 -13.56 6.27 48.78
N ASN A 363 -14.61 6.96 48.31
CA ASN A 363 -15.98 6.48 48.49
C ASN A 363 -16.42 5.49 47.40
N MET A 364 -15.56 5.20 46.43
CA MET A 364 -15.92 4.37 45.30
C MET A 364 -15.02 3.15 45.21
N SER A 365 -15.58 2.08 44.65
CA SER A 365 -14.89 0.83 44.39
C SER A 365 -14.90 0.54 42.90
N VAL A 366 -14.17 -0.52 42.52
CA VAL A 366 -14.04 -0.96 41.14
C VAL A 366 -14.75 -2.29 40.99
N TYR A 367 -15.65 -2.36 40.01
CA TYR A 367 -16.47 -3.53 39.73
C TYR A 367 -16.18 -4.09 38.35
N LEU A 368 -16.16 -5.41 38.23
CA LEU A 368 -16.12 -6.09 36.94
C LEU A 368 -17.47 -6.74 36.65
N HIS A 369 -18.03 -6.44 35.49
CA HIS A 369 -19.21 -7.14 35.00
C HIS A 369 -18.82 -8.52 34.49
N THR A 370 -19.30 -9.58 35.14
CA THR A 370 -18.76 -10.90 34.86
C THR A 370 -19.55 -11.69 33.82
N ASN A 371 -20.60 -11.12 33.26
CA ASN A 371 -21.37 -11.82 32.24
C ASN A 371 -22.01 -10.78 31.34
N LEU A 372 -21.19 -9.87 30.80
CA LEU A 372 -21.72 -8.79 29.97
C LEU A 372 -22.53 -9.35 28.81
N LEU A 373 -22.05 -10.42 28.18
CA LEU A 373 -22.76 -11.14 27.14
C LEU A 373 -22.52 -12.61 27.38
N MET A 374 -23.59 -13.40 27.38
CA MET A 374 -23.46 -14.81 27.71
C MET A 374 -24.50 -15.62 26.96
N PHE A 375 -24.09 -16.83 26.56
CA PHE A 375 -24.89 -17.68 25.70
C PHE A 375 -24.71 -19.15 26.09
N GLY A 376 -25.83 -19.87 26.10
CA GLY A 376 -25.80 -21.30 26.24
C GLY A 376 -27.12 -21.94 25.88
N THR A 377 -27.08 -23.18 25.39
CA THR A 377 -28.31 -23.86 24.99
C THR A 377 -28.92 -24.70 26.10
N ARG A 378 -28.20 -24.95 27.18
CA ARG A 378 -28.72 -25.68 28.34
C ARG A 378 -28.27 -25.00 29.63
N LYS A 379 -29.14 -25.08 30.64
CA LYS A 379 -28.74 -24.70 31.98
C LYS A 379 -27.66 -25.63 32.49
N ASN A 380 -26.72 -25.07 33.25
CA ASN A 380 -25.68 -25.82 33.94
C ASN A 380 -24.77 -26.60 33.01
N SER A 381 -24.61 -26.10 31.77
CA SER A 381 -23.69 -26.68 30.81
C SER A 381 -22.58 -25.71 30.44
N PHE A 382 -22.01 -25.86 29.24
CA PHE A 382 -21.03 -24.90 28.73
C PHE A 382 -21.66 -23.53 28.51
N ILE A 383 -20.84 -22.50 28.64
CA ILE A 383 -21.26 -21.11 28.48
C ILE A 383 -20.25 -20.37 27.62
N TYR A 384 -20.75 -19.61 26.65
CA TYR A 384 -19.95 -18.63 25.94
C TYR A 384 -20.20 -17.28 26.62
N ASN A 385 -19.18 -16.77 27.29
CA ASN A 385 -19.29 -15.57 28.10
C ASN A 385 -18.22 -14.57 27.64
N ILE A 386 -18.65 -13.42 27.14
CA ILE A 386 -17.68 -12.50 26.55
C ILE A 386 -16.76 -11.95 27.62
N SER A 387 -17.20 -11.92 28.88
CA SER A 387 -16.37 -11.37 29.94
C SER A 387 -15.20 -12.28 30.23
N LYS A 388 -15.30 -13.56 29.92
CA LYS A 388 -14.19 -14.46 30.14
C LYS A 388 -13.11 -14.33 29.08
N LYS A 389 -13.35 -13.53 28.04
CA LYS A 389 -12.36 -13.30 27.00
C LYS A 389 -11.43 -12.13 27.30
N PHE A 390 -11.54 -11.54 28.50
CA PHE A 390 -10.59 -10.54 28.97
C PHE A 390 -9.74 -11.12 30.08
N SER A 391 -8.45 -10.80 30.05
CA SER A 391 -7.54 -11.23 31.11
C SER A 391 -6.87 -10.10 31.85
N ALA A 392 -6.89 -8.87 31.33
CA ALA A 392 -6.32 -7.76 32.07
C ALA A 392 -6.95 -6.47 31.58
N ILE A 393 -7.36 -5.62 32.52
CA ILE A 393 -7.91 -4.30 32.20
C ILE A 393 -7.29 -3.30 33.16
N THR A 394 -6.47 -2.39 32.66
CA THR A 394 -5.91 -1.33 33.48
C THR A 394 -6.35 0.02 32.92
N GLY A 395 -6.36 1.01 33.79
CA GLY A 395 -6.84 2.33 33.40
C GLY A 395 -6.75 3.26 34.59
N THR A 396 -7.16 4.51 34.35
CA THR A 396 -7.12 5.56 35.34
C THR A 396 -8.46 6.28 35.38
N TYR A 397 -8.92 6.58 36.59
CA TYR A 397 -10.16 7.30 36.80
C TYR A 397 -9.96 8.81 36.73
N SER A 398 -10.85 9.47 36.02
CA SER A 398 -10.83 10.92 35.87
C SER A 398 -11.85 11.55 36.81
N ASP A 399 -11.39 12.27 37.83
CA ASP A 399 -12.33 13.00 38.65
C ASP A 399 -12.99 14.12 37.85
N ALA A 400 -12.28 14.67 36.87
CA ALA A 400 -12.77 15.82 36.13
C ALA A 400 -14.01 15.48 35.31
N THR A 401 -14.03 14.31 34.68
CA THR A 401 -15.12 13.93 33.79
C THR A 401 -15.89 12.72 34.27
N LYS A 402 -15.58 12.21 35.47
CA LYS A 402 -16.41 11.18 36.12
C LYS A 402 -16.53 9.94 35.23
N ARG A 403 -15.39 9.50 34.68
CA ARG A 403 -15.32 8.36 33.78
C ARG A 403 -13.99 7.63 33.97
N THR A 404 -13.93 6.40 33.50
CA THR A 404 -12.70 5.62 33.53
C THR A 404 -12.04 5.67 32.15
N ILE A 405 -10.76 6.02 32.13
CA ILE A 405 -9.98 6.10 30.91
C ILE A 405 -9.07 4.88 30.87
N PHE A 406 -9.42 3.93 30.01
CA PHE A 406 -8.72 2.66 30.00
C PHE A 406 -7.41 2.80 29.25
N ALA A 407 -6.41 2.07 29.72
CA ALA A 407 -5.05 2.20 29.22
C ALA A 407 -4.61 0.97 28.44
N HIS A 408 -4.66 -0.21 29.02
CA HIS A 408 -4.24 -1.40 28.31
C HIS A 408 -5.20 -2.54 28.56
N ILE A 409 -5.55 -3.27 27.50
CA ILE A 409 -6.43 -4.43 27.61
C ILE A 409 -5.72 -5.66 27.06
N SER A 410 -5.70 -6.72 27.85
CA SER A 410 -5.37 -8.05 27.36
C SER A 410 -6.66 -8.83 27.20
N HIS A 411 -6.86 -9.41 26.02
CA HIS A 411 -8.11 -10.11 25.72
C HIS A 411 -7.89 -11.03 24.54
N SER A 412 -8.93 -11.82 24.25
CA SER A 412 -8.99 -12.72 23.09
C SER A 412 -10.26 -12.53 22.27
N ILE A 413 -10.80 -11.30 22.24
CA ILE A 413 -11.84 -10.94 21.28
C ILE A 413 -11.34 -11.23 19.86
N ASN A 414 -12.25 -11.66 18.99
CA ASN A 414 -11.86 -12.01 17.63
C ASN A 414 -12.87 -11.46 16.64
N ILE A 415 -12.56 -11.64 15.36
CA ILE A 415 -13.38 -11.01 14.34
C ILE A 415 -14.79 -11.57 14.36
N ILE A 416 -14.94 -12.84 14.77
CA ILE A 416 -16.27 -13.43 14.86
C ILE A 416 -17.10 -12.68 15.91
N ASP A 417 -16.58 -12.60 17.15
CA ASP A 417 -17.28 -11.90 18.22
C ASP A 417 -17.89 -10.58 17.74
N THR A 418 -17.14 -9.83 16.93
CA THR A 418 -17.58 -8.54 16.43
C THR A 418 -18.57 -8.67 15.30
N SER A 419 -18.78 -9.88 14.79
CA SER A 419 -19.70 -10.15 13.71
C SER A 419 -21.00 -10.81 14.19
N ILE A 420 -21.14 -11.03 15.48
CA ILE A 420 -22.35 -11.65 15.99
C ILE A 420 -23.50 -10.66 16.03
N PRO A 421 -24.62 -10.92 15.35
CA PRO A 421 -25.77 -10.01 15.48
C PRO A 421 -26.34 -10.11 16.87
N VAL A 422 -26.84 -8.97 17.36
CA VAL A 422 -27.29 -8.92 18.73
C VAL A 422 -28.47 -9.87 18.94
N SER A 423 -29.33 -10.04 17.92
CA SER A 423 -30.48 -10.94 18.04
C SER A 423 -30.05 -12.32 18.53
N LEU A 424 -28.90 -12.81 18.07
CA LEU A 424 -28.46 -14.14 18.46
C LEU A 424 -28.19 -14.22 19.95
N TRP A 425 -27.77 -13.11 20.58
CA TRP A 425 -27.49 -13.16 22.01
C TRP A 425 -28.74 -13.33 22.83
N THR A 426 -29.89 -12.89 22.32
CA THR A 426 -31.13 -12.90 23.07
C THR A 426 -32.15 -13.88 22.51
N SER A 427 -31.69 -14.86 21.73
CA SER A 427 -32.59 -15.77 21.03
C SER A 427 -33.21 -16.79 21.99
N GLN A 428 -34.31 -17.40 21.52
CA GLN A 428 -34.97 -18.41 22.32
C GLN A 428 -34.07 -19.61 22.57
N ARG A 429 -33.08 -19.87 21.70
CA ARG A 429 -32.18 -20.98 21.99
CA ARG A 429 -32.11 -20.94 21.94
C ARG A 429 -31.31 -20.71 23.20
N ASN A 430 -31.21 -19.46 23.65
CA ASN A 430 -30.34 -19.10 24.76
C ASN A 430 -31.10 -19.22 26.08
N VAL A 431 -30.60 -20.10 26.95
CA VAL A 431 -31.22 -20.22 28.26
C VAL A 431 -30.97 -19.00 29.10
N TYR A 432 -29.93 -18.21 28.81
CA TYR A 432 -29.65 -17.04 29.63
C TYR A 432 -30.36 -15.81 29.08
N ASN A 433 -30.47 -14.77 29.92
CA ASN A 433 -30.94 -13.48 29.43
C ASN A 433 -30.11 -13.04 28.23
N GLY A 434 -28.77 -13.08 28.36
CA GLY A 434 -27.91 -13.02 27.20
C GLY A 434 -27.18 -11.71 27.01
N ASP A 435 -27.91 -10.60 27.03
CA ASP A 435 -27.38 -9.28 26.75
C ASP A 435 -27.53 -8.45 28.02
N ASN A 436 -26.48 -8.43 28.83
CA ASN A 436 -26.53 -7.77 30.12
C ASN A 436 -25.88 -6.40 30.10
N ARG A 437 -25.72 -5.81 28.92
CA ARG A 437 -25.22 -4.45 28.80
C ARG A 437 -26.22 -3.46 29.37
N SER A 438 -25.74 -2.26 29.64
CA SER A 438 -26.59 -1.17 30.05
C SER A 438 -27.51 -0.76 28.91
N ALA A 439 -28.53 0.01 29.24
CA ALA A 439 -29.40 0.51 28.19
C ALA A 439 -28.65 1.45 27.28
N GLU A 440 -27.80 2.30 27.86
CA GLU A 440 -27.07 3.29 27.07
C GLU A 440 -26.24 2.62 25.99
N SER A 441 -25.59 1.51 26.33
CA SER A 441 -24.83 0.76 25.34
C SER A 441 -25.75 0.20 24.26
N LYS A 442 -26.87 -0.38 24.67
CA LYS A 442 -27.77 -1.00 23.71
C LYS A 442 -28.27 0.03 22.70
N ALA A 443 -28.49 1.26 23.13
CA ALA A 443 -28.92 2.32 22.24
C ALA A 443 -27.92 2.56 21.12
N LYS A 444 -26.65 2.34 21.40
CA LYS A 444 -25.58 2.62 20.46
C LYS A 444 -25.44 1.55 19.37
N ASP A 445 -26.17 0.43 19.46
CA ASP A 445 -26.09 -0.62 18.46
C ASP A 445 -26.50 -0.10 17.09
N LEU A 446 -25.90 -0.66 16.04
CA LEU A 446 -26.13 -0.18 14.69
C LEU A 446 -26.64 -1.30 13.79
N PHE A 447 -27.57 -0.93 12.91
CA PHE A 447 -28.00 -1.81 11.83
C PHE A 447 -26.97 -1.80 10.71
N ILE A 448 -26.55 -3.00 10.28
CA ILE A 448 -25.64 -3.18 9.15
C ILE A 448 -26.31 -4.14 8.19
N ASN A 449 -26.54 -3.68 6.96
CA ASN A 449 -27.15 -4.51 5.91
C ASN A 449 -26.32 -4.59 4.64
N ASP A 450 -25.01 -4.46 4.77
CA ASP A 450 -24.14 -4.52 3.60
C ASP A 450 -24.44 -5.75 2.75
N PRO A 451 -24.70 -5.59 1.45
CA PRO A 451 -25.14 -6.73 0.65
C PRO A 451 -24.02 -7.65 0.18
N PHE A 452 -22.75 -7.28 0.38
CA PHE A 452 -21.64 -7.98 -0.25
C PHE A 452 -20.76 -8.72 0.74
N ILE A 453 -21.28 -9.01 1.93
CA ILE A 453 -20.50 -9.72 2.95
C ILE A 453 -20.29 -11.15 2.51
N LYS A 454 -19.06 -11.63 2.64
CA LYS A 454 -18.74 -13.03 2.37
C LYS A 454 -18.38 -13.70 3.69
N GLY A 455 -18.45 -15.04 3.69
CA GLY A 455 -18.10 -15.79 4.89
C GLY A 455 -19.14 -15.67 5.99
N ILE A 456 -18.67 -15.72 7.24
CA ILE A 456 -19.53 -15.59 8.42
C ILE A 456 -19.00 -14.57 9.41
N ASP A 457 -17.96 -13.83 9.03
CA ASP A 457 -17.46 -12.71 9.80
C ASP A 457 -17.21 -11.53 8.88
N PHE A 458 -17.21 -10.32 9.46
CA PHE A 458 -17.12 -9.10 8.67
C PHE A 458 -15.88 -9.02 7.77
N LYS A 459 -14.86 -9.86 7.98
CA LYS A 459 -13.64 -9.82 7.17
C LYS A 459 -13.50 -11.02 6.25
N ASN A 460 -14.48 -11.90 6.17
CA ASN A 460 -14.32 -13.17 5.48
C ASN A 460 -13.04 -13.89 5.93
N LYS A 461 -12.68 -13.71 7.20
CA LYS A 461 -11.45 -14.33 7.70
C LYS A 461 -11.61 -15.83 7.88
N THR A 462 -12.73 -16.25 8.46
CA THR A 462 -12.92 -17.65 8.80
C THR A 462 -13.25 -18.45 7.55
N ASP A 463 -12.51 -19.54 7.36
CA ASP A 463 -12.76 -20.47 6.26
C ASP A 463 -13.70 -21.56 6.76
N ILE A 464 -14.98 -21.45 6.40
CA ILE A 464 -15.95 -22.44 6.86
C ILE A 464 -16.12 -23.62 5.90
N ILE A 465 -15.51 -23.57 4.72
CA ILE A 465 -15.57 -24.68 3.78
C ILE A 465 -14.42 -25.63 4.07
N SER A 466 -14.73 -26.88 4.33
CA SER A 466 -13.71 -27.86 4.67
C SER A 466 -13.30 -28.71 3.47
N ARG A 467 -14.17 -28.85 2.48
CA ARG A 467 -13.91 -29.62 1.27
C ARG A 467 -14.83 -29.08 0.19
N LEU A 468 -14.33 -29.08 -1.05
CA LEU A 468 -15.10 -28.64 -2.20
C LEU A 468 -15.01 -29.70 -3.29
N GLU A 469 -16.15 -30.00 -3.91
CA GLU A 469 -16.26 -30.94 -5.01
C GLU A 469 -17.02 -30.29 -6.15
N VAL A 470 -16.47 -30.35 -7.37
CA VAL A 470 -17.17 -29.90 -8.56
C VAL A 470 -17.32 -31.07 -9.51
N ARG A 471 -18.54 -31.28 -9.99
CA ARG A 471 -18.89 -32.36 -10.91
C ARG A 471 -19.39 -31.77 -12.22
N PHE A 472 -18.85 -32.28 -13.33
CA PHE A 472 -19.34 -31.98 -14.66
C PHE A 472 -20.23 -33.17 -15.05
N GLY A 473 -21.51 -32.92 -15.22
CA GLY A 473 -22.44 -34.03 -15.31
C GLY A 473 -22.43 -34.78 -13.99
N ASN A 474 -22.03 -36.04 -14.04
CA ASN A 474 -22.02 -36.88 -12.85
C ASN A 474 -20.62 -37.31 -12.47
N ASP A 475 -19.63 -36.98 -13.31
CA ASP A 475 -18.23 -37.26 -13.03
C ASP A 475 -17.58 -36.12 -12.26
N VAL A 476 -16.67 -36.46 -11.36
CA VAL A 476 -15.97 -35.45 -10.57
C VAL A 476 -14.96 -34.74 -11.46
N LEU A 477 -15.09 -33.41 -11.54
CA LEU A 477 -14.20 -32.56 -12.31
C LEU A 477 -13.04 -32.03 -11.47
N TYR A 478 -13.33 -31.59 -10.25
CA TYR A 478 -12.29 -31.09 -9.36
C TYR A 478 -12.70 -31.34 -7.92
N SER A 479 -11.72 -31.62 -7.08
CA SER A 479 -11.98 -31.71 -5.65
C SER A 479 -10.74 -31.28 -4.89
N GLU A 480 -10.93 -30.58 -3.77
CA GLU A 480 -9.82 -30.09 -2.98
C GLU A 480 -10.17 -30.12 -1.50
N ASN A 481 -9.16 -30.33 -0.67
CA ASN A 481 -9.31 -30.35 0.78
C ASN A 481 -8.75 -29.10 1.48
N GLY A 482 -8.10 -28.21 0.75
CA GLY A 482 -7.78 -26.89 1.24
C GLY A 482 -8.12 -25.91 0.15
N PRO A 483 -8.00 -24.61 0.44
CA PRO A 483 -8.41 -23.62 -0.57
C PRO A 483 -7.36 -23.41 -1.66
N ILE A 484 -6.76 -24.50 -2.13
CA ILE A 484 -5.68 -24.37 -3.10
C ILE A 484 -6.17 -23.64 -4.35
N SER A 485 -7.46 -23.76 -4.68
CA SER A 485 -8.02 -23.03 -5.81
C SER A 485 -8.17 -21.54 -5.52
N ARG A 486 -8.35 -21.16 -4.26
CA ARG A 486 -8.41 -19.74 -3.94
C ARG A 486 -7.01 -19.13 -3.90
N ILE A 487 -6.04 -19.89 -3.40
CA ILE A 487 -4.64 -19.49 -3.48
C ILE A 487 -4.26 -19.19 -4.93
N TYR A 488 -4.63 -20.09 -5.86
CA TYR A 488 -4.29 -19.83 -7.25
C TYR A 488 -5.08 -18.63 -7.80
N ASN A 489 -6.28 -18.38 -7.26
CA ASN A 489 -7.08 -17.26 -7.74
C ASN A 489 -6.47 -15.94 -7.31
N GLU A 490 -6.07 -15.86 -6.05
CA GLU A 490 -5.44 -14.65 -5.54
C GLU A 490 -4.11 -14.39 -6.25
N LEU A 491 -3.35 -15.46 -6.49
CA LEU A 491 -2.10 -15.37 -7.26
C LEU A 491 -2.34 -14.89 -8.69
N LEU A 492 -3.07 -15.68 -9.48
CA LEU A 492 -3.19 -15.35 -10.90
C LEU A 492 -3.87 -14.01 -11.13
N THR A 493 -4.70 -13.56 -10.20
CA THR A 493 -5.34 -12.27 -10.42
C THR A 493 -4.73 -11.17 -9.58
N LYS A 494 -3.66 -11.47 -8.83
CA LYS A 494 -2.98 -10.51 -7.97
C LYS A 494 -4.02 -9.77 -7.12
N SER A 495 -4.74 -10.56 -6.35
CA SER A 495 -5.83 -10.13 -5.45
C SER A 495 -5.61 -10.79 -4.10
N ASN A 496 -5.98 -10.10 -3.02
CA ASN A 496 -5.96 -10.74 -1.71
C ASN A 496 -7.37 -11.00 -1.19
N ASN A 497 -8.38 -10.86 -2.05
CA ASN A 497 -9.74 -11.26 -1.74
C ASN A 497 -10.27 -12.11 -2.90
N GLY A 498 -9.61 -13.23 -3.12
CA GLY A 498 -10.06 -14.17 -4.12
C GLY A 498 -11.14 -15.10 -3.59
N THR A 499 -11.48 -16.07 -4.44
CA THR A 499 -12.45 -17.10 -4.12
C THR A 499 -11.93 -18.44 -4.64
N ARG A 500 -12.55 -19.53 -4.19
CA ARG A 500 -12.24 -20.84 -4.77
C ARG A 500 -12.73 -20.84 -6.20
N THR A 501 -11.81 -20.80 -7.15
CA THR A 501 -12.13 -20.55 -8.56
C THR A 501 -11.42 -21.56 -9.42
N LEU A 502 -12.16 -22.19 -10.32
CA LEU A 502 -11.61 -23.09 -11.32
C LEU A 502 -11.55 -22.30 -12.62
N THR A 503 -10.35 -22.03 -13.10
CA THR A 503 -10.20 -21.26 -14.31
C THR A 503 -9.82 -22.19 -15.44
N PHE A 504 -10.60 -22.15 -16.51
CA PHE A 504 -10.25 -22.99 -17.64
C PHE A 504 -9.53 -22.23 -18.74
N ASN A 505 -9.68 -20.91 -18.81
CA ASN A 505 -9.09 -20.11 -19.87
C ASN A 505 -7.75 -19.50 -19.44
N PHE A 506 -6.65 -20.01 -19.97
CA PHE A 506 -5.34 -19.43 -19.73
C PHE A 506 -4.77 -18.80 -20.97
N THR A 507 -5.57 -18.71 -22.02
CA THR A 507 -5.31 -18.10 -23.31
C THR A 507 -5.54 -16.60 -23.18
N PRO A 508 -4.73 -15.77 -23.81
CA PRO A 508 -4.88 -14.32 -23.65
C PRO A 508 -6.20 -13.82 -24.23
N LYS A 509 -6.85 -12.91 -23.50
CA LYS A 509 -8.15 -12.39 -23.90
C LYS A 509 -8.08 -11.58 -25.20
N ILE A 510 -9.19 -11.58 -25.94
CA ILE A 510 -9.42 -10.72 -27.10
C ILE A 510 -8.69 -11.26 -28.33
N PHE A 511 -7.39 -11.47 -28.23
CA PHE A 511 -6.66 -11.90 -29.41
C PHE A 511 -6.84 -13.38 -29.69
N PHE A 512 -7.41 -14.13 -28.76
CA PHE A 512 -7.77 -15.52 -29.01
C PHE A 512 -9.21 -15.79 -28.58
N ARG A 513 -9.77 -16.83 -29.14
CA ARG A 513 -11.00 -17.36 -28.60
C ARG A 513 -10.67 -18.05 -27.27
N PRO A 514 -11.40 -17.75 -26.20
CA PRO A 514 -11.10 -18.37 -24.92
C PRO A 514 -11.24 -19.88 -24.95
N THR A 515 -10.34 -20.54 -24.20
CA THR A 515 -10.46 -21.96 -23.87
C THR A 515 -11.57 -22.17 -22.85
N THR A 516 -12.37 -23.22 -23.05
CA THR A 516 -13.54 -23.44 -22.22
C THR A 516 -13.72 -24.92 -21.96
N ILE A 517 -14.20 -25.23 -20.75
CA ILE A 517 -14.70 -26.57 -20.48
C ILE A 517 -15.94 -26.77 -21.34
N THR A 518 -16.12 -27.98 -21.87
CA THR A 518 -16.98 -28.17 -23.02
C THR A 518 -17.89 -29.38 -22.87
N ALA A 519 -19.19 -29.18 -23.12
CA ALA A 519 -20.22 -30.16 -22.79
C ALA A 519 -20.23 -31.33 -23.77
N ASN A 520 -20.81 -32.45 -23.31
CA ASN A 520 -21.19 -33.55 -24.19
C ASN A 520 -22.68 -33.55 -24.52
N VAL A 521 -23.53 -33.27 -23.53
CA VAL A 521 -24.99 -33.24 -23.62
C VAL A 521 -25.52 -34.67 -23.79
N SER A 522 -24.93 -35.39 -24.75
CA SER A 522 -25.19 -36.81 -24.91
C SER A 522 -24.93 -37.57 -23.60
N ARG A 523 -23.72 -37.46 -23.06
CA ARG A 523 -23.35 -38.17 -21.85
C ARG A 523 -23.85 -37.50 -20.56
N GLY A 524 -24.82 -36.58 -20.65
CA GLY A 524 -25.35 -35.87 -19.48
C GLY A 524 -24.49 -34.74 -18.95
N LYS A 525 -23.39 -34.41 -19.63
CA LYS A 525 -22.41 -33.47 -19.11
C LYS A 525 -22.67 -32.06 -19.66
N ASP A 526 -23.76 -31.45 -19.16
CA ASP A 526 -24.11 -30.07 -19.47
C ASP A 526 -24.41 -29.27 -18.21
N LYS A 527 -23.81 -29.66 -17.09
CA LYS A 527 -24.11 -28.97 -15.84
C LYS A 527 -22.95 -29.15 -14.88
N LEU A 528 -22.67 -28.09 -14.12
CA LEU A 528 -21.66 -28.08 -13.07
C LEU A 528 -22.38 -28.08 -11.72
N SER A 529 -22.02 -29.06 -10.89
CA SER A 529 -22.66 -29.25 -9.59
C SER A 529 -21.62 -29.12 -8.50
N VAL A 530 -21.89 -28.25 -7.53
CA VAL A 530 -20.96 -27.97 -6.46
C VAL A 530 -21.48 -28.65 -5.20
N ARG A 531 -20.61 -29.39 -4.52
CA ARG A 531 -20.88 -29.86 -3.16
C ARG A 531 -19.69 -29.48 -2.30
N VAL A 532 -19.95 -28.74 -1.24
CA VAL A 532 -18.92 -28.44 -0.25
C VAL A 532 -19.26 -29.19 1.03
N VAL A 533 -18.24 -29.47 1.84
CA VAL A 533 -18.45 -29.86 3.23
C VAL A 533 -18.11 -28.66 4.10
N TYR A 534 -19.11 -28.13 4.79
CA TYR A 534 -18.87 -27.08 5.76
C TYR A 534 -18.31 -27.68 7.03
N SER A 535 -17.36 -26.97 7.66
CA SER A 535 -17.00 -27.33 9.02
C SER A 535 -18.11 -26.92 9.97
N THR A 536 -18.25 -27.65 11.07
CA THR A 536 -19.34 -27.42 12.00
C THR A 536 -18.83 -26.70 13.23
N MET A 537 -19.59 -25.70 13.68
CA MET A 537 -19.19 -24.89 14.81
C MET A 537 -19.77 -25.46 16.09
N ASP A 538 -19.36 -24.83 17.19
CA ASP A 538 -19.89 -25.21 18.49
C ASP A 538 -21.32 -24.71 18.61
N VAL A 539 -22.22 -25.58 19.04
CA VAL A 539 -23.61 -25.16 19.18
C VAL A 539 -23.80 -24.21 20.33
N ASN A 540 -22.80 -24.03 21.18
CA ASN A 540 -22.94 -23.13 22.30
C ASN A 540 -22.32 -21.77 22.06
N HIS A 541 -21.67 -21.57 20.91
CA HIS A 541 -21.25 -20.25 20.46
C HIS A 541 -22.36 -19.62 19.64
N PRO A 542 -22.71 -18.36 19.87
CA PRO A 542 -23.75 -17.72 19.05
C PRO A 542 -23.49 -17.76 17.56
N ILE A 543 -22.23 -17.85 17.11
CA ILE A 543 -21.97 -17.81 15.67
C ILE A 543 -22.60 -18.98 14.94
N TYR A 544 -22.85 -20.09 15.64
CA TYR A 544 -23.46 -21.27 15.05
C TYR A 544 -24.75 -20.95 14.31
N TYR A 545 -25.47 -19.92 14.75
CA TYR A 545 -26.82 -19.64 14.29
C TYR A 545 -26.88 -18.60 13.19
N VAL A 546 -25.72 -18.24 12.64
CA VAL A 546 -25.68 -17.39 11.45
C VAL A 546 -25.92 -18.28 10.25
N GLN A 547 -26.94 -17.96 9.47
CA GLN A 547 -27.26 -18.73 8.29
C GLN A 547 -26.18 -18.57 7.21
N LYS A 548 -25.98 -19.61 6.43
CA LYS A 548 -24.98 -19.63 5.38
C LYS A 548 -25.65 -19.79 4.02
N GLN A 549 -25.06 -19.17 3.01
CA GLN A 549 -25.53 -19.36 1.64
C GLN A 549 -24.35 -19.60 0.71
N LEU A 550 -24.51 -20.55 -0.19
CA LEU A 550 -23.47 -20.98 -1.12
C LEU A 550 -23.66 -20.29 -2.47
N VAL A 551 -22.67 -19.53 -2.92
CA VAL A 551 -22.76 -18.80 -4.18
C VAL A 551 -21.84 -19.44 -5.19
N VAL A 552 -22.40 -19.81 -6.34
CA VAL A 552 -21.63 -20.38 -7.43
C VAL A 552 -21.80 -19.49 -8.64
N VAL A 553 -20.69 -18.97 -9.17
CA VAL A 553 -20.69 -18.07 -10.30
C VAL A 553 -20.07 -18.76 -11.50
N CYS A 554 -20.76 -18.70 -12.64
CA CYS A 554 -20.32 -19.31 -13.88
C CYS A 554 -20.12 -18.25 -14.96
N ASN A 555 -19.05 -18.40 -15.75
CA ASN A 555 -18.77 -17.53 -16.89
C ASN A 555 -18.92 -18.30 -18.19
N ASP A 556 -19.96 -17.96 -18.97
CA ASP A 556 -20.25 -18.68 -20.21
C ASP A 556 -19.73 -17.91 -21.41
N LEU A 557 -19.12 -18.63 -22.34
CA LEU A 557 -18.65 -18.01 -23.57
C LEU A 557 -19.82 -17.69 -24.49
N TYR A 558 -19.81 -16.48 -25.04
CA TYR A 558 -20.73 -16.09 -26.08
C TYR A 558 -19.96 -15.51 -27.27
N LYS A 559 -20.49 -15.72 -28.48
CA LYS A 559 -20.01 -15.04 -29.68
C LYS A 559 -20.80 -13.75 -29.91
N VAL A 560 -20.08 -12.71 -30.32
CA VAL A 560 -20.68 -11.41 -30.61
C VAL A 560 -20.63 -11.18 -32.11
N SER A 561 -21.80 -10.98 -32.70
CA SER A 561 -21.95 -10.63 -34.10
C SER A 561 -22.57 -9.25 -34.20
N TYR A 562 -22.31 -8.56 -35.30
CA TYR A 562 -22.75 -7.17 -35.45
C TYR A 562 -23.61 -6.99 -36.71
N ASP A 563 -24.23 -8.07 -37.19
CA ASP A 563 -24.95 -8.08 -38.46
C ASP A 563 -26.39 -7.62 -38.27
N GLN A 564 -26.65 -6.33 -38.56
CA GLN A 564 -27.95 -5.70 -38.35
C GLN A 564 -28.28 -5.75 -36.86
N GLY A 565 -27.84 -4.74 -36.13
CA GLY A 565 -27.92 -4.75 -34.68
C GLY A 565 -26.88 -5.67 -34.06
N VAL A 566 -26.55 -5.38 -32.80
CA VAL A 566 -25.65 -6.23 -32.05
C VAL A 566 -26.41 -7.42 -31.47
N SER A 567 -25.75 -8.56 -31.39
CA SER A 567 -26.38 -9.76 -30.86
C SER A 567 -25.30 -10.65 -30.28
N ILE A 568 -25.68 -11.46 -29.28
CA ILE A 568 -24.78 -12.49 -28.78
C ILE A 568 -25.41 -13.86 -29.04
N THR A 569 -24.55 -14.86 -28.97
CA THR A 569 -24.94 -16.22 -29.24
C THR A 569 -24.19 -17.11 -28.28
N LYS A 570 -24.91 -17.95 -27.55
CA LYS A 570 -24.24 -18.84 -26.60
C LYS A 570 -23.51 -19.94 -27.37
N ILE A 571 -22.23 -20.12 -27.04
CA ILE A 571 -21.44 -21.19 -27.63
C ILE A 571 -21.85 -22.53 -27.04
N MET A 572 -22.06 -23.53 -27.90
CA MET A 572 -22.38 -24.86 -27.41
C MET A 572 -21.35 -25.87 -27.86
N GLY B 24 -5.15 -41.05 -13.98
CA GLY B 24 -4.04 -40.57 -13.17
C GLY B 24 -4.44 -39.39 -12.32
N ALA B 25 -3.52 -38.42 -12.19
CA ALA B 25 -3.82 -37.19 -11.46
C ALA B 25 -4.66 -36.22 -12.29
N MET B 26 -4.55 -36.31 -13.62
CA MET B 26 -5.51 -35.67 -14.51
C MET B 26 -6.84 -36.41 -14.46
N ASN B 27 -7.87 -35.78 -13.89
CA ASN B 27 -9.13 -36.46 -13.64
C ASN B 27 -9.73 -36.99 -14.95
N ASN B 28 -10.52 -38.07 -14.82
CA ASN B 28 -11.06 -38.82 -15.96
C ASN B 28 -12.07 -38.02 -16.78
N THR B 29 -12.48 -36.85 -16.33
CA THR B 29 -13.35 -35.96 -17.10
C THR B 29 -12.56 -35.06 -18.06
N ILE B 30 -11.44 -34.50 -17.60
CA ILE B 30 -10.63 -33.63 -18.46
C ILE B 30 -10.05 -34.44 -19.64
N ILE B 31 -9.63 -35.68 -19.39
CA ILE B 31 -9.05 -36.50 -20.48
C ILE B 31 -10.12 -36.88 -21.49
N ASN B 32 -11.37 -37.07 -21.05
CA ASN B 32 -12.39 -37.68 -21.88
C ASN B 32 -12.75 -36.79 -23.08
N SER B 33 -13.10 -35.52 -22.81
CA SER B 33 -13.57 -34.62 -23.87
C SER B 33 -12.41 -34.06 -24.68
N LEU B 34 -11.29 -34.77 -24.74
CA LEU B 34 -10.14 -34.37 -25.55
C LEU B 34 -9.64 -35.58 -26.35
N SER B 40 -9.71 -31.11 -36.88
CA SER B 40 -8.74 -30.62 -37.85
C SER B 40 -9.02 -29.15 -38.24
N ILE B 41 -8.63 -28.23 -37.35
CA ILE B 41 -8.85 -26.79 -37.52
C ILE B 41 -7.48 -26.11 -37.39
N LYS B 42 -7.33 -24.95 -38.05
CA LYS B 42 -6.05 -24.24 -38.07
C LYS B 42 -5.87 -23.44 -36.78
N ARG B 43 -4.85 -23.79 -35.99
CA ARG B 43 -4.70 -23.31 -34.61
C ARG B 43 -3.39 -22.54 -34.42
N SER B 44 -3.45 -21.49 -33.59
CA SER B 44 -2.23 -20.81 -33.15
C SER B 44 -1.64 -21.55 -31.97
N ASN B 45 -0.34 -21.80 -32.02
CA ASN B 45 0.39 -22.42 -30.91
C ASN B 45 0.46 -21.44 -29.75
N VAL B 46 -0.27 -21.74 -28.67
CA VAL B 46 -0.11 -21.02 -27.41
C VAL B 46 0.77 -21.80 -26.42
N PHE B 47 1.40 -22.89 -26.87
CA PHE B 47 2.29 -23.66 -26.01
C PHE B 47 3.73 -23.66 -26.48
N ALA B 48 4.04 -22.94 -27.55
CA ALA B 48 5.43 -22.67 -27.90
C ALA B 48 5.48 -21.34 -28.63
N VAL B 49 6.66 -20.76 -28.67
CA VAL B 49 6.86 -19.54 -29.44
C VAL B 49 8.13 -19.70 -30.26
N ASP B 50 8.20 -18.94 -31.35
CA ASP B 50 9.44 -18.83 -32.12
C ASP B 50 10.33 -17.80 -31.45
N SER B 51 11.48 -18.24 -30.93
CA SER B 51 12.48 -17.31 -30.38
C SER B 51 13.17 -16.53 -31.49
N GLN B 52 12.65 -15.35 -31.80
CA GLN B 52 13.26 -14.51 -32.81
C GLN B 52 14.45 -13.76 -32.20
N ILE B 53 15.52 -13.64 -32.99
CA ILE B 53 16.78 -13.11 -32.48
C ILE B 53 16.73 -11.57 -32.51
N PRO B 54 17.11 -10.90 -31.44
CA PRO B 54 17.06 -9.44 -31.42
C PRO B 54 18.31 -8.80 -32.03
N THR B 55 18.18 -7.50 -32.27
CA THR B 55 19.34 -6.66 -32.54
C THR B 55 20.44 -6.96 -31.54
N LEU B 56 21.65 -7.19 -32.05
CA LEU B 56 22.81 -7.33 -31.18
C LEU B 56 23.15 -5.97 -30.59
N TYR B 57 23.04 -5.86 -29.26
CA TYR B 57 23.37 -4.63 -28.56
C TYR B 57 23.96 -5.01 -27.22
N MET B 58 24.39 -3.99 -26.47
CA MET B 58 24.90 -4.17 -25.16
C MET B 58 24.59 -2.92 -24.35
N PRO B 59 24.00 -3.05 -23.16
CA PRO B 59 23.66 -1.88 -22.38
C PRO B 59 24.75 -1.54 -21.39
N GLN B 60 24.76 -0.28 -20.94
CA GLN B 60 25.64 0.14 -19.86
C GLN B 60 25.02 1.32 -19.13
N TYR B 61 25.07 1.29 -17.79
CA TYR B 61 24.80 2.49 -17.03
C TYR B 61 25.99 3.45 -17.14
N ILE B 62 25.71 4.70 -17.49
CA ILE B 62 26.72 5.75 -17.61
C ILE B 62 26.31 6.92 -16.71
N SER B 63 27.23 7.39 -15.88
CA SER B 63 27.02 8.64 -15.16
C SER B 63 27.98 9.71 -15.68
N LEU B 64 27.59 10.97 -15.50
CA LEU B 64 28.35 12.13 -15.99
C LEU B 64 28.21 13.28 -15.02
N SER B 65 29.27 14.05 -14.84
CA SER B 65 29.18 15.16 -13.90
C SER B 65 28.81 16.48 -14.57
N GLY B 66 29.03 16.61 -15.88
CA GLY B 66 28.64 17.86 -16.52
C GLY B 66 29.30 19.13 -15.97
N VAL B 67 28.69 20.27 -16.31
CA VAL B 67 29.23 21.59 -16.03
C VAL B 67 28.15 22.43 -15.39
N MET B 68 28.55 23.32 -14.48
CA MET B 68 27.59 24.16 -13.78
C MET B 68 27.77 25.63 -14.15
N THR B 69 26.65 26.34 -14.27
CA THR B 69 26.63 27.76 -14.51
C THR B 69 25.49 28.36 -13.70
N ASN B 70 25.63 29.63 -13.33
CA ASN B 70 24.61 30.30 -12.53
C ASN B 70 24.05 31.53 -13.26
N ASP B 71 23.62 31.36 -14.50
CA ASP B 71 22.99 32.47 -15.22
C ASP B 71 21.64 32.08 -15.83
N ASP B 74 17.25 34.85 -12.83
CA ASP B 74 17.70 35.50 -11.59
C ASP B 74 18.99 34.90 -11.07
N ASN B 75 19.92 34.58 -11.98
CA ASN B 75 21.16 33.86 -11.63
C ASN B 75 20.83 32.45 -11.12
N GLN B 76 20.00 31.74 -11.87
CA GLN B 76 19.60 30.38 -11.51
C GLN B 76 20.64 29.38 -12.00
N ALA B 77 20.95 28.40 -11.16
CA ALA B 77 21.93 27.38 -11.50
C ALA B 77 21.44 26.53 -12.65
N ILE B 78 22.35 26.12 -13.52
CA ILE B 78 21.98 25.34 -14.70
C ILE B 78 23.06 24.29 -14.91
N ALA B 79 22.74 23.04 -14.66
CA ALA B 79 23.60 21.93 -15.05
C ALA B 79 23.36 21.58 -16.51
N SER B 80 24.43 21.28 -17.22
CA SER B 80 24.32 20.84 -18.58
C SER B 80 25.31 19.69 -18.78
N PHE B 81 24.85 18.64 -19.45
CA PHE B 81 25.61 17.42 -19.63
C PHE B 81 25.64 17.13 -21.11
N GLU B 82 26.84 16.93 -21.66
CA GLU B 82 27.00 16.62 -23.06
C GLU B 82 27.30 15.13 -23.22
N ILE B 83 26.50 14.48 -24.06
CA ILE B 83 26.69 13.08 -24.40
C ILE B 83 27.20 13.06 -25.83
N ARG B 84 28.48 12.78 -25.99
CA ARG B 84 29.11 12.73 -27.31
C ARG B 84 30.05 11.54 -27.28
N ASP B 85 29.67 10.48 -27.97
CA ASP B 85 30.43 9.23 -27.93
C ASP B 85 29.92 8.40 -29.09
N GLN B 86 30.82 8.01 -30.00
CA GLN B 86 30.36 7.30 -31.18
C GLN B 86 29.85 5.92 -30.84
N TYR B 87 30.10 5.43 -29.64
CA TYR B 87 29.75 4.07 -29.30
C TYR B 87 28.44 3.98 -28.53
N ILE B 88 27.80 5.11 -28.24
CA ILE B 88 26.46 5.15 -27.64
C ILE B 88 25.48 5.41 -28.78
N THR B 89 24.79 4.36 -29.21
CA THR B 89 23.77 4.48 -30.25
C THR B 89 22.48 5.11 -29.71
N ALA B 90 22.02 4.65 -28.54
CA ALA B 90 20.80 5.18 -27.95
C ALA B 90 20.91 5.22 -26.43
N LEU B 91 19.89 5.81 -25.81
CA LEU B 91 19.83 5.97 -24.37
C LEU B 91 18.38 6.21 -23.95
N ASN B 92 18.14 6.01 -22.65
CA ASN B 92 16.86 6.32 -22.01
C ASN B 92 17.08 6.20 -20.50
N HIS B 93 16.00 6.35 -19.73
CA HIS B 93 16.01 6.22 -18.27
C HIS B 93 17.06 7.14 -17.65
N LEU B 94 16.81 8.44 -17.80
CA LEU B 94 17.67 9.45 -17.22
C LEU B 94 17.39 9.54 -15.72
N VAL B 95 18.44 9.55 -14.92
CA VAL B 95 18.34 9.77 -13.49
C VAL B 95 19.33 10.87 -13.12
N LEU B 96 18.85 11.91 -12.45
CA LEU B 96 19.68 12.96 -11.93
C LEU B 96 19.88 12.73 -10.45
N SER B 97 21.14 12.71 -9.99
CA SER B 97 21.42 12.64 -8.56
C SER B 97 21.90 14.00 -8.06
N LEU B 98 21.50 14.34 -6.84
CA LEU B 98 21.86 15.59 -6.20
C LEU B 98 22.41 15.33 -4.82
N GLU B 99 23.56 15.93 -4.51
CA GLU B 99 24.16 15.80 -3.20
C GLU B 99 23.63 16.90 -2.29
N LEU B 100 22.93 16.52 -1.26
CA LEU B 100 22.46 17.47 -0.25
C LEU B 100 23.52 17.62 0.83
N PRO B 101 23.96 18.84 1.14
CA PRO B 101 25.06 19.03 2.08
C PRO B 101 24.60 18.98 3.54
N GLU B 102 25.56 18.72 4.41
CA GLU B 102 25.32 18.83 5.85
C GLU B 102 24.84 20.23 6.21
N VAL B 103 23.85 20.32 7.10
CA VAL B 103 23.24 21.59 7.47
C VAL B 103 23.50 21.83 8.96
N LYS B 104 24.37 22.80 9.24
CA LYS B 104 24.76 23.17 10.60
C LYS B 104 24.18 24.55 10.93
N GLY B 105 23.78 24.73 12.17
CA GLY B 105 23.37 26.01 12.68
C GLY B 105 22.22 25.88 13.65
N MET B 106 21.60 27.02 13.95
CA MET B 106 20.45 27.09 14.84
C MET B 106 19.16 27.22 14.05
N GLY B 107 18.04 26.92 14.72
CA GLY B 107 16.72 27.06 14.14
C GLY B 107 16.14 25.74 13.65
N ARG B 108 15.04 25.87 12.90
CA ARG B 108 14.28 24.73 12.40
C ARG B 108 14.44 24.61 10.89
N PHE B 109 14.61 23.38 10.40
CA PHE B 109 14.93 23.20 9.00
C PHE B 109 14.60 21.77 8.59
N GLY B 110 13.87 21.63 7.48
CA GLY B 110 13.62 20.36 6.85
C GLY B 110 13.51 20.60 5.35
N TYR B 111 13.47 19.50 4.61
CA TYR B 111 13.26 19.55 3.16
C TYR B 111 11.81 19.25 2.79
N VAL B 112 11.39 19.79 1.65
CA VAL B 112 10.05 19.49 1.16
C VAL B 112 10.02 18.02 0.77
N PRO B 113 8.87 17.34 0.88
CA PRO B 113 8.77 15.96 0.44
C PRO B 113 9.13 15.84 -1.03
N TYR B 114 9.77 14.71 -1.38
CA TYR B 114 10.24 14.46 -2.74
C TYR B 114 11.15 15.60 -3.20
N VAL B 115 12.12 15.92 -2.34
CA VAL B 115 12.98 17.10 -2.51
C VAL B 115 13.62 17.12 -3.90
N GLY B 116 14.06 15.97 -4.38
CA GLY B 116 14.72 15.92 -5.69
C GLY B 116 13.90 16.56 -6.80
N TYR B 117 12.62 16.19 -6.90
CA TYR B 117 11.75 16.74 -7.96
C TYR B 117 11.51 18.23 -7.76
N LYS B 118 11.33 18.67 -6.52
CA LYS B 118 11.15 20.09 -6.28
C LYS B 118 12.39 20.90 -6.60
N CYS B 119 13.55 20.25 -6.77
CA CYS B 119 14.74 20.99 -7.18
C CYS B 119 14.61 21.50 -8.59
N ILE B 120 13.84 20.81 -9.42
CA ILE B 120 13.93 20.96 -10.86
C ILE B 120 12.93 22.00 -11.35
N ASN B 121 13.45 23.07 -11.96
CA ASN B 121 12.65 24.09 -12.62
C ASN B 121 12.34 23.70 -14.07
N HIS B 122 13.35 23.25 -14.82
CA HIS B 122 13.17 22.88 -16.21
C HIS B 122 14.19 21.81 -16.58
N VAL B 123 13.82 20.96 -17.53
CA VAL B 123 14.71 19.97 -18.12
C VAL B 123 14.52 20.03 -19.62
N SER B 124 15.63 19.99 -20.36
CA SER B 124 15.61 20.04 -21.81
C SER B 124 16.63 19.07 -22.38
N ILE B 125 16.24 18.37 -23.44
CA ILE B 125 17.11 17.44 -24.15
C ILE B 125 17.21 17.94 -25.59
N SER B 126 18.41 18.31 -26.03
CA SER B 126 18.56 18.93 -27.33
C SER B 126 19.73 18.32 -28.08
N SER B 127 19.69 18.46 -29.39
CA SER B 127 20.84 18.21 -30.25
C SER B 127 21.24 19.50 -30.95
N CYS B 128 22.22 19.38 -31.85
CA CYS B 128 22.63 20.53 -32.66
C CYS B 128 21.43 21.12 -33.39
N ASN B 129 20.48 20.26 -33.80
CA ASN B 129 19.24 20.67 -34.45
C ASN B 129 18.19 21.21 -33.47
N GLY B 130 18.56 21.61 -32.26
CA GLY B 130 17.63 22.24 -31.33
C GLY B 130 17.05 21.30 -30.28
N VAL B 131 16.00 21.79 -29.63
CA VAL B 131 15.39 21.08 -28.51
C VAL B 131 14.63 19.86 -29.03
N ILE B 132 14.99 18.68 -28.52
CA ILE B 132 14.33 17.44 -28.90
C ILE B 132 13.14 17.11 -27.97
N TRP B 133 13.23 17.52 -26.70
CA TRP B 133 12.22 17.29 -25.68
C TRP B 133 12.52 18.15 -24.47
N GLU B 134 11.51 18.82 -23.92
CA GLU B 134 11.72 19.62 -22.71
C GLU B 134 10.44 19.60 -21.89
N ILE B 135 10.58 19.93 -20.61
CA ILE B 135 9.47 19.81 -19.66
C ILE B 135 9.69 20.78 -18.52
N GLU B 136 8.59 21.32 -17.99
CA GLU B 136 8.67 22.09 -16.74
C GLU B 136 8.77 21.15 -15.55
N GLY B 137 9.48 21.61 -14.52
CA GLY B 137 9.67 20.79 -13.32
C GLY B 137 8.38 20.23 -12.73
N GLU B 138 7.38 21.10 -12.53
CA GLU B 138 6.10 20.62 -12.03
C GLU B 138 5.47 19.59 -12.95
N GLU B 139 5.71 19.70 -14.25
CA GLU B 139 5.07 18.75 -15.15
C GLU B 139 5.76 17.39 -15.10
N LEU B 140 7.09 17.36 -14.91
CA LEU B 140 7.74 16.07 -14.75
C LEU B 140 7.37 15.42 -13.41
N TYR B 141 7.24 16.24 -12.37
CA TYR B 141 6.74 15.74 -11.11
C TYR B 141 5.39 15.05 -11.32
N ASN B 142 4.47 15.75 -11.96
CA ASN B 142 3.15 15.17 -12.21
C ASN B 142 3.25 13.86 -12.96
N ASN B 143 4.17 13.77 -13.92
CA ASN B 143 4.28 12.55 -14.71
C ASN B 143 4.83 11.40 -13.89
N CYS B 144 5.39 11.67 -12.73
CA CYS B 144 6.04 10.67 -11.93
C CYS B 144 5.29 10.43 -10.65
N ILE B 145 4.14 11.07 -10.47
CA ILE B 145 3.48 11.11 -9.19
C ILE B 145 2.93 9.75 -8.78
N ASN B 146 2.67 8.86 -9.73
CA ASN B 146 2.20 7.51 -9.45
C ASN B 146 3.34 6.49 -9.44
N ASN B 147 4.59 6.95 -9.45
CA ASN B 147 5.75 6.08 -9.32
C ASN B 147 6.28 6.24 -7.91
N THR B 148 5.90 5.30 -7.04
CA THR B 148 6.28 5.38 -5.64
C THR B 148 7.79 5.28 -5.48
N ILE B 149 8.43 4.36 -6.21
CA ILE B 149 9.88 4.23 -6.12
C ILE B 149 10.55 5.53 -6.51
N ALA B 150 10.21 6.05 -7.70
CA ALA B 150 10.79 7.29 -8.19
C ALA B 150 10.64 8.39 -7.14
N LEU B 151 9.45 8.51 -6.55
CA LEU B 151 9.24 9.51 -5.51
C LEU B 151 10.09 9.23 -4.28
N LYS B 152 10.21 7.96 -3.88
CA LYS B 152 11.01 7.64 -2.70
C LYS B 152 12.49 7.94 -2.93
N HIS B 153 13.02 7.59 -4.11
CA HIS B 153 14.43 7.87 -4.42
C HIS B 153 14.72 9.36 -4.40
N SER B 154 13.76 10.17 -4.84
CA SER B 154 13.92 11.61 -4.90
C SER B 154 14.05 12.25 -3.52
N GLY B 155 13.79 11.51 -2.45
CA GLY B 155 13.94 12.05 -1.14
C GLY B 155 12.66 12.15 -0.34
N TYR B 156 12.23 11.05 0.25
CA TYR B 156 11.05 11.04 1.11
C TYR B 156 11.38 10.15 2.30
N SER B 157 11.68 10.77 3.44
CA SER B 157 12.21 10.10 4.62
C SER B 157 12.09 11.04 5.80
N SER B 158 11.99 10.48 7.00
CA SER B 158 11.97 11.30 8.21
C SER B 158 13.28 12.06 8.39
N GLU B 159 14.40 11.44 8.00
CA GLU B 159 15.68 12.13 8.01
C GLU B 159 15.60 13.39 7.18
N LEU B 160 15.04 13.27 5.97
CA LEU B 160 15.02 14.39 5.04
C LEU B 160 13.87 15.37 5.34
N ASN B 161 12.70 14.85 5.72
CA ASN B 161 11.46 15.61 5.62
C ASN B 161 10.84 15.97 6.95
N ASP B 162 11.25 15.34 8.05
CA ASP B 162 10.87 15.90 9.33
C ASP B 162 11.63 17.21 9.54
N ILE B 163 11.03 18.12 10.33
CA ILE B 163 11.67 19.40 10.59
C ILE B 163 12.58 19.24 11.79
N SER B 164 13.87 19.43 11.60
CA SER B 164 14.84 19.24 12.67
C SER B 164 15.14 20.59 13.28
N ILE B 165 15.78 20.58 14.45
CA ILE B 165 16.04 21.82 15.17
C ILE B 165 17.48 21.81 15.70
N GLY B 166 18.24 22.84 15.31
CA GLY B 166 19.59 23.03 15.82
C GLY B 166 19.62 23.93 17.04
N LEU B 167 20.37 23.50 18.07
CA LEU B 167 20.39 24.19 19.36
C LEU B 167 21.64 25.03 19.60
N THR B 168 22.69 24.89 18.79
CA THR B 168 23.91 25.66 18.92
C THR B 168 24.40 25.97 17.51
N PRO B 169 25.26 26.97 17.34
CA PRO B 169 25.70 27.34 15.99
C PRO B 169 26.49 26.25 15.29
N ASN B 170 26.97 25.26 16.03
CA ASN B 170 27.72 24.14 15.47
C ASN B 170 26.91 22.84 15.49
N ASP B 171 25.65 22.91 15.89
CA ASP B 171 24.79 21.75 15.88
C ASP B 171 24.57 21.29 14.45
N THR B 172 24.49 19.97 14.26
CA THR B 172 24.12 19.43 12.96
C THR B 172 22.61 19.30 12.91
N ILE B 173 21.99 19.95 11.90
CA ILE B 173 20.55 19.85 11.69
C ILE B 173 20.22 18.69 10.74
N LYS B 174 20.88 18.66 9.58
CA LYS B 174 20.68 17.60 8.60
C LYS B 174 22.03 17.04 8.17
N GLU B 175 22.11 15.69 8.02
CA GLU B 175 23.33 15.02 7.58
C GLU B 175 23.38 14.92 6.07
N PRO B 176 24.58 14.82 5.49
CA PRO B 176 24.68 14.79 4.02
C PRO B 176 23.99 13.58 3.46
N SER B 177 23.22 13.80 2.39
CA SER B 177 22.43 12.76 1.77
C SER B 177 22.55 12.94 0.28
N THR B 178 22.25 11.88 -0.46
CA THR B 178 22.20 11.96 -1.92
C THR B 178 20.86 11.43 -2.39
N VAL B 179 20.18 12.20 -3.24
CA VAL B 179 18.87 11.80 -3.75
C VAL B 179 19.00 11.56 -5.25
N TYR B 180 18.07 10.76 -5.78
CA TYR B 180 18.09 10.37 -7.19
C TYR B 180 16.73 10.66 -7.81
N VAL B 181 16.71 11.48 -8.86
CA VAL B 181 15.48 11.95 -9.49
C VAL B 181 15.33 11.25 -10.83
N TYR B 182 14.29 10.44 -10.98
CA TYR B 182 14.07 9.76 -12.25
C TYR B 182 13.45 10.75 -13.22
N ILE B 183 14.17 11.09 -14.30
CA ILE B 183 13.69 12.09 -15.25
C ILE B 183 12.98 11.34 -16.36
N LYS B 184 11.69 11.08 -16.12
CA LYS B 184 10.90 10.30 -17.06
C LYS B 184 10.78 11.07 -18.38
N THR B 185 11.02 10.35 -19.47
CA THR B 185 11.01 10.90 -20.81
C THR B 185 10.20 9.97 -21.71
N PRO B 186 9.77 10.45 -22.87
CA PRO B 186 9.07 9.57 -23.82
C PRO B 186 9.89 8.40 -24.28
N PHE B 187 11.19 8.35 -23.93
CA PHE B 187 12.06 7.31 -24.48
C PHE B 187 12.04 6.02 -23.66
N ASP B 188 11.33 6.01 -22.53
CA ASP B 188 11.30 4.90 -21.60
C ASP B 188 10.06 4.03 -21.78
N VAL B 189 9.05 4.56 -22.47
CA VAL B 189 7.74 3.92 -22.60
C VAL B 189 7.87 2.45 -23.03
N GLU B 190 8.72 2.17 -24.02
CA GLU B 190 8.88 0.80 -24.49
C GLU B 190 10.34 0.41 -24.55
N ASP B 191 11.11 0.79 -23.53
CA ASP B 191 12.49 0.35 -23.32
C ASP B 191 13.30 0.62 -24.59
N THR B 192 13.96 -0.38 -25.17
CA THR B 192 14.86 -0.13 -26.29
C THR B 192 14.11 0.38 -27.51
N PHE B 193 12.84 0.03 -27.65
CA PHE B 193 12.08 0.46 -28.82
C PHE B 193 11.86 1.96 -28.80
N SER B 194 11.65 2.54 -27.62
CA SER B 194 11.38 3.96 -27.50
C SER B 194 12.64 4.80 -27.31
N SER B 195 13.81 4.18 -27.17
CA SER B 195 15.01 4.89 -26.72
C SER B 195 15.41 5.99 -27.70
N LEU B 196 15.86 7.12 -27.15
CA LEU B 196 16.38 8.24 -27.94
C LEU B 196 17.61 7.78 -28.72
N LYS B 197 17.51 7.73 -30.05
CA LYS B 197 18.66 7.32 -30.85
C LYS B 197 19.57 8.51 -31.14
N LEU B 198 20.88 8.26 -31.12
CA LEU B 198 21.88 9.27 -31.44
C LEU B 198 22.58 8.86 -32.74
N SER B 199 22.27 9.59 -33.81
CA SER B 199 22.92 9.35 -35.10
C SER B 199 24.16 10.25 -35.22
N ASP B 200 25.20 9.85 -34.49
CA ASP B 200 26.47 10.59 -34.33
C ASP B 200 26.28 12.00 -33.81
N SER B 201 25.09 12.36 -33.33
CA SER B 201 24.86 13.74 -32.89
C SER B 201 25.21 13.89 -31.42
N LYS B 202 25.37 15.15 -31.00
CA LYS B 202 25.73 15.49 -29.64
C LYS B 202 24.45 15.89 -28.92
N ILE B 203 24.06 15.11 -27.92
CA ILE B 203 22.91 15.45 -27.09
C ILE B 203 23.42 16.25 -25.91
N THR B 204 22.71 17.32 -25.57
CA THR B 204 22.96 18.07 -24.36
C THR B 204 21.71 18.01 -23.49
N VAL B 205 21.87 17.54 -22.25
CA VAL B 205 20.78 17.52 -21.29
C VAL B 205 21.00 18.67 -20.34
N THR B 206 20.04 19.58 -20.25
CA THR B 206 20.20 20.83 -19.52
C THR B 206 19.15 20.87 -18.43
N VAL B 207 19.59 21.12 -17.19
CA VAL B 207 18.70 21.09 -16.03
C VAL B 207 18.76 22.44 -15.32
N THR B 208 17.61 23.04 -15.11
CA THR B 208 17.48 24.32 -14.44
C THR B 208 16.89 24.11 -13.05
N PHE B 209 17.52 24.68 -12.04
CA PHE B 209 17.15 24.41 -10.66
C PHE B 209 16.36 25.56 -10.08
N ASN B 210 15.29 25.24 -9.37
CA ASN B 210 14.60 26.26 -8.60
C ASN B 210 15.56 26.81 -7.55
N PRO B 211 15.29 28.03 -7.05
CA PRO B 211 16.06 28.52 -5.91
C PRO B 211 15.90 27.59 -4.72
N VAL B 212 16.97 27.47 -3.94
CA VAL B 212 16.96 26.55 -2.81
C VAL B 212 15.90 26.95 -1.79
N SER B 213 15.42 28.20 -1.84
CA SER B 213 14.29 28.58 -1.01
C SER B 213 13.13 27.61 -1.18
N ASP B 214 12.93 27.10 -2.40
CA ASP B 214 11.75 26.34 -2.76
C ASP B 214 11.69 24.97 -2.14
N ILE B 215 12.86 24.39 -1.78
CA ILE B 215 12.91 23.03 -1.27
C ILE B 215 13.14 22.97 0.24
N VAL B 216 13.23 24.09 0.92
CA VAL B 216 13.57 24.13 2.33
C VAL B 216 12.41 24.75 3.11
N ILE B 217 12.00 24.06 4.18
CA ILE B 217 11.02 24.53 5.16
C ILE B 217 11.78 24.91 6.43
N ARG B 218 11.72 26.18 6.82
CA ARG B 218 12.56 26.69 7.89
C ARG B 218 11.74 27.66 8.74
N ASP B 219 12.26 27.98 9.92
CA ASP B 219 11.65 28.97 10.78
C ASP B 219 12.47 30.27 10.73
N SER B 220 12.14 31.21 11.61
CA SER B 220 12.83 32.50 11.58
C SER B 220 14.23 32.40 12.15
N SER B 221 14.43 31.51 13.12
CA SER B 221 15.73 31.40 13.76
C SER B 221 16.78 30.79 12.85
N PHE B 222 16.38 30.08 11.80
CA PHE B 222 17.36 29.55 10.88
C PHE B 222 17.96 30.68 10.03
N ASP B 223 19.27 30.61 9.82
CA ASP B 223 19.98 31.63 9.06
C ASP B 223 19.93 31.26 7.58
N PHE B 224 18.77 31.53 6.97
CA PHE B 224 18.60 31.18 5.56
C PHE B 224 19.50 32.00 4.64
N GLU B 225 19.80 33.25 5.03
CA GLU B 225 20.65 34.10 4.19
C GLU B 225 22.00 33.44 3.93
N THR B 226 22.68 33.00 5.00
CA THR B 226 23.95 32.31 4.84
C THR B 226 23.77 31.00 4.10
N PHE B 227 22.73 30.23 4.44
CA PHE B 227 22.44 28.99 3.73
C PHE B 227 22.26 29.24 2.24
N ASN B 228 21.44 30.24 1.90
CA ASN B 228 21.15 30.51 0.50
C ASN B 228 22.42 30.80 -0.29
N LYS B 229 23.37 31.54 0.30
CA LYS B 229 24.59 31.81 -0.47
C LYS B 229 25.57 30.65 -0.43
N GLU B 230 25.65 29.93 0.70
CA GLU B 230 26.57 28.80 0.77
C GLU B 230 26.07 27.57 0.01
N PHE B 231 24.77 27.45 -0.29
CA PHE B 231 24.25 26.22 -0.89
C PHE B 231 24.61 26.17 -2.36
N VAL B 232 25.04 25.00 -2.81
CA VAL B 232 25.38 24.77 -4.22
C VAL B 232 24.78 23.43 -4.66
N TYR B 233 24.07 23.45 -5.80
CA TYR B 233 23.54 22.21 -6.36
C TYR B 233 24.68 21.39 -6.98
N VAL B 234 24.76 20.12 -6.59
CA VAL B 234 25.87 19.28 -7.01
C VAL B 234 25.28 18.09 -7.74
N PRO B 235 25.14 18.15 -9.03
CA PRO B 235 24.40 17.11 -9.74
C PRO B 235 25.27 16.15 -10.54
N GLU B 236 24.71 14.99 -10.85
CA GLU B 236 25.30 13.99 -11.73
C GLU B 236 24.17 13.37 -12.53
N LEU B 237 24.35 13.24 -13.84
CA LEU B 237 23.34 12.66 -14.70
C LEU B 237 23.76 11.26 -15.09
N SER B 238 22.92 10.28 -14.79
CA SER B 238 23.13 8.90 -15.23
C SER B 238 22.02 8.54 -16.19
N PHE B 239 22.29 7.56 -17.03
CA PHE B 239 21.33 7.07 -18.01
C PHE B 239 21.80 5.70 -18.45
N ILE B 240 20.92 4.97 -19.12
CA ILE B 240 21.26 3.67 -19.68
C ILE B 240 21.64 3.90 -21.13
N GLY B 241 22.90 3.71 -21.47
CA GLY B 241 23.32 3.77 -22.86
C GLY B 241 23.28 2.41 -23.50
N TYR B 242 23.01 2.39 -24.80
CA TYR B 242 22.96 1.16 -25.57
C TYR B 242 23.95 1.25 -26.72
N MET B 243 24.92 0.34 -26.76
CA MET B 243 25.80 0.19 -27.91
C MET B 243 25.26 -0.91 -28.82
N VAL B 244 24.87 -0.52 -30.03
CA VAL B 244 24.12 -1.35 -30.96
C VAL B 244 24.95 -1.55 -32.23
N LYS B 245 25.05 -2.79 -32.70
CA LYS B 245 25.65 -3.08 -34.01
C LYS B 245 24.57 -2.97 -35.10
N ASN B 246 24.92 -2.35 -36.23
CA ASN B 246 24.04 -2.22 -37.39
C ASN B 246 22.64 -1.76 -36.99
N VAL B 247 22.58 -0.66 -36.23
CA VAL B 247 21.28 -0.12 -35.86
C VAL B 247 20.49 0.19 -37.12
N GLN B 248 19.18 -0.01 -37.04
CA GLN B 248 18.26 0.22 -38.15
C GLN B 248 17.25 1.25 -37.68
N ILE B 249 17.53 2.52 -37.92
CA ILE B 249 16.68 3.57 -37.37
C ILE B 249 15.43 3.73 -38.22
N LYS B 250 14.33 4.06 -37.55
CA LYS B 250 13.07 4.46 -38.16
C LYS B 250 12.57 5.65 -37.37
N PRO B 251 11.73 6.49 -37.97
CA PRO B 251 11.20 7.63 -37.22
C PRO B 251 10.06 7.24 -36.32
N SER B 252 9.89 8.04 -35.26
CA SER B 252 8.75 7.86 -34.37
C SER B 252 8.07 9.20 -34.15
N PHE B 253 7.21 9.26 -33.15
CA PHE B 253 6.56 10.49 -32.74
C PHE B 253 6.80 10.66 -31.25
N ILE B 254 6.62 11.88 -30.78
CA ILE B 254 6.93 12.23 -29.40
C ILE B 254 5.90 13.25 -28.95
N GLU B 255 5.54 13.20 -27.68
CA GLU B 255 4.56 14.13 -27.14
C GLU B 255 5.26 15.10 -26.21
N LYS B 256 5.21 16.39 -26.54
CA LYS B 256 5.98 17.39 -25.83
C LYS B 256 5.03 18.28 -25.02
N PRO B 257 5.07 18.21 -23.69
CA PRO B 257 4.14 19.01 -22.88
C PRO B 257 4.43 20.50 -22.93
N ARG B 258 3.36 21.28 -22.81
CA ARG B 258 3.41 22.74 -22.85
C ARG B 258 2.34 23.26 -21.90
N ARG B 259 2.66 24.28 -21.12
CA ARG B 259 1.63 24.78 -20.22
C ARG B 259 1.49 26.30 -20.31
N VAL B 260 0.33 26.76 -19.88
CA VAL B 260 0.00 28.18 -19.77
C VAL B 260 -0.57 28.42 -18.38
N ILE B 261 -0.21 29.55 -17.78
CA ILE B 261 -0.73 29.93 -16.48
C ILE B 261 -1.56 31.18 -16.65
N GLY B 262 -2.85 31.10 -16.35
CA GLY B 262 -3.70 32.27 -16.41
C GLY B 262 -3.29 33.30 -15.38
N GLN B 263 -3.80 34.53 -15.56
CA GLN B 263 -3.46 35.61 -14.64
C GLN B 263 -4.08 35.39 -13.26
N ILE B 264 -3.48 36.01 -12.25
CA ILE B 264 -3.91 35.80 -10.87
C ILE B 264 -5.42 35.97 -10.77
N ASN B 265 -6.10 34.95 -10.26
CA ASN B 265 -7.54 34.93 -10.02
C ASN B 265 -8.38 35.04 -11.29
N GLN B 266 -7.77 34.86 -12.46
CA GLN B 266 -8.57 34.74 -13.66
C GLN B 266 -9.14 33.33 -13.77
N PRO B 267 -10.44 33.18 -14.07
CA PRO B 267 -10.99 31.85 -14.29
C PRO B 267 -10.83 31.38 -15.71
N THR B 268 -9.87 31.94 -16.45
CA THR B 268 -9.69 31.61 -17.87
C THR B 268 -8.21 31.49 -18.20
N ALA B 269 -7.92 30.68 -19.21
CA ALA B 269 -6.57 30.55 -19.75
C ALA B 269 -6.67 29.92 -21.13
N THR B 270 -5.69 30.23 -21.98
CA THR B 270 -5.80 29.81 -23.37
C THR B 270 -4.45 29.30 -23.85
N VAL B 271 -4.49 28.24 -24.64
CA VAL B 271 -3.32 27.63 -25.24
C VAL B 271 -3.43 27.86 -26.74
N THR B 272 -2.46 28.57 -27.29
CA THR B 272 -2.52 28.90 -28.70
C THR B 272 -1.78 27.86 -29.51
N GLU B 273 -1.97 27.93 -30.83
CA GLU B 273 -1.22 27.09 -31.75
C GLU B 273 -1.39 25.61 -31.43
N VAL B 274 -2.63 25.18 -31.23
CA VAL B 274 -2.93 23.79 -30.96
C VAL B 274 -3.26 23.15 -32.31
N HIS B 275 -2.37 22.31 -32.81
CA HIS B 275 -2.57 21.74 -34.13
C HIS B 275 -2.70 20.23 -34.13
N ALA B 276 -2.17 19.56 -33.13
CA ALA B 276 -2.22 18.10 -33.06
C ALA B 276 -1.92 17.68 -31.61
N ALA B 277 -2.92 17.83 -30.74
CA ALA B 277 -2.74 17.55 -29.33
C ALA B 277 -3.21 16.13 -29.00
N THR B 278 -2.46 15.44 -28.15
CA THR B 278 -2.91 14.16 -27.64
C THR B 278 -3.67 14.27 -26.33
N SER B 279 -3.51 15.38 -25.60
CA SER B 279 -4.15 15.44 -24.30
C SER B 279 -4.11 16.86 -23.76
N LEU B 280 -5.09 17.16 -22.92
CA LEU B 280 -5.22 18.45 -22.29
C LEU B 280 -5.60 18.23 -20.83
N SER B 281 -4.87 18.88 -19.92
CA SER B 281 -5.16 18.77 -18.50
C SER B 281 -5.28 20.17 -17.92
N VAL B 282 -6.17 20.30 -16.94
CA VAL B 282 -6.47 21.56 -16.30
C VAL B 282 -6.34 21.35 -14.80
N TYR B 283 -5.65 22.27 -14.13
CA TYR B 283 -5.65 22.29 -12.68
C TYR B 283 -5.35 23.71 -12.22
N THR B 284 -5.18 23.85 -10.92
CA THR B 284 -5.14 25.13 -10.23
C THR B 284 -3.93 25.14 -9.32
N LYS B 285 -3.25 26.27 -9.22
CA LYS B 285 -2.25 26.43 -8.17
C LYS B 285 -2.60 27.64 -7.32
N PRO B 286 -2.15 27.69 -6.07
CA PRO B 286 -2.23 28.93 -5.32
C PRO B 286 -1.01 29.79 -5.61
N TYR B 287 -1.19 31.09 -5.39
CA TYR B 287 -0.12 32.07 -5.47
C TYR B 287 -0.03 32.76 -4.12
N TYR B 288 1.13 32.67 -3.47
CA TYR B 288 1.30 33.29 -2.17
C TYR B 288 2.22 34.48 -2.22
N GLY B 289 2.50 35.01 -3.43
CA GLY B 289 3.42 36.14 -3.56
C GLY B 289 3.00 37.33 -2.72
N ASN B 290 1.70 37.48 -2.48
CA ASN B 290 1.18 38.56 -1.66
C ASN B 290 1.26 38.26 -0.15
N THR B 291 1.93 37.18 0.25
CA THR B 291 2.14 36.81 1.66
C THR B 291 3.64 36.65 1.90
N ASP B 292 3.99 36.25 3.12
CA ASP B 292 5.36 35.88 3.44
C ASP B 292 5.63 34.39 3.27
N ASN B 293 4.61 33.61 2.89
CA ASN B 293 4.71 32.15 2.79
C ASN B 293 5.06 31.52 4.11
N LYS B 294 4.63 32.14 5.20
CA LYS B 294 4.83 31.61 6.55
C LYS B 294 3.57 30.92 7.02
N PHE B 295 3.72 29.78 7.69
CA PHE B 295 2.56 29.01 8.10
C PHE B 295 2.71 28.61 9.56
N ILE B 296 1.58 28.45 10.24
CA ILE B 296 1.62 28.15 11.68
C ILE B 296 2.22 26.77 11.93
N SER B 297 1.84 25.77 11.14
CA SER B 297 2.19 24.39 11.45
C SER B 297 2.51 23.62 10.18
N TYR B 298 3.27 22.54 10.34
CA TYR B 298 3.61 21.65 9.23
C TYR B 298 3.89 20.28 9.84
N PRO B 299 3.39 19.19 9.23
CA PRO B 299 3.45 17.88 9.91
C PRO B 299 4.78 17.14 9.72
N GLY B 300 5.68 17.62 8.86
CA GLY B 300 6.93 16.93 8.59
C GLY B 300 6.79 15.77 7.62
N TYR B 301 7.44 14.65 7.95
CA TYR B 301 7.48 13.52 7.03
C TYR B 301 6.10 12.91 6.85
N SER B 302 5.33 12.84 7.92
CA SER B 302 3.97 12.32 7.84
C SER B 302 3.10 13.32 7.09
N GLN B 303 2.55 12.89 5.97
CA GLN B 303 1.94 13.77 4.99
C GLN B 303 0.45 13.51 4.78
N ASP B 304 -0.20 12.75 5.66
CA ASP B 304 -1.62 12.51 5.47
C ASP B 304 -2.37 13.76 5.85
N GLU B 305 -3.57 13.89 5.27
CA GLU B 305 -4.45 14.99 5.64
C GLU B 305 -4.66 15.02 7.15
N LYS B 306 -4.86 13.86 7.77
CA LYS B 306 -5.01 13.85 9.22
C LYS B 306 -3.73 14.33 9.89
N ASP B 307 -2.59 14.10 9.25
CA ASP B 307 -1.32 14.51 9.83
C ASP B 307 -1.21 16.02 9.85
N TYR B 308 -1.54 16.67 8.72
CA TYR B 308 -1.57 18.13 8.67
C TYR B 308 -2.48 18.70 9.76
N ILE B 309 -3.72 18.22 9.81
CA ILE B 309 -4.66 18.73 10.80
C ILE B 309 -4.10 18.55 12.20
N ASP B 310 -3.58 17.36 12.51
CA ASP B 310 -3.14 17.11 13.88
C ASP B 310 -1.95 17.98 14.27
N ALA B 311 -1.02 18.23 13.33
CA ALA B 311 0.07 19.16 13.62
C ALA B 311 -0.48 20.52 14.00
N TYR B 312 -1.52 20.96 13.27
CA TYR B 312 -2.16 22.25 13.51
C TYR B 312 -2.84 22.31 14.86
N VAL B 313 -3.78 21.40 15.10
CA VAL B 313 -4.41 21.34 16.42
C VAL B 313 -3.35 21.36 17.50
N SER B 314 -2.25 20.65 17.26
CA SER B 314 -1.21 20.55 18.27
C SER B 314 -0.53 21.88 18.52
N ARG B 315 -0.21 22.62 17.47
CA ARG B 315 0.45 23.92 17.66
C ARG B 315 -0.48 24.93 18.31
N LEU B 316 -1.79 24.84 18.05
CA LEU B 316 -2.73 25.75 18.68
C LEU B 316 -2.94 25.44 20.14
N LEU B 317 -2.90 24.16 20.51
CA LEU B 317 -3.33 23.75 21.85
C LEU B 317 -2.46 24.36 22.93
N ASP B 318 -1.22 24.74 22.61
CA ASP B 318 -0.38 25.38 23.61
C ASP B 318 -1.02 26.67 24.12
N ASP B 319 -1.63 27.44 23.22
CA ASP B 319 -2.28 28.69 23.58
C ASP B 319 -3.79 28.55 23.79
N LEU B 320 -4.40 27.45 23.37
CA LEU B 320 -5.86 27.39 23.39
C LEU B 320 -6.39 27.18 24.80
N VAL B 321 -5.80 26.26 25.55
CA VAL B 321 -6.23 25.92 26.90
C VAL B 321 -5.03 26.05 27.83
N ILE B 322 -5.11 26.97 28.78
CA ILE B 322 -4.01 27.31 29.65
C ILE B 322 -4.39 27.02 31.09
N VAL B 323 -3.47 26.40 31.82
CA VAL B 323 -3.59 26.26 33.27
C VAL B 323 -2.66 27.29 33.90
N SER B 324 -3.23 28.19 34.69
CA SER B 324 -2.48 29.36 35.13
C SER B 324 -2.85 29.69 36.56
N ASP B 325 -1.97 30.48 37.18
CA ASP B 325 -2.19 31.08 38.50
C ASP B 325 -2.68 32.51 38.25
N GLY B 326 -4.02 32.70 38.28
CA GLY B 326 -4.62 33.93 37.81
C GLY B 326 -4.64 34.07 36.29
N PRO B 327 -5.16 35.19 35.80
CA PRO B 327 -5.31 35.37 34.33
C PRO B 327 -3.99 35.17 33.59
N PRO B 328 -3.98 34.32 32.56
CA PRO B 328 -2.73 34.08 31.83
C PRO B 328 -2.18 35.36 31.22
N THR B 329 -0.85 35.45 31.22
CA THR B 329 -0.09 36.60 30.76
C THR B 329 0.68 36.26 29.49
N GLY B 330 1.17 37.29 28.84
CA GLY B 330 1.99 37.07 27.66
C GLY B 330 1.22 36.97 26.37
N TYR B 331 -0.09 37.23 26.39
CA TYR B 331 -0.97 37.28 25.24
C TYR B 331 -1.40 38.71 24.94
N PRO B 332 -1.54 39.07 23.66
CA PRO B 332 -1.97 40.43 23.29
C PRO B 332 -3.21 40.91 24.05
N GLU B 333 -3.44 42.23 24.06
CA GLU B 333 -4.60 42.73 24.79
C GLU B 333 -5.89 42.32 24.10
N SER B 334 -5.89 42.27 22.76
CA SER B 334 -7.02 41.81 21.97
C SER B 334 -7.44 40.38 22.27
N ALA B 335 -6.63 39.62 22.99
CA ALA B 335 -6.98 38.26 23.35
C ALA B 335 -8.07 38.23 24.41
N GLU B 336 -9.03 37.31 24.26
CA GLU B 336 -10.16 37.14 25.16
C GLU B 336 -10.01 35.80 25.89
N ILE B 337 -9.17 35.74 26.91
CA ILE B 337 -8.91 34.51 27.63
C ILE B 337 -9.79 34.48 28.87
N VAL B 338 -10.62 33.45 29.01
CA VAL B 338 -11.63 33.42 30.06
C VAL B 338 -11.53 32.12 30.85
N GLU B 339 -11.81 32.21 32.14
CA GLU B 339 -11.75 31.08 33.04
C GLU B 339 -12.91 30.13 32.79
N VAL B 340 -12.61 28.84 32.77
CA VAL B 340 -13.65 27.85 32.48
C VAL B 340 -14.59 27.72 33.67
N PRO B 341 -15.90 27.85 33.49
CA PRO B 341 -16.83 27.66 34.60
C PRO B 341 -16.81 26.23 35.10
N GLU B 342 -17.36 26.03 36.31
CA GLU B 342 -17.26 24.74 36.98
C GLU B 342 -17.95 23.61 36.19
N ASP B 343 -18.88 23.94 35.29
CA ASP B 343 -19.47 22.88 34.47
C ASP B 343 -18.63 22.53 33.25
N GLY B 344 -17.58 23.29 32.96
CA GLY B 344 -16.66 22.96 31.89
C GLY B 344 -17.00 23.55 30.55
N ILE B 345 -18.03 24.39 30.46
CA ILE B 345 -18.50 24.92 29.19
C ILE B 345 -18.24 26.41 29.12
N VAL B 346 -17.64 26.84 28.02
CA VAL B 346 -17.49 28.25 27.67
C VAL B 346 -18.25 28.46 26.38
N SER B 347 -19.13 29.45 26.37
CA SER B 347 -19.95 29.76 25.20
C SER B 347 -19.29 30.91 24.46
N ILE B 348 -18.69 30.61 23.31
CA ILE B 348 -18.16 31.63 22.42
C ILE B 348 -19.27 31.91 21.40
N GLN B 349 -20.06 32.95 21.66
CA GLN B 349 -21.27 33.24 20.88
C GLN B 349 -22.14 31.99 20.93
N ASP B 350 -22.47 31.38 19.79
CA ASP B 350 -23.32 30.21 19.67
C ASP B 350 -22.54 28.90 19.86
N ALA B 351 -21.23 28.97 19.93
CA ALA B 351 -20.37 27.80 19.99
C ALA B 351 -20.02 27.50 21.44
N ASP B 352 -20.18 26.25 21.84
CA ASP B 352 -19.93 25.82 23.21
C ASP B 352 -18.69 24.94 23.23
N VAL B 353 -17.71 25.32 24.04
CA VAL B 353 -16.47 24.58 24.18
C VAL B 353 -16.45 23.91 25.54
N TYR B 354 -16.19 22.62 25.56
CA TYR B 354 -16.02 21.84 26.77
C TYR B 354 -14.53 21.67 27.08
N VAL B 355 -14.12 22.09 28.27
CA VAL B 355 -12.71 22.01 28.69
C VAL B 355 -12.71 21.43 30.09
N LYS B 356 -12.22 20.21 30.24
CA LYS B 356 -12.09 19.59 31.57
C LYS B 356 -10.69 18.98 31.70
N ILE B 357 -9.88 19.52 32.62
CA ILE B 357 -8.49 19.10 32.81
C ILE B 357 -8.34 18.51 34.20
N ASP B 358 -7.76 17.31 34.27
CA ASP B 358 -7.54 16.61 35.52
C ASP B 358 -6.29 17.09 36.26
N ASN B 359 -6.32 16.94 37.58
CA ASN B 359 -5.17 17.16 38.46
C ASN B 359 -4.63 18.61 38.36
N VAL B 360 -5.54 19.57 38.38
CA VAL B 360 -5.14 20.97 38.32
C VAL B 360 -4.86 21.46 39.73
N PRO B 361 -3.77 22.18 39.96
CA PRO B 361 -3.41 22.56 41.33
C PRO B 361 -4.44 23.48 41.96
N ASP B 362 -4.57 23.35 43.28
CA ASP B 362 -5.57 24.11 44.04
C ASP B 362 -5.39 25.61 43.85
N ASN B 363 -4.16 26.07 43.59
CA ASN B 363 -3.88 27.47 43.36
C ASN B 363 -4.05 27.91 41.92
N MET B 364 -4.38 26.99 41.00
CA MET B 364 -4.46 27.33 39.59
C MET B 364 -5.87 27.08 39.07
N SER B 365 -6.20 27.71 37.94
CA SER B 365 -7.47 27.51 37.23
C SER B 365 -7.21 27.25 35.74
N VAL B 366 -8.21 26.67 35.08
CA VAL B 366 -8.15 26.36 33.65
C VAL B 366 -8.73 27.52 32.86
N TYR B 367 -7.98 27.99 31.86
CA TYR B 367 -8.44 29.05 30.98
C TYR B 367 -8.59 28.57 29.55
N LEU B 368 -9.33 29.34 28.76
CA LEU B 368 -9.53 29.02 27.34
C LEU B 368 -9.40 30.31 26.55
N HIS B 369 -8.64 30.25 25.48
CA HIS B 369 -8.42 31.41 24.62
C HIS B 369 -9.55 31.38 23.61
N THR B 370 -10.50 32.29 23.77
CA THR B 370 -11.70 32.26 22.94
C THR B 370 -11.52 32.95 21.60
N ASN B 371 -10.34 33.43 21.28
CA ASN B 371 -10.15 34.10 19.99
C ASN B 371 -8.69 33.99 19.57
N LEU B 372 -8.15 32.76 19.67
CA LEU B 372 -6.77 32.46 19.26
C LEU B 372 -6.47 33.03 17.88
N LEU B 373 -7.33 32.76 16.89
CA LEU B 373 -7.27 33.37 15.58
C LEU B 373 -8.68 33.78 15.19
N MET B 374 -8.82 34.99 14.60
CA MET B 374 -10.13 35.53 14.27
C MET B 374 -10.03 36.50 13.09
N PHE B 375 -11.08 36.52 12.28
CA PHE B 375 -11.09 37.25 11.03
C PHE B 375 -12.46 37.83 10.77
N GLY B 376 -12.49 39.06 10.25
CA GLY B 376 -13.71 39.74 9.84
C GLY B 376 -13.39 40.91 8.94
N THR B 377 -14.33 41.25 8.06
CA THR B 377 -14.11 42.35 7.14
C THR B 377 -14.86 43.62 7.51
N ARG B 378 -15.88 43.51 8.35
CA ARG B 378 -16.70 44.65 8.73
C ARG B 378 -16.95 44.60 10.23
N LYS B 379 -16.75 45.74 10.90
CA LYS B 379 -16.85 45.78 12.35
C LYS B 379 -18.17 45.23 12.84
N ASN B 380 -18.10 44.43 13.90
CA ASN B 380 -19.28 43.90 14.58
C ASN B 380 -20.26 43.27 13.59
N SER B 381 -19.72 42.49 12.65
CA SER B 381 -20.49 41.68 11.72
C SER B 381 -20.05 40.23 11.87
N PHE B 382 -20.01 39.48 10.76
CA PHE B 382 -19.63 38.07 10.79
C PHE B 382 -18.17 37.90 11.17
N ILE B 383 -17.87 36.86 11.98
CA ILE B 383 -16.50 36.57 12.41
C ILE B 383 -16.19 35.08 12.25
N TYR B 384 -15.00 34.79 11.75
CA TYR B 384 -14.45 33.43 11.72
C TYR B 384 -13.38 33.30 12.79
N ASN B 385 -13.62 32.43 13.78
CA ASN B 385 -12.77 32.37 14.97
C ASN B 385 -12.33 30.94 15.24
N ILE B 386 -11.04 30.67 15.04
CA ILE B 386 -10.54 29.30 15.10
C ILE B 386 -10.84 28.65 16.44
N SER B 387 -10.96 29.44 17.50
CA SER B 387 -11.29 28.86 18.80
C SER B 387 -12.65 28.18 18.77
N LYS B 388 -13.55 28.66 17.91
CA LYS B 388 -14.92 28.16 17.91
C LYS B 388 -15.02 26.78 17.30
N LYS B 389 -13.99 26.34 16.60
CA LYS B 389 -13.97 25.04 15.95
C LYS B 389 -13.48 23.94 16.88
N PHE B 390 -13.42 24.21 18.18
CA PHE B 390 -13.19 23.18 19.18
C PHE B 390 -14.46 22.98 19.99
N SER B 391 -14.82 21.72 20.25
CA SER B 391 -16.01 21.43 21.02
C SER B 391 -15.71 20.78 22.36
N ALA B 392 -14.59 20.07 22.47
CA ALA B 392 -14.26 19.42 23.73
C ALA B 392 -12.74 19.24 23.79
N ILE B 393 -12.16 19.51 24.97
CA ILE B 393 -10.73 19.39 25.21
C ILE B 393 -10.52 18.78 26.58
N THR B 394 -9.98 17.57 26.63
CA THR B 394 -9.71 16.91 27.90
C THR B 394 -8.22 16.64 28.06
N GLY B 395 -7.78 16.62 29.31
CA GLY B 395 -6.37 16.41 29.61
C GLY B 395 -6.09 16.29 31.09
N THR B 396 -4.82 16.15 31.40
CA THR B 396 -4.33 16.04 32.76
C THR B 396 -3.10 16.90 32.91
N TYR B 397 -3.08 17.71 33.97
CA TYR B 397 -1.96 18.57 34.29
C TYR B 397 -0.85 17.74 34.91
N SER B 398 0.37 17.93 34.41
CA SER B 398 1.54 17.27 34.99
C SER B 398 2.17 18.22 35.99
N ASP B 399 2.14 17.83 37.28
CA ASP B 399 2.87 18.61 38.27
C ASP B 399 4.36 18.54 38.01
N ALA B 400 4.84 17.46 37.40
CA ALA B 400 6.26 17.25 37.26
C ALA B 400 6.86 18.05 36.11
N THR B 401 6.10 18.31 35.05
CA THR B 401 6.59 19.06 33.92
C THR B 401 5.92 20.41 33.74
N LYS B 402 4.97 20.77 34.62
CA LYS B 402 4.29 22.07 34.57
C LYS B 402 3.64 22.31 33.19
N ARG B 403 2.88 21.32 32.71
CA ARG B 403 2.24 21.45 31.41
C ARG B 403 1.02 20.53 31.36
N THR B 404 0.14 20.81 30.41
CA THR B 404 -1.10 20.08 30.26
C THR B 404 -0.92 19.04 29.16
N ILE B 405 -1.15 17.78 29.50
CA ILE B 405 -1.05 16.70 28.55
C ILE B 405 -2.47 16.38 28.08
N PHE B 406 -2.77 16.67 26.82
CA PHE B 406 -4.14 16.55 26.33
C PHE B 406 -4.45 15.13 25.90
N ALA B 407 -5.66 14.67 26.23
CA ALA B 407 -6.06 13.29 25.98
C ALA B 407 -7.03 13.16 24.81
N HIS B 408 -8.04 14.02 24.71
CA HIS B 408 -8.96 13.93 23.59
C HIS B 408 -9.41 15.31 23.15
N ILE B 409 -9.44 15.54 21.84
CA ILE B 409 -9.91 16.79 21.27
C ILE B 409 -10.99 16.50 20.24
N SER B 410 -12.19 17.01 20.49
CA SER B 410 -13.23 17.06 19.47
C SER B 410 -13.18 18.42 18.83
N HIS B 411 -12.89 18.46 17.54
CA HIS B 411 -12.74 19.71 16.83
C HIS B 411 -13.27 19.52 15.42
N SER B 412 -13.28 20.61 14.66
CA SER B 412 -13.72 20.61 13.27
C SER B 412 -12.72 21.35 12.39
N ILE B 413 -11.45 21.39 12.81
CA ILE B 413 -10.39 21.94 12.00
C ILE B 413 -10.25 21.13 10.71
N ASN B 414 -9.94 21.81 9.60
CA ASN B 414 -9.84 21.11 8.33
C ASN B 414 -8.51 21.44 7.63
N ILE B 415 -8.35 20.85 6.44
CA ILE B 415 -7.08 20.96 5.74
C ILE B 415 -6.85 22.39 5.29
N ILE B 416 -7.93 23.14 5.04
CA ILE B 416 -7.79 24.53 4.64
C ILE B 416 -7.22 25.37 5.78
N ASP B 417 -7.71 25.17 7.01
CA ASP B 417 -7.22 25.97 8.12
C ASP B 417 -5.71 25.87 8.23
N THR B 418 -5.18 24.65 8.06
CA THR B 418 -3.73 24.45 8.09
C THR B 418 -3.00 25.03 6.87
N SER B 419 -3.72 25.50 5.85
CA SER B 419 -3.07 25.99 4.64
C SER B 419 -3.14 27.50 4.51
N ILE B 420 -3.47 28.20 5.58
CA ILE B 420 -3.62 29.65 5.58
C ILE B 420 -2.27 30.28 5.93
N PRO B 421 -1.72 31.15 5.09
CA PRO B 421 -0.53 31.91 5.50
C PRO B 421 -0.88 32.83 6.67
N VAL B 422 0.04 32.93 7.63
CA VAL B 422 -0.25 33.77 8.81
C VAL B 422 -0.59 35.19 8.39
N SER B 423 0.12 35.74 7.40
CA SER B 423 -0.07 37.14 7.11
C SER B 423 -1.52 37.45 6.74
N LEU B 424 -2.24 36.49 6.16
CA LEU B 424 -3.67 36.68 5.93
C LEU B 424 -4.47 36.81 7.23
N TRP B 425 -3.97 36.27 8.35
CA TRP B 425 -4.69 36.51 9.58
C TRP B 425 -4.53 37.92 10.07
N THR B 426 -3.54 38.65 9.57
CA THR B 426 -3.19 39.97 10.08
C THR B 426 -3.13 41.01 8.96
N SER B 427 -3.82 40.75 7.84
CA SER B 427 -3.82 41.66 6.72
C SER B 427 -4.75 42.84 6.99
N GLN B 428 -4.66 43.88 6.14
CA GLN B 428 -5.42 45.10 6.39
C GLN B 428 -6.93 44.86 6.28
N ARG B 429 -7.36 43.85 5.51
CA ARG B 429 -8.79 43.56 5.41
C ARG B 429 -9.37 43.10 6.72
N ASN B 430 -8.56 42.49 7.59
CA ASN B 430 -9.06 42.01 8.86
C ASN B 430 -9.25 43.22 9.78
N VAL B 431 -10.49 43.43 10.21
CA VAL B 431 -10.78 44.50 11.15
C VAL B 431 -10.38 44.15 12.56
N TYR B 432 -9.94 42.92 12.79
CA TYR B 432 -9.44 42.48 14.09
C TYR B 432 -7.92 42.43 14.08
N ASN B 433 -7.36 42.23 15.28
CA ASN B 433 -5.94 41.93 15.37
C ASN B 433 -5.63 40.63 14.62
N GLY B 434 -6.35 39.57 14.94
CA GLY B 434 -6.35 38.38 14.11
C GLY B 434 -5.56 37.23 14.67
N ASP B 435 -4.28 37.45 14.90
CA ASP B 435 -3.38 36.43 15.43
C ASP B 435 -3.16 36.73 16.90
N ASN B 436 -3.93 36.07 17.77
CA ASN B 436 -3.83 36.32 19.20
C ASN B 436 -3.00 35.26 19.90
N ARG B 437 -2.00 34.71 19.20
CA ARG B 437 -1.15 33.66 19.74
C ARG B 437 -0.04 34.27 20.59
N SER B 438 0.58 33.42 21.41
CA SER B 438 1.76 33.81 22.17
C SER B 438 2.96 34.01 21.24
N ALA B 439 3.89 34.89 21.66
CA ALA B 439 5.10 35.08 20.86
C ALA B 439 5.88 33.79 20.73
N GLU B 440 5.76 32.90 21.71
CA GLU B 440 6.37 31.59 21.64
C GLU B 440 5.77 30.78 20.49
N SER B 441 4.43 30.76 20.41
CA SER B 441 3.77 30.14 19.27
C SER B 441 4.20 30.79 17.97
N LYS B 442 4.20 32.13 17.91
CA LYS B 442 4.46 32.81 16.64
C LYS B 442 5.85 32.50 16.11
N ALA B 443 6.83 32.36 16.99
CA ALA B 443 8.19 32.20 16.51
C ALA B 443 8.46 30.80 15.97
N LYS B 444 7.58 29.83 16.24
CA LYS B 444 7.70 28.50 15.67
C LYS B 444 7.07 28.38 14.28
N ASP B 445 6.49 29.44 13.75
CA ASP B 445 5.93 29.37 12.40
C ASP B 445 7.04 29.08 11.39
N LEU B 446 6.64 28.59 10.21
CA LEU B 446 7.59 28.07 9.24
C LEU B 446 7.32 28.62 7.84
N PHE B 447 8.38 28.95 7.14
CA PHE B 447 8.30 29.30 5.73
C PHE B 447 8.15 28.02 4.91
N ILE B 448 7.14 27.99 4.06
CA ILE B 448 6.98 26.90 3.11
C ILE B 448 6.86 27.55 1.74
N ASN B 449 7.73 27.18 0.84
CA ASN B 449 7.73 27.74 -0.51
C ASN B 449 7.68 26.65 -1.57
N ASP B 450 6.98 25.57 -1.28
CA ASP B 450 6.96 24.43 -2.19
C ASP B 450 6.48 24.88 -3.56
N PRO B 451 7.24 24.63 -4.62
CA PRO B 451 6.84 25.13 -5.93
C PRO B 451 5.64 24.41 -6.53
N PHE B 452 5.24 23.25 -6.02
CA PHE B 452 4.31 22.39 -6.72
C PHE B 452 2.99 22.23 -5.97
N ILE B 453 2.60 23.21 -5.15
CA ILE B 453 1.32 23.10 -4.46
C ILE B 453 0.18 23.27 -5.46
N LYS B 454 -0.91 22.56 -5.23
CA LYS B 454 -2.05 22.57 -6.12
C LYS B 454 -3.31 22.86 -5.31
N GLY B 455 -4.29 23.50 -5.96
CA GLY B 455 -5.52 23.81 -5.25
C GLY B 455 -5.29 24.95 -4.28
N ILE B 456 -5.98 24.90 -3.14
CA ILE B 456 -5.81 25.97 -2.18
C ILE B 456 -5.52 25.40 -0.80
N ASP B 457 -5.18 24.11 -0.73
CA ASP B 457 -4.78 23.48 0.52
C ASP B 457 -3.61 22.54 0.23
N PHE B 458 -2.85 22.20 1.28
CA PHE B 458 -1.61 21.45 1.09
C PHE B 458 -1.85 20.03 0.57
N LYS B 459 -3.05 19.51 0.68
CA LYS B 459 -3.34 18.17 0.20
C LYS B 459 -3.94 18.18 -1.20
N ASN B 460 -4.21 19.36 -1.75
CA ASN B 460 -5.03 19.47 -2.96
C ASN B 460 -6.41 18.83 -2.77
N LYS B 461 -6.89 18.79 -1.52
CA LYS B 461 -8.17 18.13 -1.25
C LYS B 461 -9.34 18.95 -1.79
N THR B 462 -9.48 20.20 -1.35
CA THR B 462 -10.63 21.00 -1.74
C THR B 462 -10.64 21.23 -3.25
N ASP B 463 -11.82 21.09 -3.85
CA ASP B 463 -11.98 21.28 -5.29
C ASP B 463 -12.73 22.58 -5.52
N ILE B 464 -12.03 23.59 -6.02
CA ILE B 464 -12.61 24.90 -6.18
C ILE B 464 -13.13 25.13 -7.60
N ILE B 465 -13.04 24.13 -8.48
CA ILE B 465 -13.65 24.20 -9.80
C ILE B 465 -15.07 23.61 -9.71
N SER B 466 -16.08 24.46 -9.91
CA SER B 466 -17.46 23.98 -9.90
C SER B 466 -17.91 23.54 -11.29
N ARG B 467 -17.34 24.15 -12.32
CA ARG B 467 -17.64 23.78 -13.70
C ARG B 467 -16.41 24.09 -14.54
N LEU B 468 -16.19 23.28 -15.59
CA LEU B 468 -15.06 23.41 -16.50
C LEU B 468 -15.57 23.31 -17.92
N GLU B 469 -15.11 24.23 -18.77
CA GLU B 469 -15.46 24.30 -20.17
C GLU B 469 -14.19 24.41 -20.97
N VAL B 470 -14.06 23.57 -22.00
CA VAL B 470 -12.96 23.65 -22.95
C VAL B 470 -13.55 24.07 -24.29
N ARG B 471 -12.98 25.12 -24.88
CA ARG B 471 -13.46 25.62 -26.16
C ARG B 471 -12.36 25.46 -27.20
N PHE B 472 -12.64 24.68 -28.25
CA PHE B 472 -11.83 24.66 -29.47
C PHE B 472 -12.40 25.68 -30.43
N GLY B 473 -11.86 26.90 -30.38
CA GLY B 473 -12.39 27.98 -31.23
C GLY B 473 -13.54 28.66 -30.54
N ASN B 474 -14.63 28.88 -31.29
CA ASN B 474 -15.90 29.35 -30.74
C ASN B 474 -16.75 28.21 -30.21
N ASP B 475 -16.48 26.97 -30.64
CA ASP B 475 -17.25 25.80 -30.24
C ASP B 475 -16.82 25.30 -28.86
N VAL B 476 -17.76 24.70 -28.15
CA VAL B 476 -17.46 23.99 -26.91
C VAL B 476 -17.02 22.58 -27.26
N LEU B 477 -15.81 22.22 -26.85
CA LEU B 477 -15.32 20.87 -27.12
C LEU B 477 -15.65 19.91 -25.98
N TYR B 478 -15.72 20.43 -24.76
CA TYR B 478 -15.99 19.60 -23.59
C TYR B 478 -16.53 20.52 -22.50
N SER B 479 -17.41 19.97 -21.68
CA SER B 479 -17.90 20.64 -20.48
C SER B 479 -18.25 19.57 -19.46
N GLU B 480 -17.94 19.84 -18.20
CA GLU B 480 -18.25 18.90 -17.14
C GLU B 480 -18.66 19.67 -15.90
N ASN B 481 -19.54 19.05 -15.11
CA ASN B 481 -20.02 19.67 -13.88
C ASN B 481 -19.42 19.07 -12.62
N GLY B 482 -18.82 17.89 -12.73
CA GLY B 482 -17.98 17.35 -11.70
C GLY B 482 -16.73 16.78 -12.34
N PRO B 483 -15.74 16.46 -11.54
CA PRO B 483 -14.43 16.08 -12.11
C PRO B 483 -14.39 14.72 -12.78
N ILE B 484 -15.34 14.41 -13.64
CA ILE B 484 -15.35 13.09 -14.27
C ILE B 484 -14.11 12.92 -15.13
N SER B 485 -13.56 14.01 -15.65
CA SER B 485 -12.34 13.88 -16.45
C SER B 485 -11.17 13.46 -15.57
N ARG B 486 -11.10 13.96 -14.32
CA ARG B 486 -10.08 13.47 -13.39
C ARG B 486 -10.32 12.02 -12.99
N ILE B 487 -11.59 11.62 -12.83
CA ILE B 487 -11.92 10.23 -12.52
C ILE B 487 -11.35 9.31 -13.59
N TYR B 488 -11.64 9.61 -14.85
CA TYR B 488 -11.08 8.80 -15.93
C TYR B 488 -9.56 8.85 -15.93
N ASN B 489 -8.99 10.03 -15.70
CA ASN B 489 -7.56 10.14 -15.69
C ASN B 489 -6.96 9.21 -14.66
N GLU B 490 -7.46 9.30 -13.42
CA GLU B 490 -7.00 8.43 -12.35
C GLU B 490 -7.24 6.97 -12.68
N LEU B 491 -8.46 6.65 -13.14
CA LEU B 491 -8.78 5.28 -13.53
C LEU B 491 -7.85 4.77 -14.63
N LEU B 492 -7.71 5.53 -15.71
CA LEU B 492 -7.01 5.00 -16.88
C LEU B 492 -5.51 4.94 -16.69
N THR B 493 -4.95 5.71 -15.76
CA THR B 493 -3.51 5.71 -15.55
C THR B 493 -3.12 5.05 -14.22
N LYS B 494 -4.09 4.46 -13.53
CA LYS B 494 -3.87 3.92 -12.18
C LYS B 494 -3.07 4.91 -11.33
N SER B 495 -3.76 5.97 -10.92
CA SER B 495 -3.11 7.08 -10.24
C SER B 495 -4.09 7.67 -9.23
N ASN B 496 -3.62 7.87 -8.01
CA ASN B 496 -4.45 8.42 -6.96
C ASN B 496 -4.60 9.92 -7.04
N ASN B 497 -3.73 10.59 -7.81
CA ASN B 497 -3.67 12.04 -7.84
C ASN B 497 -3.63 12.51 -9.29
N GLY B 498 -4.74 12.28 -9.99
CA GLY B 498 -4.84 12.72 -11.36
C GLY B 498 -5.25 14.17 -11.46
N THR B 499 -5.49 14.57 -12.70
CA THR B 499 -5.93 15.91 -13.04
C THR B 499 -7.09 15.82 -14.01
N ARG B 500 -7.95 16.85 -13.99
CA ARG B 500 -9.02 16.94 -14.99
C ARG B 500 -8.37 16.93 -16.37
N THR B 501 -8.41 15.79 -17.05
CA THR B 501 -7.60 15.58 -18.24
C THR B 501 -8.50 15.07 -19.37
N LEU B 502 -8.39 15.69 -20.54
CA LEU B 502 -9.03 15.20 -21.75
C LEU B 502 -7.96 14.50 -22.58
N THR B 503 -8.18 13.23 -22.86
CA THR B 503 -7.22 12.41 -23.57
C THR B 503 -7.77 12.12 -24.95
N PHE B 504 -6.95 12.34 -25.97
CA PHE B 504 -7.41 12.08 -27.33
C PHE B 504 -6.83 10.81 -27.91
N ASN B 505 -5.76 10.29 -27.31
CA ASN B 505 -5.06 9.14 -27.85
C ASN B 505 -5.33 7.92 -26.98
N PHE B 506 -6.00 6.91 -27.54
CA PHE B 506 -6.23 5.66 -26.83
C PHE B 506 -5.54 4.52 -27.55
N THR B 507 -4.69 4.83 -28.42
CA THR B 507 -3.87 3.92 -29.19
C THR B 507 -2.59 3.66 -28.42
N PRO B 508 -2.05 2.45 -28.51
CA PRO B 508 -0.80 2.16 -27.80
C PRO B 508 0.35 3.01 -28.31
N LYS B 509 1.16 3.52 -27.39
CA LYS B 509 2.28 4.36 -27.76
C LYS B 509 3.36 3.55 -28.48
N ILE B 510 4.21 4.27 -29.23
CA ILE B 510 5.39 3.76 -29.92
C ILE B 510 5.01 3.02 -31.19
N PHE B 511 4.09 2.07 -31.11
CA PHE B 511 3.77 1.22 -32.25
C PHE B 511 2.69 1.78 -33.16
N PHE B 512 2.20 2.99 -32.88
CA PHE B 512 1.10 3.57 -33.62
C PHE B 512 1.30 5.08 -33.65
N ARG B 513 0.96 5.72 -34.75
CA ARG B 513 0.92 7.16 -34.77
C ARG B 513 -0.12 7.63 -33.76
N PRO B 514 0.25 8.43 -32.76
CA PRO B 514 -0.74 8.85 -31.76
C PRO B 514 -1.93 9.55 -32.42
N THR B 515 -3.10 9.29 -31.87
CA THR B 515 -4.32 9.95 -32.32
C THR B 515 -4.43 11.35 -31.71
N THR B 516 -4.70 12.35 -32.53
CA THR B 516 -4.71 13.73 -32.06
C THR B 516 -6.07 14.36 -32.32
N ILE B 517 -6.32 15.45 -31.61
CA ILE B 517 -7.35 16.39 -32.01
C ILE B 517 -6.66 17.39 -32.92
N THR B 518 -7.33 17.76 -34.00
CA THR B 518 -6.71 18.45 -35.13
C THR B 518 -7.40 19.77 -35.40
N ALA B 519 -6.60 20.83 -35.53
CA ALA B 519 -7.09 22.20 -35.67
C ALA B 519 -7.68 22.47 -37.05
N ASN B 520 -8.47 23.55 -37.13
CA ASN B 520 -8.92 24.16 -38.39
C ASN B 520 -8.58 25.65 -38.36
N VAL B 521 -7.37 26.00 -38.83
CA VAL B 521 -6.90 27.39 -38.77
C VAL B 521 -7.85 28.30 -39.55
N SER B 522 -8.43 27.78 -40.64
CA SER B 522 -9.39 28.54 -41.43
C SER B 522 -10.53 29.09 -40.57
N ARG B 523 -10.96 28.33 -39.56
CA ARG B 523 -12.17 28.65 -38.80
C ARG B 523 -11.88 29.19 -37.41
N GLY B 524 -10.66 29.67 -37.16
CA GLY B 524 -10.29 30.05 -35.80
C GLY B 524 -10.15 28.89 -34.83
N LYS B 525 -10.15 27.65 -35.31
CA LYS B 525 -10.08 26.45 -34.46
C LYS B 525 -8.66 25.91 -34.42
N ASP B 526 -7.79 26.69 -33.77
CA ASP B 526 -6.39 26.34 -33.58
C ASP B 526 -5.92 26.79 -32.21
N LYS B 527 -6.85 26.90 -31.26
CA LYS B 527 -6.54 27.40 -29.93
C LYS B 527 -7.56 26.79 -28.97
N LEU B 528 -7.10 26.46 -27.75
CA LEU B 528 -7.93 25.85 -26.73
C LEU B 528 -8.07 26.84 -25.59
N SER B 529 -9.28 27.33 -25.38
CA SER B 529 -9.55 28.22 -24.25
C SER B 529 -10.30 27.45 -23.18
N VAL B 530 -9.92 27.67 -21.92
CA VAL B 530 -10.49 26.98 -20.78
C VAL B 530 -11.12 28.03 -19.88
N ARG B 531 -12.39 27.83 -19.54
CA ARG B 531 -13.06 28.65 -18.55
C ARG B 531 -13.54 27.73 -17.42
N VAL B 532 -13.39 28.19 -16.19
CA VAL B 532 -13.95 27.46 -15.06
C VAL B 532 -14.83 28.41 -14.27
N VAL B 533 -15.71 27.81 -13.48
CA VAL B 533 -16.52 28.54 -12.51
C VAL B 533 -15.96 28.22 -11.13
N TYR B 534 -15.20 29.13 -10.54
CA TYR B 534 -14.71 28.85 -9.19
C TYR B 534 -15.87 28.85 -8.21
N SER B 535 -15.77 28.00 -7.20
CA SER B 535 -16.75 28.03 -6.12
C SER B 535 -16.72 29.39 -5.43
N THR B 536 -17.84 29.78 -4.84
CA THR B 536 -17.92 31.08 -4.18
C THR B 536 -17.69 30.88 -2.70
N MET B 537 -16.72 31.61 -2.16
CA MET B 537 -16.33 31.48 -0.76
C MET B 537 -16.71 32.71 0.03
N ASP B 538 -16.51 32.62 1.34
CA ASP B 538 -16.94 33.65 2.27
C ASP B 538 -15.81 34.64 2.53
N VAL B 539 -16.09 35.93 2.36
CA VAL B 539 -15.04 36.93 2.55
C VAL B 539 -14.55 37.01 3.98
N ASN B 540 -15.19 36.32 4.91
CA ASN B 540 -14.77 36.34 6.30
C ASN B 540 -13.98 35.12 6.69
N HIS B 541 -13.56 34.34 5.72
CA HIS B 541 -12.63 33.25 5.86
C HIS B 541 -11.33 33.65 5.19
N PRO B 542 -10.19 33.58 5.89
CA PRO B 542 -8.91 33.93 5.27
C PRO B 542 -8.65 33.24 3.93
N ILE B 543 -9.10 31.99 3.74
CA ILE B 543 -8.84 31.28 2.50
C ILE B 543 -9.31 32.06 1.27
N TYR B 544 -10.39 32.84 1.43
CA TYR B 544 -10.91 33.68 0.37
C TYR B 544 -9.82 34.50 -0.30
N TYR B 545 -8.79 34.88 0.44
CA TYR B 545 -7.77 35.79 -0.07
C TYR B 545 -6.53 35.07 -0.58
N VAL B 546 -6.55 33.74 -0.61
CA VAL B 546 -5.50 32.99 -1.27
C VAL B 546 -5.76 33.07 -2.76
N GLN B 547 -4.82 33.64 -3.51
CA GLN B 547 -4.98 33.83 -4.94
C GLN B 547 -4.73 32.53 -5.68
N LYS B 548 -5.32 32.40 -6.87
CA LYS B 548 -5.30 31.15 -7.59
C LYS B 548 -4.93 31.40 -9.04
N GLN B 549 -4.41 30.36 -9.70
CA GLN B 549 -4.05 30.43 -11.10
C GLN B 549 -4.53 29.18 -11.83
N LEU B 550 -5.07 29.38 -13.02
CA LEU B 550 -5.45 28.26 -13.86
C LEU B 550 -4.21 27.76 -14.59
N VAL B 551 -4.03 26.45 -14.59
CA VAL B 551 -2.90 25.82 -15.28
C VAL B 551 -3.50 24.88 -16.30
N VAL B 552 -3.14 25.09 -17.58
CA VAL B 552 -3.59 24.25 -18.67
C VAL B 552 -2.36 23.70 -19.37
N VAL B 553 -2.25 22.37 -19.43
CA VAL B 553 -1.11 21.69 -20.03
C VAL B 553 -1.59 21.00 -21.28
N CYS B 554 -0.89 21.24 -22.38
CA CYS B 554 -1.22 20.66 -23.68
C CYS B 554 -0.05 19.81 -24.16
N ASN B 555 -0.37 18.66 -24.76
CA ASN B 555 0.59 17.66 -25.19
C ASN B 555 0.59 17.68 -26.70
N ASP B 556 1.57 18.37 -27.29
CA ASP B 556 1.61 18.58 -28.74
C ASP B 556 2.35 17.44 -29.41
N LEU B 557 1.81 16.97 -30.54
CA LEU B 557 2.46 15.85 -31.23
C LEU B 557 3.57 16.36 -32.14
N TYR B 558 4.76 15.76 -32.00
CA TYR B 558 5.92 16.05 -32.81
C TYR B 558 6.37 14.79 -33.53
N LYS B 559 6.88 14.94 -34.76
CA LYS B 559 7.52 13.84 -35.49
C LYS B 559 9.03 13.89 -35.30
N VAL B 560 9.62 12.78 -34.86
CA VAL B 560 11.06 12.71 -34.64
C VAL B 560 11.72 12.09 -35.88
N SER B 561 12.65 12.84 -36.47
CA SER B 561 13.32 12.48 -37.71
C SER B 561 14.81 12.33 -37.43
N TYR B 562 15.46 11.46 -38.21
CA TYR B 562 16.83 11.05 -37.89
C TYR B 562 17.79 11.23 -39.08
N ASP B 563 17.43 12.03 -40.08
CA ASP B 563 18.24 12.23 -41.27
C ASP B 563 19.25 13.36 -41.02
N GLN B 564 20.52 13.00 -40.83
CA GLN B 564 21.60 13.91 -40.45
C GLN B 564 21.32 14.54 -39.09
N GLY B 565 21.60 13.81 -38.02
CA GLY B 565 21.28 14.26 -36.68
C GLY B 565 19.82 14.00 -36.31
N VAL B 566 19.52 14.24 -35.04
CA VAL B 566 18.16 14.07 -34.51
C VAL B 566 17.43 15.40 -34.62
N SER B 567 16.24 15.38 -35.19
CA SER B 567 15.41 16.57 -35.27
C SER B 567 13.97 16.21 -34.91
N ILE B 568 13.21 17.21 -34.49
CA ILE B 568 11.77 17.06 -34.31
C ILE B 568 11.05 18.17 -35.06
N THR B 569 9.83 17.87 -35.49
CA THR B 569 8.99 18.79 -36.24
C THR B 569 7.58 18.74 -35.67
N LYS B 570 7.01 19.90 -35.37
CA LYS B 570 5.67 19.96 -34.81
C LYS B 570 4.65 19.63 -35.88
N ILE B 571 3.90 18.55 -35.69
CA ILE B 571 2.85 18.17 -36.62
C ILE B 571 1.88 19.33 -36.79
N MET B 572 1.56 19.67 -38.04
CA MET B 572 0.58 20.75 -38.31
C MET B 572 -0.55 20.26 -39.18
N ILE C 41 -5.06 6.73 -45.77
CA ILE C 41 -3.89 5.87 -45.74
C ILE C 41 -4.31 4.40 -45.58
N LYS C 42 -3.36 3.47 -45.69
CA LYS C 42 -3.57 2.10 -45.21
C LYS C 42 -3.49 2.13 -43.70
N ARG C 43 -4.59 1.81 -43.03
CA ARG C 43 -4.66 1.99 -41.58
C ARG C 43 -4.81 0.64 -40.90
N SER C 44 -4.14 0.48 -39.75
CA SER C 44 -4.36 -0.70 -38.93
C SER C 44 -5.63 -0.53 -38.11
N ASN C 45 -6.50 -1.53 -38.18
CA ASN C 45 -7.73 -1.57 -37.40
C ASN C 45 -7.39 -1.68 -35.92
N VAL C 46 -7.67 -0.63 -35.15
CA VAL C 46 -7.51 -0.70 -33.70
C VAL C 46 -8.86 -0.90 -33.01
N PHE C 47 -9.93 -1.20 -33.75
CA PHE C 47 -11.26 -1.35 -33.18
C PHE C 47 -11.83 -2.75 -33.33
N ALA C 48 -11.10 -3.69 -33.92
CA ALA C 48 -11.53 -5.07 -33.98
C ALA C 48 -10.30 -5.90 -34.28
N VAL C 49 -10.37 -7.20 -34.01
CA VAL C 49 -9.22 -8.07 -34.28
C VAL C 49 -9.71 -9.48 -34.55
N ASP C 50 -8.94 -10.22 -35.34
CA ASP C 50 -9.28 -11.61 -35.62
C ASP C 50 -9.04 -12.44 -34.37
N SER C 51 -10.04 -13.24 -33.98
CA SER C 51 -9.92 -14.14 -32.83
C SER C 51 -9.28 -15.43 -33.31
N GLN C 52 -7.98 -15.61 -33.03
CA GLN C 52 -7.34 -16.85 -33.42
C GLN C 52 -7.81 -17.98 -32.50
N ILE C 53 -8.00 -19.16 -33.08
CA ILE C 53 -8.36 -20.34 -32.32
C ILE C 53 -7.08 -20.88 -31.72
N PRO C 54 -6.99 -21.04 -30.40
CA PRO C 54 -5.74 -21.48 -29.80
C PRO C 54 -5.64 -22.99 -29.82
N THR C 55 -4.43 -23.47 -29.55
CA THR C 55 -4.22 -24.88 -29.23
C THR C 55 -5.31 -25.38 -28.30
N LEU C 56 -5.76 -26.61 -28.53
CA LEU C 56 -6.82 -27.21 -27.73
C LEU C 56 -6.22 -27.84 -26.47
N TYR C 57 -6.68 -27.39 -25.31
CA TYR C 57 -6.12 -27.88 -24.07
C TYR C 57 -7.14 -27.75 -22.95
N MET C 58 -6.87 -28.44 -21.86
CA MET C 58 -7.68 -28.28 -20.66
C MET C 58 -6.72 -28.22 -19.47
N PRO C 59 -6.81 -27.20 -18.61
CA PRO C 59 -5.94 -27.10 -17.46
C PRO C 59 -6.54 -27.75 -16.23
N GLN C 60 -5.68 -28.25 -15.35
CA GLN C 60 -6.15 -28.77 -14.08
C GLN C 60 -5.19 -28.42 -12.95
N TYR C 61 -5.73 -27.90 -11.84
CA TYR C 61 -4.94 -27.75 -10.62
C TYR C 61 -4.66 -29.13 -10.03
N ILE C 62 -3.39 -29.46 -9.84
CA ILE C 62 -3.00 -30.80 -9.39
C ILE C 62 -2.15 -30.67 -8.13
N SER C 63 -2.56 -31.35 -7.05
CA SER C 63 -1.82 -31.39 -5.80
C SER C 63 -1.24 -32.79 -5.60
N LEU C 64 0.01 -32.88 -5.16
CA LEU C 64 0.64 -34.16 -4.88
C LEU C 64 1.25 -34.17 -3.51
N SER C 65 1.34 -35.38 -2.94
CA SER C 65 2.09 -35.63 -1.72
C SER C 65 3.46 -36.16 -2.09
N GLY C 66 4.45 -35.91 -1.22
CA GLY C 66 5.83 -36.23 -1.50
C GLY C 66 6.37 -37.39 -0.67
N VAL C 67 7.57 -37.82 -1.04
CA VAL C 67 8.34 -38.71 -0.19
C VAL C 67 9.37 -37.87 0.56
N MET C 68 9.34 -37.98 1.89
CA MET C 68 10.23 -37.24 2.77
C MET C 68 11.37 -38.14 3.22
N THR C 69 12.59 -37.72 2.97
CA THR C 69 13.76 -38.38 3.49
C THR C 69 14.57 -37.34 4.26
N ASN C 70 15.01 -37.68 5.45
CA ASN C 70 15.87 -36.78 6.20
C ASN C 70 17.34 -37.10 5.97
N ASP C 71 17.70 -37.25 4.69
CA ASP C 71 19.05 -37.63 4.26
C ASP C 71 19.54 -36.58 3.28
N GLY C 72 20.46 -35.71 3.72
CA GLY C 72 21.13 -34.80 2.84
C GLY C 72 20.92 -33.33 3.18
N PRO C 73 21.98 -32.67 3.68
CA PRO C 73 23.30 -33.23 4.04
C PRO C 73 23.48 -33.48 5.56
N ASP C 74 23.32 -32.45 6.40
CA ASP C 74 23.42 -32.57 7.85
C ASP C 74 22.17 -33.20 8.44
N ASN C 75 21.61 -34.21 7.76
CA ASN C 75 20.26 -34.71 8.02
C ASN C 75 19.22 -33.61 7.78
N GLN C 76 19.32 -32.95 6.62
CA GLN C 76 18.34 -31.94 6.23
C GLN C 76 17.14 -32.62 5.57
N ALA C 77 15.95 -32.07 5.81
CA ALA C 77 14.74 -32.66 5.27
C ALA C 77 14.63 -32.39 3.78
N ILE C 78 14.28 -33.42 3.02
CA ILE C 78 14.06 -33.29 1.59
C ILE C 78 12.70 -33.88 1.25
N ALA C 79 11.99 -33.22 0.34
CA ALA C 79 10.67 -33.64 -0.12
C ALA C 79 10.75 -33.81 -1.63
N SER C 80 10.46 -35.02 -2.09
CA SER C 80 10.51 -35.31 -3.53
C SER C 80 9.09 -35.57 -4.03
N PHE C 81 8.77 -34.94 -5.15
CA PHE C 81 7.48 -35.11 -5.81
C PHE C 81 7.73 -35.56 -7.26
N GLU C 82 7.08 -36.65 -7.67
CA GLU C 82 7.21 -37.15 -9.04
C GLU C 82 5.93 -36.88 -9.82
N ILE C 83 6.04 -36.13 -10.90
CA ILE C 83 4.97 -35.95 -11.87
C ILE C 83 5.23 -36.90 -13.04
N ARG C 84 4.48 -38.02 -13.08
CA ARG C 84 4.61 -39.03 -14.15
C ARG C 84 3.20 -39.45 -14.56
N ASP C 85 2.52 -38.55 -15.24
CA ASP C 85 1.20 -38.80 -15.79
C ASP C 85 1.30 -38.60 -17.29
N GLN C 86 0.85 -39.60 -18.05
CA GLN C 86 1.03 -39.49 -19.48
C GLN C 86 0.23 -38.34 -20.06
N TYR C 87 -0.85 -37.95 -19.39
CA TYR C 87 -1.77 -36.93 -19.87
C TYR C 87 -1.45 -35.55 -19.34
N ILE C 88 -0.41 -35.37 -18.53
CA ILE C 88 0.03 -34.02 -18.18
C ILE C 88 1.03 -33.61 -19.25
N THR C 89 0.59 -32.76 -20.18
CA THR C 89 1.45 -32.37 -21.30
C THR C 89 2.41 -31.26 -20.90
N ALA C 90 1.93 -30.25 -20.18
CA ALA C 90 2.76 -29.16 -19.72
C ALA C 90 2.35 -28.83 -18.29
N LEU C 91 3.21 -28.08 -17.61
CA LEU C 91 2.85 -27.58 -16.28
C LEU C 91 3.57 -26.26 -16.01
N ASN C 92 3.00 -25.47 -15.11
CA ASN C 92 3.70 -24.35 -14.51
C ASN C 92 3.02 -23.98 -13.18
N HIS C 93 3.47 -22.88 -12.58
CA HIS C 93 2.88 -22.28 -11.39
C HIS C 93 2.91 -23.22 -10.18
N LEU C 94 4.12 -23.59 -9.78
CA LEU C 94 4.30 -24.45 -8.62
C LEU C 94 3.96 -23.68 -7.33
N VAL C 95 3.15 -24.29 -6.47
CA VAL C 95 2.89 -23.79 -5.14
C VAL C 95 3.18 -24.91 -4.15
N LEU C 96 4.04 -24.64 -3.17
CA LEU C 96 4.31 -25.59 -2.09
C LEU C 96 3.52 -25.16 -0.87
N SER C 97 2.76 -26.09 -0.29
CA SER C 97 2.02 -25.81 0.94
C SER C 97 2.64 -26.55 2.12
N LEU C 98 2.56 -25.93 3.30
CA LEU C 98 3.15 -26.48 4.51
C LEU C 98 2.14 -26.44 5.62
N GLU C 99 1.86 -27.62 6.21
CA GLU C 99 1.04 -27.73 7.41
C GLU C 99 1.94 -27.54 8.63
N LEU C 100 1.83 -26.39 9.28
CA LEU C 100 2.60 -26.08 10.49
C LEU C 100 1.86 -26.63 11.71
N PRO C 101 2.55 -27.30 12.62
CA PRO C 101 1.86 -27.99 13.71
C PRO C 101 1.44 -27.04 14.81
N GLU C 102 0.54 -27.53 15.66
CA GLU C 102 0.30 -26.88 16.94
C GLU C 102 1.60 -26.83 17.73
N VAL C 103 1.81 -25.72 18.43
CA VAL C 103 2.98 -25.52 19.27
C VAL C 103 2.50 -25.27 20.69
N LYS C 104 2.76 -26.24 21.58
CA LYS C 104 2.35 -26.23 22.98
C LYS C 104 3.56 -26.17 23.89
N GLY C 105 3.44 -25.43 24.99
CA GLY C 105 4.48 -25.43 25.99
C GLY C 105 4.69 -24.06 26.59
N MET C 106 5.90 -23.86 27.10
CA MET C 106 6.23 -22.65 27.84
C MET C 106 7.23 -21.81 27.07
N GLY C 107 7.17 -20.50 27.27
CA GLY C 107 8.15 -19.59 26.73
C GLY C 107 7.60 -18.73 25.60
N ARG C 108 8.50 -17.98 24.98
N ARG C 108 8.50 -17.97 24.99
CA ARG C 108 8.17 -17.08 23.89
CA ARG C 108 8.19 -17.07 23.89
C ARG C 108 8.54 -17.73 22.56
C ARG C 108 8.54 -17.73 22.56
N PHE C 109 7.63 -17.64 21.59
CA PHE C 109 7.79 -18.33 20.33
C PHE C 109 7.07 -17.57 19.23
N GLY C 110 7.73 -17.43 18.09
CA GLY C 110 7.11 -16.85 16.92
C GLY C 110 7.78 -17.37 15.66
N TYR C 111 7.10 -17.17 14.54
CA TYR C 111 7.64 -17.52 13.24
C TYR C 111 8.17 -16.29 12.54
N VAL C 112 9.27 -16.46 11.81
CA VAL C 112 9.85 -15.37 11.02
C VAL C 112 8.83 -14.95 9.99
N PRO C 113 8.81 -13.68 9.57
CA PRO C 113 7.84 -13.26 8.55
C PRO C 113 8.09 -13.99 7.24
N TYR C 114 7.01 -14.24 6.50
CA TYR C 114 7.08 -15.01 5.26
C TYR C 114 7.74 -16.36 5.52
N VAL C 115 7.21 -17.06 6.53
CA VAL C 115 7.88 -18.26 7.05
C VAL C 115 8.08 -19.28 5.92
N GLY C 116 7.06 -19.47 5.10
CA GLY C 116 7.15 -20.46 4.04
C GLY C 116 8.34 -20.29 3.11
N TYR C 117 8.65 -19.04 2.72
CA TYR C 117 9.82 -18.84 1.87
C TYR C 117 11.11 -19.10 2.65
N LYS C 118 11.14 -18.69 3.93
CA LYS C 118 12.33 -18.90 4.76
C LYS C 118 12.60 -20.38 5.02
N CYS C 119 11.59 -21.24 4.87
N CYS C 119 11.60 -21.24 4.88
CA CYS C 119 11.76 -22.67 5.12
CA CYS C 119 11.85 -22.65 5.19
C CYS C 119 12.65 -23.32 4.06
C CYS C 119 12.45 -23.40 4.02
N ILE C 120 12.62 -22.77 2.85
CA ILE C 120 13.14 -23.44 1.68
C ILE C 120 14.64 -23.22 1.57
N ASN C 121 15.41 -24.31 1.62
CA ASN C 121 16.84 -24.19 1.38
C ASN C 121 17.17 -24.19 -0.11
N HIS C 122 16.41 -24.94 -0.93
CA HIS C 122 16.71 -25.17 -2.34
C HIS C 122 15.54 -25.88 -3.00
N VAL C 123 15.23 -25.50 -4.23
CA VAL C 123 14.23 -26.19 -5.04
C VAL C 123 14.94 -26.66 -6.30
N SER C 124 14.57 -27.84 -6.79
CA SER C 124 15.24 -28.39 -7.96
C SER C 124 14.23 -29.13 -8.82
N ILE C 125 14.04 -28.67 -10.05
CA ILE C 125 13.18 -29.35 -11.02
C ILE C 125 14.06 -30.15 -11.96
N SER C 126 13.84 -31.47 -11.99
CA SER C 126 14.73 -32.35 -12.71
C SER C 126 13.93 -33.38 -13.50
N SER C 127 14.60 -33.98 -14.47
CA SER C 127 14.01 -34.98 -15.34
C SER C 127 15.00 -36.12 -15.52
N CYS C 128 14.58 -37.15 -16.27
CA CYS C 128 15.47 -38.28 -16.52
C CYS C 128 16.65 -37.91 -17.42
N ASN C 129 16.84 -36.63 -17.72
CA ASN C 129 18.07 -36.14 -18.32
C ASN C 129 18.82 -35.21 -17.39
N GLY C 130 18.47 -35.21 -16.11
CA GLY C 130 19.10 -34.33 -15.14
C GLY C 130 18.26 -33.11 -14.80
N VAL C 131 18.93 -32.03 -14.39
CA VAL C 131 18.28 -30.86 -13.82
C VAL C 131 17.86 -29.92 -14.93
N ILE C 132 16.59 -29.53 -14.93
CA ILE C 132 16.06 -28.53 -15.85
C ILE C 132 16.20 -27.12 -15.29
N TRP C 133 15.97 -26.96 -13.99
CA TRP C 133 16.02 -25.66 -13.33
C TRP C 133 16.09 -25.91 -11.84
N GLU C 134 16.69 -24.96 -11.14
CA GLU C 134 16.87 -25.07 -9.69
C GLU C 134 17.29 -23.70 -9.20
N ILE C 135 17.10 -23.48 -7.90
CA ILE C 135 17.30 -22.17 -7.30
C ILE C 135 17.57 -22.36 -5.82
N GLU C 136 18.39 -21.48 -5.26
CA GLU C 136 18.61 -21.45 -3.82
C GLU C 136 17.46 -20.68 -3.16
N GLY C 137 17.10 -21.14 -1.95
CA GLY C 137 15.96 -20.56 -1.26
C GLY C 137 15.95 -19.05 -1.23
N GLU C 138 17.08 -18.46 -0.84
CA GLU C 138 17.13 -16.99 -0.73
C GLU C 138 16.85 -16.32 -2.08
N GLU C 139 17.29 -16.93 -3.17
CA GLU C 139 17.12 -16.29 -4.46
C GLU C 139 15.67 -16.39 -4.93
N LEU C 140 15.04 -17.54 -4.71
CA LEU C 140 13.59 -17.65 -4.92
C LEU C 140 12.85 -16.57 -4.15
N TYR C 141 13.12 -16.45 -2.84
CA TYR C 141 12.52 -15.37 -2.05
C TYR C 141 12.78 -14.03 -2.70
N ASN C 142 14.05 -13.72 -2.96
CA ASN C 142 14.42 -12.47 -3.62
C ASN C 142 13.58 -12.21 -4.86
N ASN C 143 13.40 -13.25 -5.69
CA ASN C 143 12.61 -13.15 -6.91
C ASN C 143 11.13 -12.89 -6.63
N CYS C 144 10.65 -13.17 -5.43
CA CYS C 144 9.24 -12.97 -5.12
C CYS C 144 9.01 -11.77 -4.24
N ILE C 145 10.06 -11.02 -3.90
CA ILE C 145 9.96 -10.09 -2.79
C ILE C 145 9.05 -8.91 -3.07
N ASN C 146 8.67 -8.66 -4.32
CA ASN C 146 7.74 -7.60 -4.63
C ASN C 146 6.37 -8.14 -4.97
N ASN C 147 6.15 -9.43 -4.79
CA ASN C 147 4.85 -10.06 -5.02
C ASN C 147 4.17 -10.16 -3.67
N THR C 148 3.50 -9.07 -3.28
CA THR C 148 2.89 -8.96 -1.96
C THR C 148 2.00 -10.15 -1.65
N ILE C 149 1.17 -10.55 -2.62
CA ILE C 149 0.21 -11.61 -2.36
C ILE C 149 0.92 -12.96 -2.20
N ALA C 150 1.92 -13.23 -3.03
CA ALA C 150 2.77 -14.40 -2.80
C ALA C 150 3.36 -14.39 -1.39
N LEU C 151 3.97 -13.25 -1.00
CA LEU C 151 4.53 -13.14 0.34
C LEU C 151 3.49 -13.42 1.40
N LYS C 152 2.28 -12.85 1.25
CA LYS C 152 1.23 -13.05 2.25
C LYS C 152 0.84 -14.50 2.35
N HIS C 153 0.75 -15.20 1.22
CA HIS C 153 0.37 -16.59 1.27
C HIS C 153 1.40 -17.42 2.03
N SER C 154 2.66 -17.03 1.94
CA SER C 154 3.75 -17.76 2.58
C SER C 154 3.70 -17.68 4.10
N GLY C 155 2.88 -16.79 4.65
CA GLY C 155 2.77 -16.71 6.09
C GLY C 155 3.25 -15.38 6.59
N TYR C 156 2.35 -14.41 6.64
CA TYR C 156 2.70 -13.10 7.16
C TYR C 156 1.44 -12.56 7.84
N SER C 157 1.30 -12.86 9.12
CA SER C 157 0.11 -12.54 9.90
C SER C 157 0.54 -12.39 11.36
N SER C 158 -0.28 -11.70 12.14
CA SER C 158 0.05 -11.61 13.57
C SER C 158 -0.11 -12.95 14.26
N GLU C 159 -1.03 -13.79 13.77
CA GLU C 159 -1.09 -15.15 14.30
C GLU C 159 0.25 -15.83 14.20
N LEU C 160 0.95 -15.65 13.09
CA LEU C 160 2.19 -16.37 12.87
C LEU C 160 3.42 -15.67 13.43
N ASN C 161 3.44 -14.34 13.36
CA ASN C 161 4.69 -13.62 13.40
C ASN C 161 4.86 -12.73 14.62
N ASP C 162 3.81 -12.48 15.39
CA ASP C 162 4.01 -11.92 16.71
C ASP C 162 4.63 -12.99 17.60
N ILE C 163 5.36 -12.56 18.61
CA ILE C 163 5.96 -13.50 19.54
C ILE C 163 4.93 -13.82 20.61
N SER C 164 4.53 -15.08 20.68
CA SER C 164 3.51 -15.51 21.63
C SER C 164 4.17 -16.13 22.87
N ILE C 165 3.42 -16.18 23.96
CA ILE C 165 3.96 -16.65 25.24
C ILE C 165 3.05 -17.73 25.81
N GLY C 166 3.62 -18.93 26.01
CA GLY C 166 2.93 -20.02 26.66
C GLY C 166 3.21 -20.02 28.15
N LEU C 167 2.14 -20.13 28.94
CA LEU C 167 2.24 -19.92 30.38
C LEU C 167 2.32 -21.20 31.18
N THR C 168 2.08 -22.36 30.58
CA THR C 168 2.10 -23.66 31.26
C THR C 168 2.58 -24.70 30.26
N PRO C 169 3.02 -25.87 30.73
CA PRO C 169 3.54 -26.89 29.80
C PRO C 169 2.56 -27.32 28.72
N ASN C 170 1.28 -26.99 28.85
CA ASN C 170 0.27 -27.42 27.89
C ASN C 170 -0.50 -26.24 27.31
N ASP C 171 -0.05 -25.02 27.59
CA ASP C 171 -0.58 -23.85 26.92
C ASP C 171 -0.29 -23.93 25.43
N THR C 172 -1.23 -23.48 24.62
CA THR C 172 -1.02 -23.40 23.18
C THR C 172 -0.43 -22.06 22.80
N ILE C 173 0.79 -22.08 22.28
CA ILE C 173 1.44 -20.84 21.84
C ILE C 173 0.98 -20.46 20.43
N LYS C 174 1.10 -21.37 19.47
CA LYS C 174 0.61 -21.18 18.12
C LYS C 174 -0.36 -22.28 17.72
N GLU C 175 -1.42 -21.91 17.00
CA GLU C 175 -2.35 -22.87 16.45
C GLU C 175 -1.78 -23.52 15.19
N PRO C 176 -2.26 -24.71 14.84
CA PRO C 176 -1.86 -25.29 13.55
C PRO C 176 -2.25 -24.36 12.43
N SER C 177 -1.50 -24.43 11.33
CA SER C 177 -1.75 -23.51 10.22
C SER C 177 -1.14 -24.09 8.96
N THR C 178 -1.64 -23.62 7.81
CA THR C 178 -1.10 -24.04 6.53
C THR C 178 -0.69 -22.82 5.73
N VAL C 179 0.56 -22.80 5.27
CA VAL C 179 1.07 -21.70 4.45
C VAL C 179 1.31 -22.21 3.03
N TYR C 180 1.38 -21.26 2.09
CA TYR C 180 1.47 -21.55 0.67
C TYR C 180 2.64 -20.79 0.08
N VAL C 181 3.57 -21.50 -0.56
CA VAL C 181 4.80 -20.89 -1.05
C VAL C 181 4.79 -20.95 -2.56
N TYR C 182 4.76 -19.79 -3.21
CA TYR C 182 4.73 -19.73 -4.67
C TYR C 182 6.15 -19.88 -5.18
N ILE C 183 6.48 -21.08 -5.64
CA ILE C 183 7.76 -21.39 -6.27
C ILE C 183 7.80 -20.85 -7.69
N LYS C 184 8.07 -19.56 -7.83
CA LYS C 184 8.12 -18.92 -9.13
C LYS C 184 9.23 -19.52 -9.99
N THR C 185 8.94 -19.75 -11.26
CA THR C 185 9.85 -20.39 -12.18
C THR C 185 9.89 -19.60 -13.48
N PRO C 186 10.94 -19.78 -14.29
CA PRO C 186 10.92 -19.19 -15.65
C PRO C 186 9.70 -19.61 -16.46
N PHE C 187 8.99 -20.66 -16.04
CA PHE C 187 7.91 -21.18 -16.87
C PHE C 187 6.63 -20.39 -16.75
N ASP C 188 6.55 -19.41 -15.85
CA ASP C 188 5.29 -18.70 -15.65
C ASP C 188 5.25 -17.34 -16.35
N VAL C 189 6.36 -16.88 -16.92
CA VAL C 189 6.43 -15.49 -17.41
C VAL C 189 5.30 -15.21 -18.40
N GLU C 190 5.09 -16.10 -19.36
CA GLU C 190 4.09 -15.90 -20.39
C GLU C 190 3.11 -17.06 -20.41
N ASP C 191 2.70 -17.51 -19.23
CA ASP C 191 1.55 -18.42 -19.05
C ASP C 191 1.79 -19.68 -19.87
N THR C 192 0.83 -20.10 -20.70
CA THR C 192 0.96 -21.37 -21.41
C THR C 192 2.17 -21.37 -22.34
N PHE C 193 2.51 -20.21 -22.90
CA PHE C 193 3.67 -20.11 -23.79
C PHE C 193 4.95 -20.56 -23.09
N SER C 194 5.21 -20.04 -21.90
CA SER C 194 6.46 -20.34 -21.20
C SER C 194 6.44 -21.67 -20.45
N SER C 195 5.32 -22.41 -20.48
CA SER C 195 5.12 -23.55 -19.56
C SER C 195 6.14 -24.66 -19.78
N LEU C 196 6.43 -25.40 -18.72
CA LEU C 196 7.32 -26.55 -18.83
C LEU C 196 6.63 -27.70 -19.58
N LYS C 197 7.16 -28.06 -20.74
CA LYS C 197 6.63 -29.21 -21.47
C LYS C 197 7.22 -30.50 -20.91
N LEU C 198 6.37 -31.52 -20.72
CA LEU C 198 6.87 -32.74 -20.12
C LEU C 198 7.31 -33.78 -21.13
N SER C 199 6.67 -33.85 -22.30
CA SER C 199 7.20 -34.63 -23.42
C SER C 199 7.33 -36.11 -23.03
N ASP C 200 6.29 -36.63 -22.38
CA ASP C 200 6.25 -38.01 -21.90
C ASP C 200 7.52 -38.39 -21.11
N SER C 201 8.13 -37.42 -20.43
CA SER C 201 9.22 -37.71 -19.52
C SER C 201 8.76 -37.55 -18.08
N LYS C 202 9.59 -38.02 -17.15
CA LYS C 202 9.25 -38.02 -15.73
C LYS C 202 9.94 -36.82 -15.06
N ILE C 203 9.13 -35.91 -14.52
CA ILE C 203 9.63 -34.72 -13.84
C ILE C 203 9.67 -35.00 -12.34
N THR C 204 10.75 -34.56 -11.69
CA THR C 204 10.86 -34.66 -10.24
C THR C 204 11.16 -33.28 -9.67
N VAL C 205 10.33 -32.83 -8.74
CA VAL C 205 10.54 -31.61 -7.99
C VAL C 205 11.09 -31.99 -6.64
N THR C 206 12.23 -31.41 -6.28
CA THR C 206 12.92 -31.73 -5.03
C THR C 206 13.03 -30.45 -4.20
N VAL C 207 12.59 -30.52 -2.95
CA VAL C 207 12.63 -29.37 -2.04
C VAL C 207 13.46 -29.74 -0.82
N THR C 208 14.52 -28.96 -0.57
CA THR C 208 15.36 -29.11 0.61
C THR C 208 14.99 -28.03 1.60
N PHE C 209 14.69 -28.43 2.83
CA PHE C 209 14.22 -27.49 3.84
C PHE C 209 15.35 -27.09 4.77
N ASN C 210 15.51 -25.79 4.98
CA ASN C 210 16.29 -25.26 6.09
C ASN C 210 15.93 -25.94 7.40
N PRO C 211 16.87 -26.03 8.34
CA PRO C 211 16.51 -26.48 9.68
C PRO C 211 15.51 -25.53 10.31
N VAL C 212 14.61 -26.09 11.13
CA VAL C 212 13.49 -25.31 11.61
C VAL C 212 13.95 -24.16 12.51
N SER C 213 15.15 -24.23 13.09
CA SER C 213 15.61 -23.11 13.89
C SER C 213 15.73 -21.82 13.09
N ASP C 214 15.85 -21.92 11.76
CA ASP C 214 15.95 -20.73 10.93
C ASP C 214 14.65 -19.93 10.93
N ILE C 215 13.50 -20.60 11.02
CA ILE C 215 12.21 -19.95 10.85
C ILE C 215 11.54 -19.59 12.17
N VAL C 216 12.21 -19.84 13.30
CA VAL C 216 11.61 -19.71 14.63
C VAL C 216 12.37 -18.64 15.42
N ILE C 217 11.62 -17.70 16.00
CA ILE C 217 12.15 -16.70 16.93
C ILE C 217 11.66 -17.05 18.33
N ARG C 218 12.59 -17.32 19.25
CA ARG C 218 12.26 -17.90 20.55
C ARG C 218 13.15 -17.31 21.63
N ASP C 219 12.71 -17.45 22.88
CA ASP C 219 13.56 -17.08 24.00
C ASP C 219 14.22 -18.33 24.59
N SER C 220 14.90 -18.18 25.72
CA SER C 220 15.55 -19.33 26.34
C SER C 220 14.55 -20.25 27.02
N SER C 221 13.44 -19.70 27.51
CA SER C 221 12.47 -20.50 28.24
C SER C 221 11.81 -21.53 27.35
N PHE C 222 11.62 -21.21 26.07
CA PHE C 222 11.05 -22.17 25.13
C PHE C 222 11.95 -23.39 24.99
N ASP C 223 11.33 -24.57 24.93
CA ASP C 223 12.08 -25.83 24.86
C ASP C 223 12.39 -26.12 23.40
N PHE C 224 13.43 -25.46 22.88
CA PHE C 224 13.73 -25.67 21.47
C PHE C 224 14.28 -27.06 21.22
N GLU C 225 15.00 -27.60 22.20
CA GLU C 225 15.58 -28.93 22.08
C GLU C 225 14.49 -29.96 21.75
N THR C 226 13.38 -29.91 22.46
CA THR C 226 12.26 -30.82 22.19
C THR C 226 11.59 -30.49 20.86
N PHE C 227 11.21 -29.22 20.68
CA PHE C 227 10.58 -28.77 19.43
C PHE C 227 11.39 -29.22 18.22
N ASN C 228 12.70 -28.96 18.25
CA ASN C 228 13.57 -29.36 17.16
C ASN C 228 13.45 -30.85 16.86
N LYS C 229 13.30 -31.67 17.91
CA LYS C 229 13.16 -33.11 17.75
C LYS C 229 11.83 -33.48 17.12
N GLU C 230 10.74 -32.91 17.64
CA GLU C 230 9.41 -33.32 17.22
C GLU C 230 8.95 -32.68 15.91
N PHE C 231 9.55 -31.57 15.48
CA PHE C 231 9.03 -30.86 14.31
C PHE C 231 9.38 -31.62 13.04
N VAL C 232 8.40 -31.77 12.17
CA VAL C 232 8.62 -32.37 10.86
C VAL C 232 7.94 -31.48 9.82
N TYR C 233 8.60 -31.29 8.68
CA TYR C 233 8.02 -30.52 7.57
C TYR C 233 6.97 -31.37 6.86
N VAL C 234 5.77 -30.84 6.71
CA VAL C 234 4.67 -31.60 6.14
C VAL C 234 4.24 -30.93 4.83
N PRO C 235 4.88 -31.28 3.70
CA PRO C 235 4.71 -30.50 2.47
C PRO C 235 3.88 -31.17 1.38
N GLU C 236 3.10 -30.36 0.67
CA GLU C 236 2.33 -30.80 -0.49
C GLU C 236 2.63 -29.89 -1.68
N LEU C 237 2.79 -30.48 -2.87
CA LEU C 237 3.10 -29.71 -4.07
C LEU C 237 1.87 -29.63 -4.96
N SER C 238 1.45 -28.41 -5.29
CA SER C 238 0.42 -28.15 -6.28
C SER C 238 1.05 -27.50 -7.50
N PHE C 239 0.34 -27.56 -8.62
CA PHE C 239 0.79 -26.97 -9.87
C PHE C 239 -0.37 -27.00 -10.85
N ILE C 240 -0.30 -26.13 -11.86
CA ILE C 240 -1.23 -26.17 -12.97
C ILE C 240 -0.69 -27.12 -14.04
N GLY C 241 -1.45 -28.16 -14.34
CA GLY C 241 -1.16 -29.07 -15.43
C GLY C 241 -2.03 -28.75 -16.63
N TYR C 242 -1.52 -29.07 -17.81
CA TYR C 242 -2.22 -28.85 -19.07
C TYR C 242 -2.25 -30.14 -19.87
N MET C 243 -3.47 -30.64 -20.15
CA MET C 243 -3.70 -31.64 -21.19
C MET C 243 -3.82 -30.94 -22.53
N VAL C 244 -2.85 -31.16 -23.41
CA VAL C 244 -2.80 -30.50 -24.70
C VAL C 244 -3.07 -31.53 -25.80
N LYS C 245 -4.04 -31.25 -26.65
CA LYS C 245 -4.25 -32.08 -27.83
C LYS C 245 -3.28 -31.66 -28.92
N ASN C 246 -2.51 -32.62 -29.43
CA ASN C 246 -1.65 -32.42 -30.60
C ASN C 246 -0.68 -31.26 -30.38
N VAL C 247 0.09 -31.34 -29.28
CA VAL C 247 0.98 -30.26 -28.89
C VAL C 247 2.10 -30.11 -29.91
N GLN C 248 2.50 -28.87 -30.17
CA GLN C 248 3.53 -28.55 -31.14
C GLN C 248 4.67 -27.84 -30.42
N ILE C 249 5.63 -28.61 -29.92
CA ILE C 249 6.71 -28.07 -29.10
C ILE C 249 7.78 -27.44 -29.99
N LYS C 250 8.48 -26.45 -29.45
CA LYS C 250 9.61 -25.76 -30.08
C LYS C 250 10.64 -25.52 -28.99
N PRO C 251 11.88 -25.23 -29.36
CA PRO C 251 12.90 -24.93 -28.34
C PRO C 251 12.76 -23.51 -27.79
N SER C 252 13.40 -23.30 -26.64
CA SER C 252 13.33 -22.00 -25.98
C SER C 252 14.56 -21.83 -25.09
N PHE C 253 14.60 -20.69 -24.43
CA PHE C 253 15.66 -20.32 -23.51
C PHE C 253 15.08 -20.09 -22.12
N ILE C 254 15.99 -19.95 -21.17
CA ILE C 254 15.65 -20.03 -19.76
C ILE C 254 16.85 -19.47 -19.00
N GLU C 255 16.58 -18.53 -18.10
CA GLU C 255 17.62 -18.00 -17.24
C GLU C 255 17.66 -18.82 -15.95
N LYS C 256 18.84 -19.30 -15.59
CA LYS C 256 19.01 -20.14 -14.40
C LYS C 256 19.96 -19.41 -13.48
N PRO C 257 19.50 -18.96 -12.31
CA PRO C 257 20.38 -18.18 -11.43
C PRO C 257 21.30 -19.09 -10.64
N ARG C 258 22.51 -18.62 -10.42
CA ARG C 258 23.48 -19.36 -9.62
C ARG C 258 24.29 -18.34 -8.86
N ARG C 259 24.76 -18.72 -7.68
CA ARG C 259 25.35 -17.72 -6.82
C ARG C 259 26.61 -18.25 -6.17
N VAL C 260 27.40 -17.29 -5.69
CA VAL C 260 28.69 -17.48 -5.09
C VAL C 260 28.73 -16.62 -3.85
N ILE C 261 29.11 -17.21 -2.72
CA ILE C 261 29.22 -16.50 -1.46
C ILE C 261 30.71 -16.39 -1.14
N GLY C 262 31.16 -15.19 -0.83
CA GLY C 262 32.55 -15.04 -0.47
C GLY C 262 32.84 -15.49 0.95
N GLN C 263 34.14 -15.60 1.25
CA GLN C 263 34.58 -15.87 2.61
C GLN C 263 34.24 -14.71 3.53
N ILE C 264 34.15 -15.03 4.82
CA ILE C 264 33.77 -14.03 5.81
C ILE C 264 34.73 -12.86 5.78
N ASN C 265 34.18 -11.65 5.70
CA ASN C 265 34.90 -10.39 5.66
C ASN C 265 35.86 -10.26 4.49
N GLN C 266 35.75 -11.14 3.49
CA GLN C 266 36.51 -11.01 2.25
C GLN C 266 35.69 -10.23 1.23
N PRO C 267 36.20 -9.11 0.70
CA PRO C 267 35.37 -8.25 -0.13
C PRO C 267 35.37 -8.59 -1.61
N THR C 268 35.52 -9.86 -1.97
CA THR C 268 35.55 -10.26 -3.36
C THR C 268 34.82 -11.58 -3.56
N ALA C 269 34.29 -11.77 -4.76
CA ALA C 269 33.76 -13.06 -5.15
C ALA C 269 33.82 -13.18 -6.66
N THR C 270 34.10 -14.38 -7.14
CA THR C 270 34.22 -14.65 -8.56
C THR C 270 33.21 -15.72 -8.97
N VAL C 271 32.63 -15.53 -10.15
CA VAL C 271 31.77 -16.51 -10.80
C VAL C 271 32.49 -17.03 -12.03
N THR C 272 32.58 -18.34 -12.14
CA THR C 272 33.42 -18.98 -13.16
C THR C 272 32.57 -19.42 -14.33
N GLU C 273 33.23 -19.65 -15.46
CA GLU C 273 32.61 -20.24 -16.64
C GLU C 273 31.36 -19.45 -17.04
N VAL C 274 31.53 -18.12 -17.08
CA VAL C 274 30.46 -17.21 -17.47
C VAL C 274 30.57 -17.02 -18.98
N HIS C 275 29.64 -17.62 -19.73
CA HIS C 275 29.70 -17.55 -21.17
C HIS C 275 28.56 -16.76 -21.79
N ALA C 276 27.42 -16.69 -21.11
CA ALA C 276 26.24 -16.02 -21.66
C ALA C 276 25.33 -15.66 -20.48
N ALA C 277 25.52 -14.47 -19.94
CA ALA C 277 24.80 -14.07 -18.74
C ALA C 277 23.83 -12.93 -19.07
N THR C 278 22.64 -12.99 -18.45
CA THR C 278 21.66 -11.95 -18.67
C THR C 278 21.66 -10.89 -17.59
N SER C 279 22.20 -11.20 -16.41
CA SER C 279 22.27 -10.22 -15.36
C SER C 279 23.26 -10.70 -14.30
N LEU C 280 23.65 -9.76 -13.44
CA LEU C 280 24.54 -10.02 -12.32
C LEU C 280 24.10 -9.15 -11.15
N SER C 281 24.00 -9.73 -9.95
CA SER C 281 23.57 -9.01 -8.75
C SER C 281 24.59 -9.16 -7.63
N VAL C 282 24.78 -8.07 -6.90
CA VAL C 282 25.71 -8.05 -5.77
C VAL C 282 24.97 -7.53 -4.54
N TYR C 283 25.02 -8.28 -3.45
CA TYR C 283 24.59 -7.77 -2.16
C TYR C 283 25.46 -8.37 -1.06
N THR C 284 25.07 -8.13 0.17
CA THR C 284 25.81 -8.44 1.38
C THR C 284 24.93 -9.19 2.35
N LYS C 285 25.48 -10.21 3.01
CA LYS C 285 24.70 -10.76 4.10
C LYS C 285 25.50 -10.66 5.38
N PRO C 286 24.86 -10.60 6.53
CA PRO C 286 25.59 -10.71 7.78
C PRO C 286 25.89 -12.16 8.10
N TYR C 287 27.01 -12.37 8.78
CA TYR C 287 27.35 -13.67 9.35
C TYR C 287 27.33 -13.55 10.86
N TYR C 288 26.54 -14.41 11.51
CA TYR C 288 26.32 -14.30 12.94
C TYR C 288 26.92 -15.49 13.69
N GLY C 289 27.93 -16.14 13.13
CA GLY C 289 28.53 -17.29 13.79
C GLY C 289 29.34 -16.95 15.03
N ASN C 290 29.94 -15.77 15.06
CA ASN C 290 30.67 -15.30 16.24
C ASN C 290 29.73 -14.88 17.36
N THR C 291 28.61 -15.58 17.51
CA THR C 291 27.43 -14.99 18.13
C THR C 291 26.45 -16.09 18.55
N ASP C 292 25.71 -15.87 19.65
CA ASP C 292 24.68 -16.82 20.04
C ASP C 292 23.37 -16.61 19.30
N ASN C 293 23.33 -15.63 18.39
CA ASN C 293 22.20 -15.29 17.55
C ASN C 293 21.07 -14.65 18.32
N LYS C 294 21.36 -14.14 19.51
CA LYS C 294 20.36 -13.57 20.39
C LYS C 294 20.35 -12.05 20.21
N PHE C 295 19.16 -11.46 20.26
CA PHE C 295 18.98 -10.03 20.16
C PHE C 295 18.08 -9.55 21.29
N ILE C 296 18.21 -8.27 21.62
CA ILE C 296 17.48 -7.71 22.76
C ILE C 296 15.98 -7.65 22.47
N SER C 297 15.60 -7.28 21.25
CA SER C 297 14.22 -6.98 20.94
C SER C 297 13.89 -7.47 19.53
N TYR C 298 12.59 -7.64 19.29
CA TYR C 298 12.07 -7.98 17.97
C TYR C 298 10.64 -7.49 17.92
N PRO C 299 10.21 -6.87 16.82
CA PRO C 299 8.91 -6.19 16.81
C PRO C 299 7.70 -7.09 16.56
N GLY C 300 7.87 -8.25 15.94
CA GLY C 300 6.77 -9.17 15.73
C GLY C 300 6.21 -9.13 14.32
N TYR C 301 4.88 -9.12 14.19
CA TYR C 301 4.29 -9.00 12.86
C TYR C 301 4.56 -7.62 12.26
N SER C 302 4.48 -6.56 13.09
CA SER C 302 4.72 -5.20 12.62
C SER C 302 6.19 -5.04 12.27
N GLN C 303 6.48 -4.73 11.00
CA GLN C 303 7.82 -4.88 10.45
C GLN C 303 8.42 -3.59 9.91
N ASP C 304 7.78 -2.44 10.15
CA ASP C 304 8.35 -1.18 9.73
C ASP C 304 9.58 -0.82 10.55
N GLU C 305 10.48 -0.05 9.94
CA GLU C 305 11.66 0.43 10.66
C GLU C 305 11.27 0.99 12.02
N LYS C 306 10.23 1.82 12.06
CA LYS C 306 9.80 2.40 13.32
C LYS C 306 9.28 1.34 14.29
N ASP C 307 8.75 0.23 13.78
CA ASP C 307 8.31 -0.81 14.71
C ASP C 307 9.50 -1.47 15.38
N TYR C 308 10.57 -1.74 14.62
CA TYR C 308 11.79 -2.30 15.19
C TYR C 308 12.35 -1.38 16.27
N ILE C 309 12.36 -0.07 15.98
CA ILE C 309 12.93 0.89 16.91
C ILE C 309 12.11 0.96 18.19
N ASP C 310 10.79 1.05 18.07
CA ASP C 310 9.93 1.17 19.25
C ASP C 310 9.96 -0.09 20.10
N ALA C 311 10.08 -1.26 19.46
CA ALA C 311 10.16 -2.50 20.22
C ALA C 311 11.41 -2.49 21.08
N TYR C 312 12.50 -1.99 20.52
CA TYR C 312 13.75 -1.84 21.24
C TYR C 312 13.60 -0.88 22.42
N VAL C 313 13.12 0.34 22.14
CA VAL C 313 12.99 1.35 23.19
C VAL C 313 12.16 0.82 24.35
N SER C 314 11.08 0.11 24.03
CA SER C 314 10.25 -0.46 25.07
C SER C 314 11.03 -1.42 25.95
N ARG C 315 11.94 -2.19 25.36
CA ARG C 315 12.70 -3.16 26.13
C ARG C 315 13.75 -2.48 26.99
N LEU C 316 14.36 -1.41 26.49
CA LEU C 316 15.34 -0.71 27.33
C LEU C 316 14.66 0.08 28.45
N LEU C 317 13.42 0.53 28.22
CA LEU C 317 12.82 1.49 29.14
C LEU C 317 12.61 0.88 30.52
N ASP C 318 12.43 -0.43 30.60
CA ASP C 318 12.18 -1.05 31.90
C ASP C 318 13.42 -0.99 32.80
N ASP C 319 14.59 -0.98 32.20
CA ASP C 319 15.82 -0.80 32.94
C ASP C 319 16.35 0.62 32.88
N LEU C 320 15.90 1.44 31.91
CA LEU C 320 16.50 2.75 31.69
C LEU C 320 16.09 3.79 32.74
N VAL C 321 14.79 3.93 33.02
CA VAL C 321 14.33 4.79 34.10
C VAL C 321 13.70 3.88 35.14
N ILE C 322 14.03 4.11 36.41
CA ILE C 322 13.57 3.22 37.48
C ILE C 322 13.07 4.05 38.64
N VAL C 323 11.86 3.75 39.09
CA VAL C 323 11.30 4.37 40.28
C VAL C 323 11.54 3.41 41.42
N SER C 324 12.36 3.83 42.39
CA SER C 324 12.79 2.92 43.43
C SER C 324 12.83 3.65 44.76
N ASP C 325 12.65 2.87 45.82
CA ASP C 325 12.90 3.25 47.20
C ASP C 325 14.37 2.92 47.49
N GLY C 326 15.21 3.97 47.46
CA GLY C 326 16.63 3.80 47.60
C GLY C 326 17.27 3.32 46.31
N PRO C 327 18.58 3.39 46.22
CA PRO C 327 19.28 3.02 44.98
C PRO C 327 18.85 1.65 44.49
N PRO C 328 18.57 1.54 43.19
CA PRO C 328 17.97 0.30 42.68
C PRO C 328 18.90 -0.90 42.83
N THR C 329 18.31 -2.05 43.14
CA THR C 329 19.04 -3.29 43.26
C THR C 329 18.83 -4.16 42.03
N GLY C 330 19.57 -5.27 41.99
CA GLY C 330 19.37 -6.22 40.92
C GLY C 330 20.11 -5.90 39.65
N TYR C 331 21.02 -4.96 39.71
CA TYR C 331 21.73 -4.61 38.52
C TYR C 331 23.20 -4.99 38.64
N PRO C 332 23.89 -5.21 37.53
CA PRO C 332 25.33 -5.46 37.60
C PRO C 332 26.05 -4.32 38.29
N GLU C 333 27.23 -4.65 38.81
CA GLU C 333 27.98 -3.69 39.62
C GLU C 333 28.55 -2.57 38.75
N SER C 334 28.95 -2.88 37.51
CA SER C 334 29.37 -1.88 36.54
C SER C 334 28.27 -0.90 36.14
N ALA C 335 27.05 -1.06 36.65
CA ALA C 335 25.97 -0.15 36.29
C ALA C 335 26.13 1.18 37.01
N GLU C 336 25.88 2.27 36.30
CA GLU C 336 25.99 3.59 36.89
C GLU C 336 24.59 4.20 36.90
N ILE C 337 23.79 3.77 37.86
CA ILE C 337 22.42 4.23 38.01
C ILE C 337 22.42 5.40 39.00
N VAL C 338 22.00 6.57 38.54
CA VAL C 338 22.10 7.78 39.32
C VAL C 338 20.70 8.34 39.53
N GLU C 339 20.52 9.04 40.66
CA GLU C 339 19.25 9.68 40.98
C GLU C 339 19.06 10.95 40.15
N VAL C 340 17.89 11.11 39.57
CA VAL C 340 17.66 12.31 38.74
C VAL C 340 17.53 13.53 39.64
N PRO C 341 18.26 14.60 39.38
CA PRO C 341 18.18 15.79 40.23
C PRO C 341 16.81 16.46 40.12
N GLU C 342 16.58 17.41 41.03
CA GLU C 342 15.32 18.15 41.02
C GLU C 342 15.07 18.80 39.66
N ASP C 343 16.11 19.41 39.07
CA ASP C 343 16.04 20.02 37.74
CA ASP C 343 15.95 20.05 37.77
C ASP C 343 15.51 19.06 36.69
N GLY C 344 15.58 17.74 36.94
CA GLY C 344 15.17 16.74 35.99
C GLY C 344 16.20 16.32 34.96
N ILE C 345 17.33 17.02 34.85
CA ILE C 345 18.33 16.74 33.83
C ILE C 345 19.51 15.99 34.46
N VAL C 346 19.80 14.82 33.93
CA VAL C 346 20.98 14.05 34.25
C VAL C 346 21.96 14.24 33.11
N SER C 347 23.23 14.45 33.46
CA SER C 347 24.26 14.73 32.48
C SER C 347 25.18 13.52 32.39
N ILE C 348 25.21 12.89 31.22
CA ILE C 348 26.15 11.83 30.89
C ILE C 348 27.13 12.46 29.91
N GLN C 349 28.27 12.92 30.42
CA GLN C 349 29.23 13.68 29.60
C GLN C 349 28.48 14.87 29.00
N ASP C 350 28.61 15.14 27.71
CA ASP C 350 27.90 16.24 27.08
C ASP C 350 26.50 15.84 26.60
N ALA C 351 25.95 14.74 27.11
CA ALA C 351 24.60 14.30 26.76
C ALA C 351 23.68 14.57 27.95
N ASP C 352 22.56 15.24 27.68
CA ASP C 352 21.61 15.60 28.72
C ASP C 352 20.33 14.78 28.53
N VAL C 353 19.92 14.11 29.60
CA VAL C 353 18.69 13.33 29.59
C VAL C 353 17.71 13.99 30.54
N TYR C 354 16.59 14.47 30.00
CA TYR C 354 15.50 15.03 30.80
C TYR C 354 14.56 13.90 31.17
N VAL C 355 14.25 13.78 32.46
CA VAL C 355 13.46 12.65 32.98
C VAL C 355 12.52 13.21 34.04
N LYS C 356 11.21 13.15 33.76
CA LYS C 356 10.19 13.56 34.72
C LYS C 356 9.12 12.48 34.76
N ILE C 357 9.00 11.80 35.88
CA ILE C 357 7.91 10.87 36.13
C ILE C 357 6.91 11.52 37.06
N ASP C 358 5.63 11.42 36.73
CA ASP C 358 4.58 11.98 37.55
C ASP C 358 4.15 11.00 38.63
N ASN C 359 3.67 11.56 39.75
CA ASN C 359 2.99 10.83 40.82
C ASN C 359 3.91 9.75 41.40
N VAL C 360 5.04 10.18 41.94
CA VAL C 360 6.03 9.28 42.50
C VAL C 360 5.84 9.27 44.01
N PRO C 361 5.72 8.11 44.64
CA PRO C 361 5.61 8.03 46.11
C PRO C 361 6.67 8.87 46.80
N ASP C 362 6.29 9.39 47.97
CA ASP C 362 7.19 10.25 48.72
C ASP C 362 8.45 9.52 49.15
N ASN C 363 8.37 8.21 49.34
CA ASN C 363 9.52 7.43 49.81
C ASN C 363 10.36 6.83 48.66
N MET C 364 10.00 7.08 47.41
CA MET C 364 10.84 6.66 46.30
C MET C 364 11.31 7.85 45.48
N SER C 365 12.40 7.64 44.74
CA SER C 365 12.95 8.64 43.83
C SER C 365 13.02 8.05 42.42
N VAL C 366 13.44 8.90 41.48
CA VAL C 366 13.58 8.53 40.08
C VAL C 366 15.06 8.39 39.75
N TYR C 367 15.43 7.28 39.13
CA TYR C 367 16.80 7.03 38.72
C TYR C 367 16.91 6.83 37.21
N LEU C 368 18.07 7.20 36.65
CA LEU C 368 18.40 6.97 35.25
C LEU C 368 19.60 6.02 35.14
N HIS C 369 19.50 5.01 34.29
CA HIS C 369 20.60 4.05 34.12
C HIS C 369 21.55 4.61 33.07
N THR C 370 22.68 5.15 33.50
CA THR C 370 23.45 5.96 32.57
C THR C 370 24.38 5.15 31.67
N ASN C 371 24.40 3.82 31.77
CA ASN C 371 25.26 3.04 30.90
C ASN C 371 24.67 1.66 30.67
N LEU C 372 23.37 1.62 30.35
CA LEU C 372 22.64 0.37 30.15
C LEU C 372 23.36 -0.56 29.17
N LEU C 373 23.82 -0.01 28.05
CA LEU C 373 24.70 -0.70 27.10
C LEU C 373 25.82 0.26 26.71
N MET C 374 27.06 -0.24 26.78
CA MET C 374 28.21 0.60 26.52
C MET C 374 29.33 -0.24 25.90
N PHE C 375 30.11 0.40 25.04
CA PHE C 375 31.10 -0.32 24.25
C PHE C 375 32.27 0.60 23.96
N GLY C 376 33.47 0.12 24.28
CA GLY C 376 34.70 0.85 24.00
C GLY C 376 35.84 -0.11 23.83
N THR C 377 36.75 0.20 22.92
CA THR C 377 37.87 -0.67 22.63
C THR C 377 39.11 -0.36 23.48
N ARG C 378 39.22 0.85 24.01
CA ARG C 378 40.30 1.25 24.90
C ARG C 378 39.71 2.00 26.09
N LYS C 379 40.54 2.23 27.11
CA LYS C 379 40.08 3.01 28.25
C LYS C 379 40.07 4.50 27.98
N ASN C 380 40.79 4.96 26.95
CA ASN C 380 40.82 6.37 26.60
C ASN C 380 40.24 6.61 25.21
N SER C 381 39.17 5.90 24.87
CA SER C 381 38.55 5.93 23.54
C SER C 381 37.16 6.56 23.58
N PHE C 382 36.57 6.67 22.40
CA PHE C 382 35.16 7.01 22.28
C PHE C 382 34.31 5.82 22.74
N ILE C 383 33.28 6.11 23.54
CA ILE C 383 32.37 5.10 24.08
C ILE C 383 31.00 5.21 23.41
N TYR C 384 30.47 4.09 22.95
CA TYR C 384 29.11 4.02 22.42
C TYR C 384 28.19 3.60 23.55
N ASN C 385 27.35 4.53 24.01
CA ASN C 385 26.54 4.39 25.22
C ASN C 385 25.08 4.60 24.83
N ILE C 386 24.28 3.54 24.93
CA ILE C 386 22.92 3.63 24.42
C ILE C 386 22.10 4.62 25.24
N SER C 387 22.43 4.81 26.52
CA SER C 387 21.70 5.77 27.33
C SER C 387 21.85 7.17 26.79
N LYS C 388 22.96 7.47 26.13
CA LYS C 388 23.17 8.80 25.58
C LYS C 388 22.34 9.06 24.34
N LYS C 389 21.66 8.04 23.81
CA LYS C 389 20.77 8.22 22.68
C LYS C 389 19.34 8.55 23.13
N PHE C 390 19.15 8.90 24.40
CA PHE C 390 17.89 9.36 24.94
C PHE C 390 18.02 10.81 25.40
N SER C 391 17.12 11.68 24.95
CA SER C 391 17.16 13.05 25.44
C SER C 391 16.03 13.39 26.39
N ALA C 392 14.87 12.75 26.28
CA ALA C 392 13.74 13.08 27.16
C ALA C 392 12.89 11.85 27.44
N ILE C 393 12.48 11.69 28.70
CA ILE C 393 11.65 10.56 29.14
C ILE C 393 10.62 11.06 30.15
N THR C 394 9.34 11.03 29.77
CA THR C 394 8.25 11.38 30.66
C THR C 394 7.31 10.20 30.82
N GLY C 395 6.59 10.19 31.93
CA GLY C 395 5.66 9.13 32.23
C GLY C 395 5.00 9.38 33.57
N THR C 396 4.25 8.38 34.04
CA THR C 396 3.51 8.47 35.29
C THR C 396 3.61 7.15 36.02
N TYR C 397 3.95 7.20 37.30
CA TYR C 397 3.93 6.00 38.12
C TYR C 397 2.50 5.63 38.51
N SER C 398 2.21 4.34 38.47
CA SER C 398 0.89 3.81 38.77
C SER C 398 0.92 3.18 40.16
N ASP C 399 0.13 3.75 41.08
CA ASP C 399 0.02 3.16 42.41
C ASP C 399 -0.64 1.79 42.34
N ALA C 400 -1.62 1.63 41.45
CA ALA C 400 -2.40 0.41 41.37
C ALA C 400 -1.58 -0.78 40.89
N THR C 401 -0.72 -0.57 39.89
CA THR C 401 0.11 -1.63 39.35
C THR C 401 1.56 -1.51 39.77
N LYS C 402 1.92 -0.46 40.49
CA LYS C 402 3.28 -0.33 41.01
C LYS C 402 4.31 -0.46 39.88
N ARG C 403 4.02 0.17 38.75
CA ARG C 403 4.97 0.23 37.64
C ARG C 403 4.83 1.58 36.96
N THR C 404 5.88 1.97 36.23
CA THR C 404 5.92 3.25 35.57
C THR C 404 5.34 3.10 34.16
N ILE C 405 4.50 4.05 33.78
CA ILE C 405 3.81 4.01 32.51
C ILE C 405 4.36 5.18 31.70
N PHE C 406 5.17 4.88 30.69
CA PHE C 406 5.84 5.94 29.95
C PHE C 406 4.88 6.57 28.96
N ALA C 407 5.01 7.87 28.80
CA ALA C 407 4.15 8.67 27.96
C ALA C 407 4.82 9.09 26.65
N HIS C 408 6.00 9.70 26.75
CA HIS C 408 6.68 10.24 25.59
C HIS C 408 8.18 10.06 25.77
N ILE C 409 8.87 9.74 24.67
CA ILE C 409 10.30 9.50 24.67
C ILE C 409 10.90 10.27 23.52
N SER C 410 11.82 11.18 23.82
CA SER C 410 12.70 11.76 22.82
C SER C 410 14.00 10.97 22.80
N HIS C 411 14.34 10.39 21.64
CA HIS C 411 15.53 9.55 21.54
C HIS C 411 16.03 9.59 20.10
N SER C 412 17.19 8.97 19.89
CA SER C 412 17.75 8.87 18.54
C SER C 412 18.11 7.44 18.14
N ILE C 413 17.51 6.44 18.80
CA ILE C 413 17.72 5.03 18.44
C ILE C 413 17.47 4.83 16.95
N ASN C 414 18.29 3.98 16.33
CA ASN C 414 18.16 3.71 14.90
C ASN C 414 18.03 2.21 14.67
N ILE C 415 17.85 1.85 13.39
CA ILE C 415 17.60 0.46 13.05
C ILE C 415 18.82 -0.41 13.34
N ILE C 416 20.03 0.16 13.23
CA ILE C 416 21.24 -0.59 13.55
C ILE C 416 21.24 -1.01 15.01
N ASP C 417 20.95 -0.05 15.91
CA ASP C 417 20.94 -0.37 17.34
C ASP C 417 20.13 -1.63 17.62
N THR C 418 18.96 -1.75 16.99
CA THR C 418 18.11 -2.89 17.22
C THR C 418 18.61 -4.16 16.55
N SER C 419 19.59 -4.05 15.66
CA SER C 419 20.14 -5.19 14.95
C SER C 419 21.49 -5.61 15.50
N ILE C 420 21.88 -5.10 16.66
CA ILE C 420 23.15 -5.48 17.28
C ILE C 420 22.97 -6.77 18.05
N PRO C 421 23.69 -7.84 17.69
CA PRO C 421 23.66 -9.05 18.53
C PRO C 421 24.15 -8.74 19.94
N VAL C 422 23.54 -9.39 20.93
CA VAL C 422 23.95 -9.16 22.31
C VAL C 422 25.43 -9.49 22.48
N SER C 423 25.89 -10.56 21.81
CA SER C 423 27.29 -10.96 21.88
C SER C 423 28.22 -9.77 21.62
N LEU C 424 27.99 -9.05 20.53
CA LEU C 424 28.84 -7.92 20.18
C LEU C 424 28.89 -6.89 21.29
N TRP C 425 27.84 -6.73 22.06
CA TRP C 425 27.90 -5.81 23.20
C TRP C 425 28.85 -6.32 24.27
N THR C 426 29.06 -7.63 24.35
CA THR C 426 29.86 -8.21 25.41
C THR C 426 31.09 -8.93 24.85
N SER C 427 31.51 -8.56 23.65
CA SER C 427 32.62 -9.20 22.96
C SER C 427 33.94 -8.90 23.67
N GLN C 428 34.97 -9.71 23.34
CA GLN C 428 36.27 -9.54 24.00
C GLN C 428 36.86 -8.17 23.72
N ARG C 429 36.55 -7.59 22.54
CA ARG C 429 37.01 -6.27 22.16
C ARG C 429 36.56 -5.19 23.13
N ASN C 430 35.51 -5.44 23.90
CA ASN C 430 34.92 -4.43 24.75
C ASN C 430 35.59 -4.45 26.13
N VAL C 431 36.41 -3.43 26.40
CA VAL C 431 37.04 -3.26 27.70
C VAL C 431 36.03 -2.96 28.79
N TYR C 432 34.76 -2.79 28.44
CA TYR C 432 33.73 -2.60 29.43
C TYR C 432 32.96 -3.89 29.60
N ASN C 433 32.12 -3.90 30.63
CA ASN C 433 31.22 -5.02 30.84
C ASN C 433 30.25 -5.15 29.68
N GLY C 434 29.67 -4.03 29.25
CA GLY C 434 28.93 -4.02 28.01
C GLY C 434 27.44 -4.01 28.21
N ASP C 435 26.93 -5.03 28.89
CA ASP C 435 25.52 -5.28 29.03
C ASP C 435 25.15 -5.15 30.51
N ASN C 436 24.73 -3.95 30.90
CA ASN C 436 24.44 -3.64 32.29
C ASN C 436 22.94 -3.67 32.59
N ARG C 437 22.16 -4.40 31.79
CA ARG C 437 20.73 -4.58 31.99
C ARG C 437 20.48 -5.56 33.14
N SER C 438 19.23 -5.57 33.59
CA SER C 438 18.76 -6.48 34.62
C SER C 438 18.75 -7.93 34.12
N ALA C 439 18.72 -8.88 35.06
CA ALA C 439 18.65 -10.28 34.65
C ALA C 439 17.28 -10.61 34.09
N GLU C 440 16.24 -9.99 34.65
CA GLU C 440 14.91 -10.08 34.10
C GLU C 440 14.90 -9.64 32.63
N SER C 441 15.59 -8.56 32.30
CA SER C 441 15.61 -8.09 30.92
C SER C 441 16.32 -9.08 30.00
N LYS C 442 17.46 -9.59 30.43
CA LYS C 442 18.25 -10.49 29.58
C LYS C 442 17.56 -11.81 29.38
N ALA C 443 16.67 -12.19 30.29
CA ALA C 443 15.90 -13.42 30.12
C ALA C 443 15.01 -13.34 28.90
N LYS C 444 14.62 -12.14 28.50
CA LYS C 444 13.66 -11.91 27.43
C LYS C 444 14.30 -11.80 26.06
N ASP C 445 15.62 -11.94 25.96
CA ASP C 445 16.29 -11.82 24.68
C ASP C 445 15.88 -13.00 23.80
N LEU C 446 15.86 -12.76 22.49
CA LEU C 446 15.28 -13.70 21.54
C LEU C 446 16.35 -14.16 20.56
N PHE C 447 16.41 -15.48 20.35
CA PHE C 447 17.18 -16.07 19.27
C PHE C 447 16.53 -15.74 17.93
N ILE C 448 17.34 -15.30 16.97
CA ILE C 448 16.88 -15.05 15.60
C ILE C 448 17.92 -15.62 14.65
N ASN C 449 17.46 -16.47 13.71
CA ASN C 449 18.33 -17.16 12.78
C ASN C 449 17.80 -17.09 11.36
N ASP C 450 17.01 -16.06 11.06
CA ASP C 450 16.41 -15.89 9.75
C ASP C 450 17.49 -16.02 8.67
N PRO C 451 17.33 -16.92 7.71
CA PRO C 451 18.41 -17.16 6.74
C PRO C 451 18.55 -16.08 5.66
N PHE C 452 17.60 -15.15 5.52
CA PHE C 452 17.55 -14.25 4.37
C PHE C 452 17.84 -12.79 4.74
N ILE C 453 18.47 -12.55 5.89
CA ILE C 453 18.83 -11.19 6.26
C ILE C 453 19.91 -10.70 5.30
N LYS C 454 19.88 -9.42 4.98
CA LYS C 454 20.88 -8.82 4.12
C LYS C 454 21.42 -7.59 4.83
N GLY C 455 22.59 -7.13 4.39
CA GLY C 455 23.17 -5.94 5.00
C GLY C 455 23.62 -6.20 6.42
N ILE C 456 23.34 -5.26 7.30
CA ILE C 456 23.84 -5.36 8.67
C ILE C 456 22.75 -4.92 9.63
N ASP C 457 21.56 -4.62 9.11
CA ASP C 457 20.41 -4.31 9.95
C ASP C 457 19.17 -5.03 9.43
N PHE C 458 18.16 -5.15 10.30
CA PHE C 458 16.98 -5.97 10.02
C PHE C 458 16.07 -5.41 8.92
N LYS C 459 16.34 -4.23 8.38
CA LYS C 459 15.59 -3.75 7.23
C LYS C 459 16.46 -3.62 6.00
N ASN C 460 17.71 -4.10 6.05
CA ASN C 460 18.65 -3.92 4.95
C ASN C 460 18.72 -2.44 4.55
N LYS C 461 18.54 -1.55 5.52
CA LYS C 461 18.47 -0.13 5.23
C LYS C 461 19.86 0.46 4.97
N THR C 462 20.79 0.24 5.90
CA THR C 462 22.13 0.75 5.72
C THR C 462 22.81 0.12 4.52
N ASP C 463 23.39 0.94 3.66
CA ASP C 463 24.26 0.46 2.61
C ASP C 463 25.69 0.49 3.13
N ILE C 464 26.37 -0.64 3.05
CA ILE C 464 27.73 -0.73 3.54
C ILE C 464 28.73 -0.93 2.42
N ILE C 465 28.28 -0.93 1.17
CA ILE C 465 29.18 -1.00 0.02
C ILE C 465 29.46 0.42 -0.43
N SER C 466 30.70 0.85 -0.25
CA SER C 466 31.08 2.21 -0.62
C SER C 466 31.41 2.32 -2.11
N ARG C 467 32.08 1.30 -2.66
CA ARG C 467 32.50 1.30 -4.05
C ARG C 467 32.33 -0.13 -4.53
N LEU C 468 32.05 -0.27 -5.83
CA LEU C 468 31.80 -1.57 -6.44
C LEU C 468 32.51 -1.64 -7.80
N GLU C 469 33.22 -2.74 -8.04
CA GLU C 469 33.97 -2.95 -9.28
C GLU C 469 33.66 -4.33 -9.83
N VAL C 470 33.28 -4.42 -11.10
CA VAL C 470 32.98 -5.70 -11.73
C VAL C 470 33.90 -5.90 -12.94
N ARG C 471 34.59 -7.04 -12.97
CA ARG C 471 35.58 -7.33 -14.00
C ARG C 471 35.16 -8.57 -14.78
N PHE C 472 35.09 -8.43 -16.11
CA PHE C 472 34.95 -9.55 -17.04
C PHE C 472 36.37 -9.93 -17.47
N GLY C 473 36.80 -11.13 -17.09
CA GLY C 473 38.24 -11.41 -17.14
C GLY C 473 38.97 -10.43 -16.25
N ASN C 474 39.98 -9.75 -16.81
CA ASN C 474 40.75 -8.77 -16.05
C ASN C 474 40.29 -7.34 -16.29
N ASP C 475 39.51 -7.09 -17.34
CA ASP C 475 39.09 -5.73 -17.64
C ASP C 475 37.84 -5.36 -16.84
N VAL C 476 37.79 -4.10 -16.42
CA VAL C 476 36.66 -3.60 -15.66
C VAL C 476 35.46 -3.55 -16.59
N LEU C 477 34.39 -4.28 -16.24
CA LEU C 477 33.15 -4.20 -16.99
C LEU C 477 32.27 -3.07 -16.49
N TYR C 478 32.38 -2.73 -15.22
CA TYR C 478 31.53 -1.73 -14.61
C TYR C 478 32.10 -1.35 -13.24
N SER C 479 32.03 -0.07 -12.90
CA SER C 479 32.31 0.34 -11.54
C SER C 479 31.45 1.54 -11.18
N GLU C 480 31.28 1.75 -9.88
CA GLU C 480 30.43 2.83 -9.43
C GLU C 480 30.83 3.22 -8.02
N ASN C 481 30.73 4.53 -7.74
CA ASN C 481 31.00 5.11 -6.43
C ASN C 481 29.74 5.30 -5.60
N GLY C 482 28.57 5.13 -6.22
CA GLY C 482 27.31 5.22 -5.54
C GLY C 482 26.41 4.12 -6.05
N PRO C 483 25.27 3.95 -5.40
CA PRO C 483 24.46 2.74 -5.63
C PRO C 483 23.57 2.84 -6.86
N ILE C 484 24.10 3.43 -7.94
CA ILE C 484 23.31 3.74 -9.13
C ILE C 484 22.75 2.47 -9.74
N SER C 485 23.53 1.38 -9.73
CA SER C 485 22.99 0.12 -10.24
C SER C 485 21.77 -0.32 -9.45
N ARG C 486 21.79 -0.13 -8.12
CA ARG C 486 20.63 -0.49 -7.30
C ARG C 486 19.48 0.48 -7.53
N ILE C 487 19.77 1.77 -7.63
CA ILE C 487 18.72 2.71 -7.98
C ILE C 487 18.02 2.26 -9.25
N TYR C 488 18.78 1.79 -10.25
CA TYR C 488 18.14 1.35 -11.50
C TYR C 488 17.32 0.09 -11.27
N ASN C 489 17.89 -0.88 -10.53
CA ASN C 489 17.19 -2.12 -10.22
C ASN C 489 15.84 -1.83 -9.60
N GLU C 490 15.81 -0.94 -8.60
CA GLU C 490 14.55 -0.56 -7.96
C GLU C 490 13.63 0.14 -8.96
N LEU C 491 14.17 1.08 -9.72
CA LEU C 491 13.38 1.77 -10.75
C LEU C 491 12.84 0.78 -11.79
N LEU C 492 13.71 0.00 -12.40
CA LEU C 492 13.29 -0.83 -13.52
C LEU C 492 12.35 -1.96 -13.09
N THR C 493 12.43 -2.40 -11.84
CA THR C 493 11.58 -3.50 -11.39
C THR C 493 10.44 -3.03 -10.49
N LYS C 494 10.36 -1.73 -10.20
CA LYS C 494 9.32 -1.20 -9.31
C LYS C 494 9.38 -1.94 -7.97
N SER C 495 10.46 -1.68 -7.25
CA SER C 495 10.81 -2.42 -6.04
C SER C 495 11.57 -1.50 -5.10
N ASN C 496 11.30 -1.61 -3.81
CA ASN C 496 12.04 -0.86 -2.81
C ASN C 496 13.09 -1.71 -2.13
N ASN C 497 13.15 -2.99 -2.46
CA ASN C 497 14.21 -3.88 -2.00
C ASN C 497 14.92 -4.43 -3.22
N GLY C 498 15.68 -3.56 -3.87
CA GLY C 498 16.52 -3.95 -4.98
C GLY C 498 17.93 -4.26 -4.52
N THR C 499 18.75 -4.62 -5.50
CA THR C 499 20.15 -4.95 -5.26
C THR C 499 20.98 -4.29 -6.35
N ARG C 500 22.27 -4.14 -6.08
CA ARG C 500 23.16 -3.64 -7.12
C ARG C 500 23.17 -4.66 -8.26
N THR C 501 22.55 -4.33 -9.38
CA THR C 501 22.30 -5.30 -10.44
C THR C 501 22.72 -4.76 -11.78
N LEU C 502 23.52 -5.54 -12.49
CA LEU C 502 23.88 -5.26 -13.88
C LEU C 502 22.95 -6.08 -14.75
N THR C 503 22.06 -5.41 -15.47
CA THR C 503 21.14 -6.09 -16.37
C THR C 503 21.69 -6.00 -17.79
N PHE C 504 21.89 -7.17 -18.41
CA PHE C 504 22.35 -7.16 -19.79
C PHE C 504 21.21 -7.30 -20.77
N ASN C 505 20.12 -7.92 -20.38
CA ASN C 505 19.03 -8.25 -21.27
C ASN C 505 17.91 -7.21 -21.07
N PHE C 506 17.69 -6.38 -22.09
CA PHE C 506 16.62 -5.38 -22.08
C PHE C 506 15.58 -5.65 -23.15
N THR C 507 15.60 -6.83 -23.73
CA THR C 507 14.81 -7.51 -24.73
C THR C 507 13.66 -8.26 -24.06
N PRO C 508 12.45 -8.15 -24.61
CA PRO C 508 11.29 -8.84 -24.02
C PRO C 508 11.57 -10.33 -23.84
N LYS C 509 11.07 -10.90 -22.75
CA LYS C 509 11.38 -12.31 -22.49
C LYS C 509 10.48 -13.20 -23.33
N ILE C 510 10.84 -14.49 -23.38
CA ILE C 510 10.04 -15.52 -24.06
C ILE C 510 10.00 -15.32 -25.58
N PHE C 511 9.58 -14.14 -26.04
CA PHE C 511 9.37 -13.91 -27.45
C PHE C 511 10.64 -13.58 -28.24
N PHE C 512 11.74 -13.30 -27.56
CA PHE C 512 13.05 -13.14 -28.19
C PHE C 512 14.09 -13.93 -27.43
N ARG C 513 15.17 -14.29 -28.13
CA ARG C 513 16.33 -14.84 -27.47
C ARG C 513 16.94 -13.76 -26.57
N PRO C 514 17.17 -14.03 -25.28
CA PRO C 514 17.67 -12.98 -24.39
C PRO C 514 19.03 -12.45 -24.80
N THR C 515 19.22 -11.15 -24.65
CA THR C 515 20.52 -10.53 -24.85
C THR C 515 21.44 -10.88 -23.70
N THR C 516 22.66 -11.29 -23.99
CA THR C 516 23.60 -11.71 -22.95
C THR C 516 24.95 -11.04 -23.09
N ILE C 517 25.64 -10.87 -21.97
CA ILE C 517 27.07 -10.65 -22.01
C ILE C 517 27.74 -11.95 -22.39
N THR C 518 28.66 -11.87 -23.34
CA THR C 518 29.14 -13.04 -24.07
C THR C 518 30.66 -13.17 -23.92
N ALA C 519 31.11 -14.39 -23.64
CA ALA C 519 32.50 -14.66 -23.32
C ALA C 519 33.39 -14.46 -24.56
N ASN C 520 34.71 -14.44 -24.30
CA ASN C 520 35.70 -14.65 -25.36
C ASN C 520 36.53 -15.91 -25.15
N VAL C 521 36.97 -16.18 -23.91
CA VAL C 521 37.70 -17.39 -23.50
C VAL C 521 39.16 -17.25 -23.89
N SER C 522 39.40 -16.99 -25.18
CA SER C 522 40.77 -16.81 -25.67
C SER C 522 41.42 -15.57 -25.07
N ARG C 523 40.65 -14.47 -24.89
CA ARG C 523 41.13 -13.32 -24.14
C ARG C 523 40.80 -13.41 -22.65
N GLY C 524 40.59 -14.63 -22.13
CA GLY C 524 40.36 -14.87 -20.71
C GLY C 524 39.05 -14.35 -20.15
N LYS C 525 38.08 -13.96 -20.98
CA LYS C 525 36.83 -13.37 -20.49
C LYS C 525 35.77 -14.47 -20.35
N ASP C 526 35.98 -15.33 -19.36
CA ASP C 526 35.00 -16.35 -18.99
C ASP C 526 34.70 -16.29 -17.50
N LYS C 527 34.89 -15.13 -16.89
CA LYS C 527 34.88 -14.92 -15.45
C LYS C 527 34.20 -13.60 -15.14
N LEU C 528 33.34 -13.60 -14.12
CA LEU C 528 32.83 -12.36 -13.57
C LEU C 528 33.34 -12.23 -12.15
N SER C 529 34.13 -11.17 -11.90
CA SER C 529 34.78 -10.93 -10.62
C SER C 529 34.25 -9.65 -10.01
N VAL C 530 33.76 -9.73 -8.79
CA VAL C 530 33.27 -8.58 -8.07
C VAL C 530 34.23 -8.29 -6.93
N ARG C 531 34.59 -7.02 -6.79
CA ARG C 531 35.34 -6.50 -5.63
C ARG C 531 34.57 -5.30 -5.13
N VAL C 532 34.26 -5.27 -3.84
CA VAL C 532 33.64 -4.12 -3.21
C VAL C 532 34.64 -3.51 -2.22
N VAL C 533 34.42 -2.24 -1.90
CA VAL C 533 35.06 -1.58 -0.78
C VAL C 533 33.96 -1.23 0.20
N TYR C 534 34.05 -1.76 1.42
CA TYR C 534 33.03 -1.49 2.42
C TYR C 534 33.27 -0.13 3.08
N SER C 535 32.18 0.56 3.38
CA SER C 535 32.29 1.85 4.06
C SER C 535 32.84 1.67 5.45
N THR C 536 33.64 2.64 5.90
CA THR C 536 34.36 2.55 7.15
C THR C 536 33.53 3.14 8.28
N MET C 537 33.74 2.62 9.50
CA MET C 537 33.03 3.12 10.65
C MET C 537 33.98 3.28 11.83
N ASP C 538 33.57 4.06 12.82
CA ASP C 538 34.32 4.10 14.06
C ASP C 538 34.31 2.72 14.70
N VAL C 539 35.50 2.23 15.06
CA VAL C 539 35.61 0.87 15.58
C VAL C 539 34.99 0.73 16.95
N ASN C 540 34.55 1.81 17.56
CA ASN C 540 33.91 1.72 18.87
C ASN C 540 32.40 1.56 18.79
N HIS C 541 31.85 1.42 17.61
CA HIS C 541 30.46 1.04 17.48
C HIS C 541 30.35 -0.48 17.40
N PRO C 542 29.49 -1.11 18.19
CA PRO C 542 29.40 -2.59 18.14
C PRO C 542 29.14 -3.15 16.73
N ILE C 543 28.38 -2.43 15.89
CA ILE C 543 27.99 -3.00 14.60
C ILE C 543 29.19 -3.18 13.68
N TYR C 544 30.32 -2.55 14.00
CA TYR C 544 31.53 -2.70 13.22
C TYR C 544 32.04 -4.13 13.24
N TYR C 545 31.69 -4.90 14.27
CA TYR C 545 32.13 -6.26 14.45
C TYR C 545 31.11 -7.30 13.93
N VAL C 546 30.15 -6.85 13.12
CA VAL C 546 29.27 -7.78 12.44
C VAL C 546 30.02 -8.28 11.21
N GLN C 547 30.18 -9.60 11.11
CA GLN C 547 30.90 -10.16 9.98
C GLN C 547 30.05 -10.11 8.72
N LYS C 548 30.69 -9.74 7.60
CA LYS C 548 30.01 -9.54 6.34
C LYS C 548 30.39 -10.63 5.34
N GLN C 549 29.45 -10.96 4.45
CA GLN C 549 29.69 -11.90 3.38
C GLN C 549 29.10 -11.36 2.09
N LEU C 550 29.91 -11.39 1.03
CA LEU C 550 29.50 -10.88 -0.26
C LEU C 550 28.81 -11.98 -1.07
N VAL C 551 27.71 -11.62 -1.71
CA VAL C 551 26.88 -12.56 -2.46
C VAL C 551 26.78 -12.06 -3.88
N VAL C 552 27.10 -12.94 -4.84
CA VAL C 552 27.04 -12.59 -6.26
C VAL C 552 26.18 -13.64 -6.95
N VAL C 553 25.14 -13.18 -7.62
CA VAL C 553 24.23 -14.06 -8.35
C VAL C 553 24.34 -13.74 -9.83
N CYS C 554 24.57 -14.77 -10.63
CA CYS C 554 24.71 -14.65 -12.07
C CYS C 554 23.61 -15.46 -12.73
N ASN C 555 22.94 -14.87 -13.74
CA ASN C 555 21.90 -15.57 -14.50
C ASN C 555 22.47 -16.00 -15.86
N ASP C 556 22.76 -17.30 -15.98
CA ASP C 556 23.30 -17.88 -17.19
C ASP C 556 22.18 -18.32 -18.12
N LEU C 557 22.38 -18.10 -19.42
CA LEU C 557 21.38 -18.47 -20.41
C LEU C 557 21.54 -19.95 -20.77
N TYR C 558 20.41 -20.66 -20.76
CA TYR C 558 20.35 -22.07 -21.11
C TYR C 558 19.37 -22.25 -22.27
N LYS C 559 19.60 -23.28 -23.09
CA LYS C 559 18.72 -23.63 -24.19
C LYS C 559 17.92 -24.88 -23.85
N VAL C 560 16.60 -24.80 -23.95
CA VAL C 560 15.72 -25.91 -23.64
C VAL C 560 15.33 -26.62 -24.93
N SER C 561 15.70 -27.88 -25.03
CA SER C 561 15.41 -28.77 -26.15
C SER C 561 14.62 -29.97 -25.65
N TYR C 562 13.93 -30.64 -26.58
CA TYR C 562 12.95 -31.66 -26.21
C TYR C 562 13.12 -32.94 -27.05
N ASP C 563 14.35 -33.48 -27.10
CA ASP C 563 14.59 -34.71 -27.87
C ASP C 563 14.25 -35.98 -27.08
N GLN C 564 15.23 -36.54 -26.38
CA GLN C 564 15.00 -37.71 -25.55
C GLN C 564 14.33 -37.31 -24.23
N GLY C 565 13.21 -36.58 -24.32
CA GLY C 565 12.64 -35.89 -23.16
C GLY C 565 13.12 -34.44 -23.08
N VAL C 566 12.97 -33.85 -21.89
CA VAL C 566 13.38 -32.47 -21.69
C VAL C 566 14.88 -32.42 -21.41
N SER C 567 15.52 -31.33 -21.82
CA SER C 567 16.96 -31.20 -21.63
C SER C 567 17.34 -29.72 -21.68
N ILE C 568 18.23 -29.30 -20.78
CA ILE C 568 18.78 -27.96 -20.83
C ILE C 568 20.26 -28.04 -21.13
N THR C 569 20.79 -26.97 -21.72
CA THR C 569 22.13 -26.92 -22.26
C THR C 569 22.70 -25.54 -22.03
N LYS C 570 23.90 -25.44 -21.47
CA LYS C 570 24.45 -24.13 -21.15
C LYS C 570 25.05 -23.50 -22.40
N ILE C 571 24.52 -22.34 -22.80
CA ILE C 571 25.05 -21.62 -23.94
C ILE C 571 26.51 -21.27 -23.70
N MET C 572 27.35 -21.49 -24.72
CA MET C 572 28.76 -21.06 -24.67
C MET C 572 29.11 -20.19 -25.87
C FMT D . -18.08 -17.68 19.12
O1 FMT D . -16.91 -17.81 18.65
O2 FMT D . -19.14 -17.34 18.56
C FMT E . -19.45 -4.73 5.97
O1 FMT E . -18.67 -5.30 5.23
O2 FMT E . -19.54 -3.52 5.98
C FMT F . -12.22 13.51 -24.38
O1 FMT F . -11.44 12.91 -23.67
O2 FMT F . -13.29 13.94 -23.94
C FMT G . -25.07 -10.57 3.03
O1 FMT G . -26.25 -10.42 2.69
O2 FMT G . -24.23 -9.66 3.03
C FMT H . -16.20 5.70 13.67
O1 FMT H . -17.05 5.02 13.11
O2 FMT H . -16.43 6.78 14.22
C FMT I . -7.27 0.06 24.49
O1 FMT I . -7.24 1.18 25.01
O2 FMT I . -8.22 -0.42 23.84
C FMT J . -21.12 -28.58 18.88
O1 FMT J . -21.05 -28.54 20.12
O2 FMT J . -20.50 -29.35 18.10
C FMT K . -11.43 -5.24 0.79
O1 FMT K . -12.39 -5.48 0.07
O2 FMT K . -10.29 -5.09 0.38
C FMT L . -14.34 -11.70 -22.42
O1 FMT L . -13.44 -12.47 -22.80
O2 FMT L . -14.56 -11.39 -21.24
C FMT M . -15.75 -18.43 26.99
O1 FMT M . -16.74 -17.92 27.50
O2 FMT M . -15.31 -18.07 25.90
C FMT N . -33.89 12.23 8.27
O1 FMT N . -33.25 12.62 9.25
O2 FMT N . -33.92 12.76 7.15
C FMT O . 1.50 -6.97 -23.49
O1 FMT O . 1.60 -6.15 -22.57
O2 FMT O . 0.53 -7.05 -24.24
C FMT P . -9.77 0.63 -40.06
O1 FMT P . -10.30 1.57 -40.68
O2 FMT P . -8.97 -0.17 -40.57
C FMT Q . 1.66 12.52 -3.15
O1 FMT Q . 1.82 11.51 -3.83
O2 FMT Q . 0.84 13.38 -3.45
C FMT R . 24.33 -2.06 -16.64
O1 FMT R . 24.10 -3.05 -17.32
O2 FMT R . 25.45 -1.57 -16.48
C FMT S . 3.99 21.04 0.60
O1 FMT S . 5.10 20.95 1.13
O2 FMT S . 3.62 20.35 -0.36
C FMT T . -19.61 18.21 -23.51
O1 FMT T . -20.40 19.11 -23.25
O2 FMT T . -19.29 17.28 -22.76
C FMT U . -11.72 27.50 5.84
O1 FMT U . -12.64 26.87 6.42
O2 FMT U . -11.40 28.71 5.91
C FMT V . 3.21 27.59 -5.53
O1 FMT V . 3.57 28.21 -4.52
O2 FMT V . 2.67 26.48 -5.52
C FMT W . 8.95 7.79 -28.92
O1 FMT W . 9.26 8.98 -28.81
O2 FMT W . 9.55 6.95 -29.61
C FMT X . -21.19 31.50 2.42
O1 FMT X . -21.82 32.27 3.15
O2 FMT X . -20.60 31.82 1.37
C01 QF6 Y . 3.16 -4.40 -26.19
C03 QF6 Y . 3.00 -6.26 -27.68
C04 QF6 Y . 2.83 -6.64 -29.05
C06 QF6 Y . 3.01 -6.11 -31.29
C07 QF6 Y . 2.52 -7.34 -31.69
C08 QF6 Y . 2.16 -8.27 -30.72
C10 QF6 Y . 2.32 -7.92 -29.35
C11 QF6 Y . 2.02 -8.80 -28.27
C12 QF6 Y . 2.20 -8.41 -26.98
C13 QF6 Y . 2.70 -7.15 -26.68
N05 QF6 Y . 3.18 -5.74 -30.03
N09 QF6 Y . 1.57 -9.46 -31.08
O02 QF6 Y . 3.37 -4.96 -27.49
C FMT Z . 29.09 4.73 -13.36
O1 FMT Z . 28.22 4.89 -12.50
O2 FMT Z . 30.31 4.85 -13.17
C FMT AA . 26.43 7.06 21.93
O1 FMT AA . 27.11 7.41 22.91
O2 FMT AA . 25.87 7.83 21.15
C FMT BA . -8.46 -25.86 -12.56
O1 FMT BA . -9.05 -25.46 -13.55
O2 FMT BA . -8.70 -26.95 -12.04
C FMT CA . 13.94 -10.58 10.29
O1 FMT CA . 13.95 -11.60 10.99
O2 FMT CA . 14.01 -10.64 9.07
C FMT DA . 4.94 -9.09 19.66
O1 FMT DA . 4.09 -9.49 20.45
O2 FMT DA . 5.78 -9.84 19.16
C FMT EA . -2.50 -17.05 9.85
O1 FMT EA . -1.86 -17.49 8.88
O2 FMT EA . -3.36 -16.16 9.81
C FMT FA . 10.09 13.25 39.23
O1 FMT FA . 9.58 14.26 39.72
O2 FMT FA . 10.55 13.19 38.09
C FMT GA . 30.12 6.62 29.98
O1 FMT GA . 29.51 6.56 31.07
O2 FMT GA . 29.62 6.71 28.84
C FMT HA . 26.52 1.24 15.75
O1 FMT HA . 26.69 0.39 16.63
O2 FMT HA . 25.79 2.24 15.80
C FMT IA . 0.66 -14.11 -27.62
O1 FMT IA . 0.74 -14.32 -28.84
O2 FMT IA . 0.04 -13.17 -27.08
#